data_2DI7
#
_entry.id   2DI7
#
_entity_poly.entity_id   1
_entity_poly.type   'polypeptide(L)'
_entity_poly.pdbx_seq_one_letter_code
;GSSGSSGETGGERQLSPEKSEIWGPGLKADVVLPARYFYIQAVDTSGNKFTSSPGEKVFQVKVSAPEEQFTRVGVQVLDR
KDGSFIVRYRMYASYKNLKVEIKFQGQHVAKSPYILKGSGPSSG
;
_entity_poly.pdbx_strand_id   A
#
# COMPACT_ATOMS: atom_id res chain seq x y z
N GLY A 1 -21.34 -28.28 -7.80
CA GLY A 1 -20.30 -28.78 -6.90
C GLY A 1 -19.98 -27.80 -5.79
N SER A 2 -19.38 -28.31 -4.72
CA SER A 2 -19.02 -27.47 -3.58
C SER A 2 -17.90 -28.11 -2.76
N SER A 3 -17.12 -27.29 -2.09
CA SER A 3 -16.01 -27.77 -1.27
C SER A 3 -15.72 -26.80 -0.13
N GLY A 4 -14.75 -27.17 0.72
CA GLY A 4 -14.39 -26.34 1.84
C GLY A 4 -12.90 -26.29 2.08
N SER A 5 -12.48 -25.60 3.13
CA SER A 5 -11.06 -25.48 3.47
C SER A 5 -10.86 -25.46 4.97
N SER A 6 -9.60 -25.46 5.39
CA SER A 6 -9.26 -25.45 6.82
C SER A 6 -7.83 -24.97 7.04
N GLY A 7 -7.55 -24.50 8.24
CA GLY A 7 -6.22 -24.02 8.56
C GLY A 7 -6.12 -23.44 9.95
N GLU A 8 -5.27 -24.03 10.78
CA GLU A 8 -5.09 -23.56 12.15
C GLU A 8 -3.75 -22.86 12.32
N THR A 9 -3.66 -21.99 13.31
CA THR A 9 -2.43 -21.25 13.59
C THR A 9 -2.52 -20.51 14.91
N GLY A 10 -1.36 -20.09 15.42
CA GLY A 10 -1.32 -19.38 16.68
C GLY A 10 0.08 -19.24 17.23
N GLY A 11 0.26 -18.32 18.19
CA GLY A 11 1.57 -18.12 18.78
C GLY A 11 2.31 -16.95 18.15
N GLU A 12 2.40 -16.97 16.82
CA GLU A 12 3.09 -15.92 16.09
C GLU A 12 2.68 -14.54 16.61
N ARG A 13 3.46 -13.52 16.25
CA ARG A 13 3.17 -12.15 16.68
C ARG A 13 1.81 -11.70 16.19
N GLN A 14 1.37 -10.53 16.64
CA GLN A 14 0.08 -9.98 16.24
C GLN A 14 0.25 -8.96 15.12
N LEU A 15 0.14 -9.42 13.88
CA LEU A 15 0.28 -8.54 12.72
C LEU A 15 -0.62 -7.33 12.85
N SER A 16 -0.03 -6.15 12.85
CA SER A 16 -0.79 -4.91 12.97
C SER A 16 -0.59 -4.03 11.74
N PRO A 17 -1.70 -3.67 11.08
CA PRO A 17 -1.67 -2.83 9.88
C PRO A 17 -1.28 -1.39 10.19
N GLU A 18 -1.95 -0.79 11.17
CA GLU A 18 -1.68 0.58 11.56
C GLU A 18 -0.17 0.81 11.71
N LYS A 19 0.50 -0.11 12.39
CA LYS A 19 1.93 -0.02 12.61
C LYS A 19 2.69 -0.07 11.29
N SER A 20 2.41 -1.10 10.48
CA SER A 20 3.06 -1.27 9.19
C SER A 20 3.31 0.09 8.54
N GLU A 21 4.55 0.30 8.09
CA GLU A 21 4.92 1.55 7.44
C GLU A 21 5.00 1.38 5.92
N ILE A 22 4.43 2.33 5.20
CA ILE A 22 4.42 2.29 3.74
C ILE A 22 5.28 3.40 3.16
N TRP A 23 6.47 3.03 2.66
CA TRP A 23 7.38 3.99 2.08
C TRP A 23 7.66 3.66 0.61
N GLY A 24 8.10 4.67 -0.15
CA GLY A 24 8.38 4.46 -1.56
C GLY A 24 8.43 5.76 -2.33
N PRO A 25 8.96 5.70 -3.56
CA PRO A 25 9.08 6.87 -4.44
C PRO A 25 7.72 7.36 -4.94
N GLY A 26 6.66 6.70 -4.49
CA GLY A 26 5.32 7.08 -4.90
C GLY A 26 4.80 8.29 -4.15
N LEU A 27 4.92 8.26 -2.82
CA LEU A 27 4.46 9.35 -1.99
C LEU A 27 5.49 10.49 -1.98
N LYS A 28 6.02 10.81 -3.15
CA LYS A 28 7.00 11.88 -3.27
C LYS A 28 6.49 12.99 -4.18
N ALA A 29 7.25 14.08 -4.28
CA ALA A 29 6.87 15.20 -5.12
C ALA A 29 7.04 14.87 -6.59
N ASP A 30 8.28 14.58 -6.99
CA ASP A 30 8.57 14.24 -8.38
C ASP A 30 8.58 12.73 -8.57
N VAL A 31 7.40 12.16 -8.80
CA VAL A 31 7.27 10.73 -9.01
C VAL A 31 7.74 10.33 -10.40
N VAL A 32 7.69 9.03 -10.69
CA VAL A 32 8.11 8.53 -12.00
C VAL A 32 7.17 9.00 -13.10
N LEU A 33 7.64 8.92 -14.34
CA LEU A 33 6.85 9.36 -15.49
C LEU A 33 5.72 8.37 -15.76
N PRO A 34 6.08 7.12 -16.04
CA PRO A 34 5.09 6.06 -16.32
C PRO A 34 4.29 5.66 -15.09
N ALA A 35 4.79 4.67 -14.36
CA ALA A 35 4.13 4.20 -13.15
C ALA A 35 5.12 4.02 -12.00
N ARG A 36 4.64 4.14 -10.78
CA ARG A 36 5.49 4.00 -9.61
C ARG A 36 5.08 2.78 -8.78
N TYR A 37 5.95 2.35 -7.89
CA TYR A 37 5.68 1.19 -7.04
C TYR A 37 6.30 1.37 -5.67
N PHE A 38 5.49 1.18 -4.63
CA PHE A 38 5.94 1.32 -3.25
C PHE A 38 6.04 -0.04 -2.57
N TYR A 39 6.70 -0.07 -1.41
CA TYR A 39 6.86 -1.32 -0.66
C TYR A 39 5.93 -1.34 0.54
N ILE A 40 5.60 -2.54 1.00
CA ILE A 40 4.72 -2.72 2.15
C ILE A 40 5.34 -3.64 3.19
N GLN A 41 5.75 -3.05 4.30
CA GLN A 41 6.37 -3.82 5.38
C GLN A 41 5.34 -4.17 6.46
N ALA A 42 5.28 -5.45 6.81
CA ALA A 42 4.35 -5.92 7.83
C ALA A 42 4.90 -5.72 9.23
N VAL A 43 4.18 -4.95 10.04
CA VAL A 43 4.60 -4.67 11.41
C VAL A 43 3.59 -5.21 12.42
N ASP A 44 4.09 -5.66 13.57
CA ASP A 44 3.22 -6.19 14.61
C ASP A 44 2.78 -5.09 15.57
N THR A 45 2.06 -5.48 16.62
CA THR A 45 1.58 -4.52 17.61
C THR A 45 2.72 -3.94 18.43
N SER A 46 3.89 -4.56 18.32
CA SER A 46 5.07 -4.12 19.06
C SER A 46 6.00 -3.31 18.15
N GLY A 47 5.48 -2.88 17.00
CA GLY A 47 6.26 -2.10 16.07
C GLY A 47 7.50 -2.85 15.60
N ASN A 48 7.39 -4.17 15.48
CA ASN A 48 8.51 -4.99 15.04
C ASN A 48 8.30 -5.47 13.61
N LYS A 49 9.39 -5.51 12.84
CA LYS A 49 9.32 -5.94 11.45
C LYS A 49 9.14 -7.45 11.36
N PHE A 50 8.18 -7.88 10.54
CA PHE A 50 7.91 -9.31 10.36
C PHE A 50 9.02 -9.97 9.57
N THR A 51 9.56 -9.26 8.59
CA THR A 51 10.63 -9.79 7.75
C THR A 51 10.41 -11.27 7.44
N SER A 52 9.15 -11.68 7.44
CA SER A 52 8.80 -13.07 7.16
C SER A 52 7.80 -13.16 6.01
N SER A 53 7.45 -14.38 5.62
CA SER A 53 6.52 -14.61 4.54
C SER A 53 5.13 -14.94 5.07
N PRO A 54 4.24 -13.94 5.08
CA PRO A 54 2.87 -14.10 5.57
C PRO A 54 2.02 -14.96 4.63
N GLY A 55 2.05 -14.63 3.35
CA GLY A 55 1.28 -15.39 2.37
C GLY A 55 1.33 -14.76 1.00
N GLU A 56 0.59 -15.34 0.06
CA GLU A 56 0.54 -14.85 -1.31
C GLU A 56 -0.27 -13.56 -1.40
N LYS A 57 -1.56 -13.67 -1.09
CA LYS A 57 -2.45 -12.51 -1.12
C LYS A 57 -2.90 -12.12 0.28
N VAL A 58 -2.18 -11.19 0.88
CA VAL A 58 -2.49 -10.71 2.22
C VAL A 58 -2.76 -9.21 2.23
N PHE A 59 -2.00 -8.48 1.44
CA PHE A 59 -2.14 -7.02 1.36
C PHE A 59 -2.70 -6.61 -0.01
N GLN A 60 -3.57 -5.61 -0.01
CA GLN A 60 -4.17 -5.13 -1.25
C GLN A 60 -3.98 -3.62 -1.38
N VAL A 61 -4.11 -3.12 -2.61
CA VAL A 61 -3.96 -1.69 -2.87
C VAL A 61 -5.04 -1.20 -3.83
N LYS A 62 -5.60 -0.03 -3.53
CA LYS A 62 -6.65 0.54 -4.36
C LYS A 62 -6.17 1.84 -5.01
N VAL A 63 -6.47 2.00 -6.29
CA VAL A 63 -6.06 3.20 -7.03
C VAL A 63 -7.26 3.85 -7.72
N SER A 64 -7.53 5.10 -7.37
CA SER A 64 -8.65 5.83 -7.95
C SER A 64 -8.46 7.34 -7.78
N ALA A 65 -8.76 8.09 -8.84
CA ALA A 65 -8.63 9.54 -8.81
C ALA A 65 -9.92 10.20 -8.34
N PRO A 66 -9.78 11.28 -7.55
CA PRO A 66 -10.92 12.01 -7.01
C PRO A 66 -11.67 12.79 -8.10
N GLU A 67 -10.95 13.21 -9.12
CA GLU A 67 -11.55 13.96 -10.23
C GLU A 67 -12.03 13.02 -11.32
N GLU A 68 -11.16 12.09 -11.72
CA GLU A 68 -11.51 11.13 -12.76
C GLU A 68 -12.06 9.84 -12.16
N GLN A 69 -13.10 9.29 -12.78
CA GLN A 69 -13.71 8.06 -12.30
C GLN A 69 -13.65 6.97 -13.37
N PHE A 70 -14.18 5.79 -13.04
CA PHE A 70 -14.18 4.67 -13.97
C PHE A 70 -12.76 4.33 -14.41
N THR A 71 -11.89 4.10 -13.43
CA THR A 71 -10.49 3.76 -13.72
C THR A 71 -10.20 2.31 -13.38
N ARG A 72 -10.19 1.45 -14.39
CA ARG A 72 -9.92 0.03 -14.18
C ARG A 72 -8.44 -0.21 -13.92
N VAL A 73 -8.04 -0.04 -12.66
CA VAL A 73 -6.64 -0.24 -12.27
C VAL A 73 -6.39 -1.66 -11.82
N GLY A 74 -5.55 -2.38 -12.55
CA GLY A 74 -5.25 -3.76 -12.21
C GLY A 74 -3.94 -3.89 -11.45
N VAL A 75 -3.98 -3.64 -10.15
CA VAL A 75 -2.80 -3.72 -9.31
C VAL A 75 -2.50 -5.16 -8.92
N GLN A 76 -1.22 -5.53 -8.95
CA GLN A 76 -0.80 -6.88 -8.61
C GLN A 76 0.32 -6.86 -7.59
N VAL A 77 0.15 -7.63 -6.51
CA VAL A 77 1.15 -7.70 -5.45
C VAL A 77 1.99 -8.97 -5.57
N LEU A 78 3.30 -8.80 -5.72
CA LEU A 78 4.21 -9.93 -5.84
C LEU A 78 5.31 -9.87 -4.78
N ASP A 79 5.58 -11.01 -4.15
CA ASP A 79 6.60 -11.08 -3.11
C ASP A 79 7.99 -11.14 -3.74
N ARG A 80 8.72 -10.03 -3.65
CA ARG A 80 10.06 -9.94 -4.20
C ARG A 80 11.10 -10.42 -3.18
N LYS A 81 11.08 -9.83 -2.00
CA LYS A 81 12.02 -10.18 -0.94
C LYS A 81 11.36 -11.10 0.08
N ASP A 82 12.15 -11.60 1.02
CA ASP A 82 11.64 -12.49 2.06
C ASP A 82 11.08 -11.69 3.23
N GLY A 83 10.41 -10.58 2.92
CA GLY A 83 9.84 -9.74 3.96
C GLY A 83 9.05 -8.57 3.39
N SER A 84 9.56 -7.99 2.31
CA SER A 84 8.89 -6.86 1.67
C SER A 84 8.16 -7.30 0.41
N PHE A 85 7.31 -6.42 -0.11
CA PHE A 85 6.55 -6.71 -1.31
C PHE A 85 6.57 -5.53 -2.28
N ILE A 86 6.25 -5.80 -3.55
CA ILE A 86 6.23 -4.75 -4.56
C ILE A 86 4.85 -4.58 -5.15
N VAL A 87 4.44 -3.33 -5.34
CA VAL A 87 3.12 -3.03 -5.90
C VAL A 87 3.25 -2.39 -7.28
N ARG A 88 2.76 -3.08 -8.29
CA ARG A 88 2.82 -2.57 -9.67
C ARG A 88 1.41 -2.37 -10.22
N TYR A 89 1.28 -1.37 -11.10
CA TYR A 89 -0.01 -1.06 -11.71
C TYR A 89 0.17 -0.43 -13.08
N ARG A 90 -0.83 -0.59 -13.94
CA ARG A 90 -0.78 -0.04 -15.28
C ARG A 90 -1.96 0.90 -15.53
N MET A 91 -1.72 1.97 -16.28
CA MET A 91 -2.77 2.93 -16.60
C MET A 91 -2.53 3.57 -17.96
N TYR A 92 -3.55 3.55 -18.81
CA TYR A 92 -3.45 4.12 -20.14
C TYR A 92 -4.37 5.33 -20.28
N ALA A 93 -4.32 6.22 -19.29
CA ALA A 93 -5.14 7.41 -19.31
C ALA A 93 -4.46 8.56 -18.57
N SER A 94 -4.91 9.78 -18.83
CA SER A 94 -4.34 10.96 -18.19
C SER A 94 -4.27 10.78 -16.68
N TYR A 95 -3.12 11.07 -16.10
CA TYR A 95 -2.92 10.94 -14.66
C TYR A 95 -2.50 12.28 -14.05
N LYS A 96 -3.45 12.97 -13.44
CA LYS A 96 -3.18 14.26 -12.81
C LYS A 96 -3.12 14.12 -11.29
N ASN A 97 -4.00 13.28 -10.75
CA ASN A 97 -4.04 13.06 -9.30
C ASN A 97 -4.74 11.74 -8.98
N LEU A 98 -4.07 10.89 -8.21
CA LEU A 98 -4.62 9.60 -7.83
C LEU A 98 -4.76 9.49 -6.32
N LYS A 99 -5.56 8.54 -5.86
CA LYS A 99 -5.77 8.33 -4.43
C LYS A 99 -5.36 6.92 -4.03
N VAL A 100 -4.27 6.82 -3.28
CA VAL A 100 -3.77 5.53 -2.81
C VAL A 100 -4.50 5.08 -1.55
N GLU A 101 -5.01 3.85 -1.57
CA GLU A 101 -5.72 3.31 -0.43
C GLU A 101 -5.23 1.91 -0.09
N ILE A 102 -4.69 1.74 1.11
CA ILE A 102 -4.19 0.45 1.55
C ILE A 102 -4.95 -0.07 2.77
N LYS A 103 -5.56 -1.24 2.62
CA LYS A 103 -6.32 -1.85 3.72
C LYS A 103 -5.94 -3.31 3.91
N PHE A 104 -6.24 -3.84 5.08
CA PHE A 104 -5.93 -5.24 5.39
C PHE A 104 -7.05 -5.88 6.20
N GLN A 105 -7.83 -6.72 5.56
CA GLN A 105 -8.94 -7.40 6.22
C GLN A 105 -9.87 -6.40 6.90
N GLY A 106 -10.07 -5.26 6.24
CA GLY A 106 -10.94 -4.23 6.80
C GLY A 106 -10.23 -3.37 7.81
N GLN A 107 -8.94 -3.14 7.62
CA GLN A 107 -8.15 -2.33 8.53
C GLN A 107 -7.08 -1.54 7.77
N HIS A 108 -7.16 -0.22 7.86
CA HIS A 108 -6.20 0.65 7.19
C HIS A 108 -4.80 0.42 7.73
N VAL A 109 -3.82 0.38 6.82
CA VAL A 109 -2.43 0.17 7.20
C VAL A 109 -1.71 1.50 7.41
N ALA A 110 -1.78 2.38 6.42
CA ALA A 110 -1.15 3.68 6.50
C ALA A 110 -2.18 4.79 6.62
N LYS A 111 -1.71 6.04 6.60
CA LYS A 111 -2.59 7.19 6.71
C LYS A 111 -3.33 7.44 5.40
N SER A 112 -3.94 6.38 4.86
CA SER A 112 -4.67 6.49 3.61
C SER A 112 -6.11 6.95 3.85
N PRO A 113 -6.76 7.46 2.79
CA PRO A 113 -6.14 7.57 1.47
C PRO A 113 -5.04 8.63 1.43
N TYR A 114 -4.36 8.73 0.28
CA TYR A 114 -3.29 9.70 0.12
C TYR A 114 -3.60 10.67 -1.02
N ILE A 115 -3.87 11.91 -0.65
CA ILE A 115 -4.19 12.95 -1.64
C ILE A 115 -2.94 13.74 -2.02
N LEU A 116 -2.45 13.50 -3.23
CA LEU A 116 -1.27 14.19 -3.72
C LEU A 116 -1.60 15.08 -4.92
N LYS A 117 -1.77 16.37 -4.66
CA LYS A 117 -2.10 17.32 -5.72
C LYS A 117 -1.41 18.66 -5.47
N GLY A 118 -1.03 19.33 -6.55
CA GLY A 118 -0.37 20.61 -6.44
C GLY A 118 1.15 20.49 -6.38
N SER A 119 1.82 20.91 -7.44
CA SER A 119 3.27 20.84 -7.50
C SER A 119 3.91 21.60 -6.35
N GLY A 120 4.29 20.86 -5.31
CA GLY A 120 4.91 21.49 -4.15
C GLY A 120 4.11 22.67 -3.63
N PRO A 121 4.62 23.88 -3.87
CA PRO A 121 3.98 25.11 -3.43
C PRO A 121 2.69 25.40 -4.20
N SER A 122 1.63 25.74 -3.48
CA SER A 122 0.34 26.04 -4.08
C SER A 122 -0.21 27.38 -3.59
N SER A 123 -0.48 27.45 -2.30
CA SER A 123 -1.01 28.66 -1.69
C SER A 123 -0.41 29.90 -2.35
N GLY A 124 0.89 29.85 -2.64
CA GLY A 124 1.56 30.97 -3.27
C GLY A 124 1.63 30.82 -4.77
N GLY A 1 -17.25 -21.80 -5.90
CA GLY A 1 -16.93 -22.69 -4.80
C GLY A 1 -15.90 -22.10 -3.86
N SER A 2 -15.23 -22.97 -3.11
CA SER A 2 -14.22 -22.52 -2.16
C SER A 2 -13.38 -23.71 -1.67
N SER A 3 -12.39 -23.41 -0.84
CA SER A 3 -11.51 -24.45 -0.30
C SER A 3 -11.93 -24.85 1.10
N GLY A 4 -12.17 -23.85 1.95
CA GLY A 4 -12.57 -24.12 3.32
C GLY A 4 -11.40 -24.26 4.26
N SER A 5 -10.34 -24.91 3.79
CA SER A 5 -9.15 -25.12 4.60
C SER A 5 -8.78 -23.85 5.36
N SER A 6 -8.70 -23.96 6.69
CA SER A 6 -8.37 -22.82 7.54
C SER A 6 -7.97 -23.28 8.93
N GLY A 7 -7.56 -22.34 9.77
CA GLY A 7 -7.15 -22.67 11.12
C GLY A 7 -6.43 -21.52 11.81
N GLU A 8 -6.92 -21.13 12.98
CA GLU A 8 -6.31 -20.04 13.73
C GLU A 8 -6.02 -20.47 15.17
N THR A 9 -5.22 -19.67 15.87
CA THR A 9 -4.86 -19.97 17.25
C THR A 9 -4.63 -18.68 18.05
N GLY A 10 -5.01 -18.70 19.32
CA GLY A 10 -4.83 -17.54 20.16
C GLY A 10 -3.61 -17.64 21.04
N GLY A 11 -2.58 -16.88 20.71
CA GLY A 11 -1.34 -16.89 21.48
C GLY A 11 -0.18 -16.28 20.74
N GLU A 12 0.07 -16.78 19.52
CA GLU A 12 1.16 -16.28 18.70
C GLU A 12 1.07 -14.76 18.53
N ARG A 13 2.07 -14.18 17.87
CA ARG A 13 2.10 -12.74 17.64
C ARG A 13 0.85 -12.28 16.89
N GLN A 14 0.76 -10.98 16.66
CA GLN A 14 -0.39 -10.40 15.96
C GLN A 14 0.06 -9.31 14.99
N LEU A 15 -0.14 -9.56 13.70
CA LEU A 15 0.24 -8.60 12.68
C LEU A 15 -0.79 -7.48 12.57
N SER A 16 -0.34 -6.24 12.67
CA SER A 16 -1.22 -5.08 12.59
C SER A 16 -0.82 -4.17 11.43
N PRO A 17 -1.79 -3.82 10.58
CA PRO A 17 -1.56 -2.96 9.42
C PRO A 17 -1.27 -1.52 9.83
N GLU A 18 -2.00 -1.03 10.82
CA GLU A 18 -1.82 0.34 11.29
C GLU A 18 -0.35 0.62 11.59
N LYS A 19 0.33 -0.36 12.20
CA LYS A 19 1.74 -0.22 12.53
C LYS A 19 2.59 -0.18 11.28
N SER A 20 2.41 -1.17 10.41
CA SER A 20 3.18 -1.25 9.16
C SER A 20 3.44 0.14 8.60
N GLU A 21 4.68 0.37 8.18
CA GLU A 21 5.07 1.66 7.63
C GLU A 21 5.28 1.56 6.12
N ILE A 22 4.63 2.45 5.37
CA ILE A 22 4.74 2.47 3.92
C ILE A 22 5.56 3.66 3.45
N TRP A 23 6.59 3.38 2.66
CA TRP A 23 7.46 4.42 2.13
C TRP A 23 7.56 4.34 0.61
N GLY A 24 7.88 5.46 -0.02
CA GLY A 24 8.01 5.49 -1.47
C GLY A 24 7.74 6.85 -2.05
N PRO A 25 8.56 7.25 -3.04
CA PRO A 25 8.43 8.55 -3.71
C PRO A 25 7.18 8.64 -4.57
N GLY A 26 6.47 7.52 -4.69
CA GLY A 26 5.25 7.49 -5.49
C GLY A 26 4.19 8.44 -4.97
N LEU A 27 4.41 8.97 -3.78
CA LEU A 27 3.46 9.89 -3.16
C LEU A 27 3.88 11.34 -3.41
N LYS A 28 4.65 11.56 -4.46
CA LYS A 28 5.11 12.90 -4.80
C LYS A 28 4.43 13.40 -6.08
N ALA A 29 4.67 14.66 -6.41
CA ALA A 29 4.09 15.26 -7.60
C ALA A 29 4.46 14.47 -8.85
N ASP A 30 5.74 14.46 -9.19
CA ASP A 30 6.22 13.74 -10.36
C ASP A 30 7.20 12.64 -9.96
N VAL A 31 6.94 11.42 -10.41
CA VAL A 31 7.80 10.28 -10.10
C VAL A 31 8.23 9.56 -11.37
N VAL A 32 7.26 9.18 -12.20
CA VAL A 32 7.55 8.48 -13.44
C VAL A 32 6.41 8.65 -14.44
N LEU A 33 6.75 8.85 -15.71
CA LEU A 33 5.75 9.02 -16.76
C LEU A 33 4.71 7.91 -16.69
N PRO A 34 5.16 6.66 -16.84
CA PRO A 34 4.28 5.49 -16.81
C PRO A 34 3.72 5.22 -15.41
N ALA A 35 4.44 4.41 -14.65
CA ALA A 35 4.03 4.07 -13.28
C ALA A 35 5.20 3.51 -12.48
N ARG A 36 5.19 3.78 -11.18
CA ARG A 36 6.24 3.30 -10.29
C ARG A 36 5.67 2.39 -9.21
N TYR A 37 6.54 1.61 -8.58
CA TYR A 37 6.13 0.69 -7.53
C TYR A 37 6.81 1.02 -6.22
N PHE A 38 6.08 0.89 -5.12
CA PHE A 38 6.61 1.18 -3.78
C PHE A 38 6.77 -0.11 -2.97
N TYR A 39 7.44 0.00 -1.84
CA TYR A 39 7.65 -1.15 -0.96
C TYR A 39 6.78 -1.06 0.28
N ILE A 40 6.49 -2.21 0.88
CA ILE A 40 5.67 -2.26 2.08
C ILE A 40 6.27 -3.22 3.11
N GLN A 41 6.33 -2.76 4.35
CA GLN A 41 6.87 -3.56 5.44
C GLN A 41 5.81 -3.84 6.50
N ALA A 42 5.70 -5.10 6.90
CA ALA A 42 4.73 -5.49 7.91
C ALA A 42 5.28 -5.29 9.32
N VAL A 43 4.40 -4.97 10.26
CA VAL A 43 4.80 -4.74 11.64
C VAL A 43 3.75 -5.28 12.61
N ASP A 44 4.22 -5.86 13.72
CA ASP A 44 3.32 -6.41 14.72
C ASP A 44 2.56 -5.31 15.45
N THR A 45 1.70 -5.70 16.38
CA THR A 45 0.90 -4.73 17.14
C THR A 45 1.73 -4.09 18.25
N SER A 46 3.03 -4.36 18.25
CA SER A 46 3.93 -3.82 19.26
C SER A 46 4.93 -2.84 18.63
N GLY A 47 5.51 -3.25 17.50
CA GLY A 47 6.47 -2.41 16.82
C GLY A 47 7.72 -3.16 16.42
N ASN A 48 7.55 -4.42 16.03
CA ASN A 48 8.69 -5.25 15.63
C ASN A 48 8.51 -5.76 14.21
N LYS A 49 9.58 -5.72 13.43
CA LYS A 49 9.54 -6.18 12.05
C LYS A 49 9.24 -7.68 11.98
N PHE A 50 8.41 -8.07 11.03
CA PHE A 50 8.04 -9.47 10.85
C PHE A 50 9.13 -10.23 10.10
N THR A 51 9.64 -9.62 9.04
CA THR A 51 10.69 -10.24 8.23
C THR A 51 10.34 -11.68 7.89
N SER A 52 9.04 -11.99 7.86
CA SER A 52 8.59 -13.33 7.55
C SER A 52 7.50 -13.30 6.48
N SER A 53 7.31 -14.43 5.80
CA SER A 53 6.32 -14.53 4.75
C SER A 53 4.92 -14.75 5.34
N PRO A 54 4.05 -13.75 5.18
CA PRO A 54 2.68 -13.83 5.69
C PRO A 54 1.81 -14.81 4.92
N GLY A 55 1.89 -14.74 3.59
CA GLY A 55 1.11 -15.64 2.76
C GLY A 55 1.10 -15.21 1.30
N GLU A 56 -0.03 -15.44 0.63
CA GLU A 56 -0.17 -15.08 -0.77
C GLU A 56 -0.83 -13.71 -0.92
N LYS A 57 -2.12 -13.63 -0.59
CA LYS A 57 -2.87 -12.39 -0.68
C LYS A 57 -3.24 -11.88 0.70
N VAL A 58 -2.39 -11.03 1.26
CA VAL A 58 -2.64 -10.46 2.59
C VAL A 58 -2.78 -8.95 2.53
N PHE A 59 -1.89 -8.31 1.76
CA PHE A 59 -1.92 -6.86 1.61
C PHE A 59 -2.49 -6.47 0.25
N GLN A 60 -3.53 -5.64 0.28
CA GLN A 60 -4.18 -5.18 -0.95
C GLN A 60 -4.00 -3.68 -1.13
N VAL A 61 -3.99 -3.23 -2.38
CA VAL A 61 -3.84 -1.81 -2.69
C VAL A 61 -4.83 -1.37 -3.75
N LYS A 62 -5.63 -0.36 -3.42
CA LYS A 62 -6.63 0.17 -4.34
C LYS A 62 -6.18 1.51 -4.91
N VAL A 63 -6.49 1.73 -6.20
CA VAL A 63 -6.12 2.97 -6.86
C VAL A 63 -7.32 3.60 -7.56
N SER A 64 -7.50 4.90 -7.36
CA SER A 64 -8.62 5.62 -7.97
C SER A 64 -8.31 7.11 -8.08
N ALA A 65 -8.96 7.77 -9.02
CA ALA A 65 -8.76 9.20 -9.23
C ALA A 65 -9.93 10.01 -8.67
N PRO A 66 -9.61 11.17 -8.08
CA PRO A 66 -10.62 12.06 -7.49
C PRO A 66 -11.50 12.73 -8.55
N GLU A 67 -10.89 13.06 -9.69
CA GLU A 67 -11.63 13.70 -10.77
C GLU A 67 -12.38 12.66 -11.61
N GLU A 68 -11.64 11.72 -12.17
CA GLU A 68 -12.24 10.67 -12.99
C GLU A 68 -13.26 9.87 -12.20
N GLN A 69 -14.54 10.12 -12.47
CA GLN A 69 -15.62 9.42 -11.78
C GLN A 69 -15.47 7.90 -11.91
N PHE A 70 -14.73 7.48 -12.93
CA PHE A 70 -14.52 6.05 -13.16
C PHE A 70 -13.04 5.78 -13.48
N THR A 71 -12.40 4.99 -12.62
CA THR A 71 -10.99 4.65 -12.81
C THR A 71 -10.81 3.14 -12.90
N ARG A 72 -9.96 2.72 -13.83
CA ARG A 72 -9.69 1.29 -14.02
C ARG A 72 -8.18 1.02 -14.03
N VAL A 73 -7.70 0.34 -13.00
CA VAL A 73 -6.28 0.02 -12.88
C VAL A 73 -6.08 -1.40 -12.37
N GLY A 74 -5.16 -2.13 -13.01
CA GLY A 74 -4.90 -3.50 -12.61
C GLY A 74 -3.75 -3.60 -11.62
N VAL A 75 -4.01 -3.27 -10.36
CA VAL A 75 -2.99 -3.32 -9.33
C VAL A 75 -2.73 -4.75 -8.88
N GLN A 76 -1.45 -5.12 -8.80
CA GLN A 76 -1.07 -6.46 -8.39
C GLN A 76 0.10 -6.41 -7.39
N VAL A 77 -0.01 -7.20 -6.32
CA VAL A 77 1.03 -7.24 -5.30
C VAL A 77 1.76 -8.58 -5.33
N LEU A 78 3.07 -8.53 -5.54
CA LEU A 78 3.89 -9.73 -5.59
C LEU A 78 4.86 -9.79 -4.40
N ASP A 79 5.35 -10.98 -4.10
CA ASP A 79 6.29 -11.15 -3.00
C ASP A 79 7.74 -11.05 -3.49
N ARG A 80 8.44 -10.02 -3.02
CA ARG A 80 9.83 -9.80 -3.40
C ARG A 80 10.78 -10.42 -2.38
N LYS A 81 10.60 -10.04 -1.12
CA LYS A 81 11.45 -10.55 -0.05
C LYS A 81 10.63 -11.41 0.92
N ASP A 82 11.34 -12.11 1.80
CA ASP A 82 10.68 -12.98 2.78
C ASP A 82 9.57 -12.22 3.51
N GLY A 83 9.86 -10.97 3.88
CA GLY A 83 8.88 -10.17 4.59
C GLY A 83 8.64 -8.83 3.90
N SER A 84 8.55 -8.84 2.58
CA SER A 84 8.32 -7.63 1.82
C SER A 84 7.42 -7.90 0.62
N PHE A 85 6.89 -6.83 0.03
CA PHE A 85 6.01 -6.96 -1.12
C PHE A 85 6.22 -5.80 -2.09
N ILE A 86 5.70 -5.95 -3.31
CA ILE A 86 5.83 -4.93 -4.33
C ILE A 86 4.50 -4.63 -5.00
N VAL A 87 4.17 -3.34 -5.12
CA VAL A 87 2.91 -2.93 -5.74
C VAL A 87 3.15 -2.38 -7.14
N ARG A 88 2.56 -3.05 -8.13
CA ARG A 88 2.71 -2.62 -9.52
C ARG A 88 1.36 -2.59 -10.22
N TYR A 89 1.23 -1.71 -11.21
CA TYR A 89 -0.02 -1.57 -11.97
C TYR A 89 0.26 -1.11 -13.39
N ARG A 90 -0.67 -1.41 -14.29
CA ARG A 90 -0.53 -1.03 -15.69
C ARG A 90 -1.34 0.24 -15.99
N MET A 91 -0.78 1.09 -16.85
CA MET A 91 -1.45 2.33 -17.22
C MET A 91 -0.87 2.89 -18.52
N TYR A 92 -1.77 3.35 -19.40
CA TYR A 92 -1.34 3.90 -20.68
C TYR A 92 -1.88 5.32 -20.87
N ALA A 93 -1.64 6.16 -19.86
CA ALA A 93 -2.10 7.55 -19.91
C ALA A 93 -1.36 8.40 -18.88
N SER A 94 -1.49 9.71 -19.01
CA SER A 94 -0.84 10.64 -18.09
C SER A 94 -1.76 11.01 -16.94
N TYR A 95 -1.23 11.00 -15.73
CA TYR A 95 -2.01 11.34 -14.54
C TYR A 95 -1.31 12.41 -13.72
N LYS A 96 -2.02 13.49 -13.44
CA LYS A 96 -1.48 14.60 -12.66
C LYS A 96 -1.70 14.37 -11.17
N ASN A 97 -2.81 13.71 -10.83
CA ASN A 97 -3.14 13.43 -9.44
C ASN A 97 -3.81 12.07 -9.31
N LEU A 98 -3.42 11.32 -8.28
CA LEU A 98 -3.98 10.00 -8.04
C LEU A 98 -4.14 9.74 -6.55
N LYS A 99 -5.01 8.79 -6.21
CA LYS A 99 -5.25 8.45 -4.81
C LYS A 99 -4.74 7.05 -4.50
N VAL A 100 -4.13 6.89 -3.33
CA VAL A 100 -3.59 5.60 -2.91
C VAL A 100 -4.39 5.03 -1.74
N GLU A 101 -4.56 3.71 -1.74
CA GLU A 101 -5.30 3.03 -0.69
C GLU A 101 -4.68 1.69 -0.36
N ILE A 102 -4.34 1.49 0.91
CA ILE A 102 -3.73 0.24 1.36
C ILE A 102 -4.50 -0.36 2.53
N LYS A 103 -5.05 -1.54 2.34
CA LYS A 103 -5.81 -2.23 3.38
C LYS A 103 -5.34 -3.67 3.53
N PHE A 104 -5.57 -4.24 4.71
CA PHE A 104 -5.18 -5.61 4.99
C PHE A 104 -6.32 -6.38 5.66
N GLN A 105 -7.03 -7.17 4.86
CA GLN A 105 -8.15 -7.96 5.38
C GLN A 105 -9.23 -7.06 5.95
N GLY A 106 -9.33 -5.85 5.41
CA GLY A 106 -10.34 -4.91 5.88
C GLY A 106 -9.81 -4.00 6.98
N GLN A 107 -8.51 -3.74 6.95
CA GLN A 107 -7.88 -2.88 7.95
C GLN A 107 -6.83 -1.97 7.31
N HIS A 108 -7.09 -0.67 7.35
CA HIS A 108 -6.16 0.30 6.78
C HIS A 108 -4.75 0.08 7.31
N VAL A 109 -3.76 0.43 6.49
CA VAL A 109 -2.36 0.28 6.88
C VAL A 109 -1.70 1.63 7.10
N ALA A 110 -1.87 2.54 6.14
CA ALA A 110 -1.29 3.86 6.23
C ALA A 110 -2.37 4.94 6.35
N LYS A 111 -1.96 6.20 6.31
CA LYS A 111 -2.90 7.31 6.43
C LYS A 111 -3.67 7.51 5.13
N SER A 112 -4.22 6.41 4.61
CA SER A 112 -4.99 6.46 3.36
C SER A 112 -6.46 6.72 3.64
N PRO A 113 -7.18 7.16 2.61
CA PRO A 113 -6.61 7.41 1.28
C PRO A 113 -5.67 8.61 1.26
N TYR A 114 -4.75 8.61 0.31
CA TYR A 114 -3.79 9.70 0.18
C TYR A 114 -4.21 10.69 -0.90
N ILE A 115 -4.71 11.84 -0.48
CA ILE A 115 -5.15 12.87 -1.42
C ILE A 115 -4.00 13.78 -1.82
N LEU A 116 -3.65 13.76 -3.10
CA LEU A 116 -2.56 14.59 -3.61
C LEU A 116 -3.03 15.43 -4.78
N LYS A 117 -2.58 16.69 -4.82
CA LYS A 117 -2.95 17.61 -5.89
C LYS A 117 -2.04 18.83 -5.90
N GLY A 118 -1.97 19.49 -7.05
CA GLY A 118 -1.12 20.66 -7.18
C GLY A 118 -1.56 21.58 -8.30
N SER A 119 -0.86 22.69 -8.48
CA SER A 119 -1.19 23.65 -9.52
C SER A 119 -0.12 24.73 -9.62
N GLY A 120 -0.11 25.46 -10.73
CA GLY A 120 0.86 26.52 -10.92
C GLY A 120 2.18 25.99 -11.44
N PRO A 121 2.91 26.84 -12.18
CA PRO A 121 4.22 26.48 -12.74
C PRO A 121 5.29 26.33 -11.67
N SER A 122 5.57 25.09 -11.28
CA SER A 122 6.57 24.82 -10.26
C SER A 122 7.80 25.70 -10.46
N SER A 123 8.25 26.34 -9.38
CA SER A 123 9.41 27.21 -9.43
C SER A 123 10.64 26.45 -9.91
N GLY A 124 11.16 26.82 -11.07
CA GLY A 124 12.33 26.17 -11.62
C GLY A 124 13.61 26.56 -10.90
N GLY A 1 1.23 -31.94 -7.54
CA GLY A 1 1.27 -32.50 -6.20
C GLY A 1 2.32 -31.87 -5.32
N SER A 2 2.27 -30.55 -5.19
CA SER A 2 3.23 -29.81 -4.38
C SER A 2 2.75 -29.69 -2.94
N SER A 3 3.61 -30.05 -1.99
CA SER A 3 3.27 -30.00 -0.58
C SER A 3 3.51 -28.59 -0.02
N GLY A 4 2.44 -27.98 0.49
CA GLY A 4 2.56 -26.64 1.05
C GLY A 4 2.95 -26.66 2.51
N SER A 5 2.11 -26.04 3.35
CA SER A 5 2.39 -25.98 4.78
C SER A 5 2.06 -27.31 5.46
N SER A 6 2.92 -27.72 6.38
CA SER A 6 2.72 -28.98 7.09
C SER A 6 1.93 -28.76 8.38
N GLY A 7 2.43 -27.87 9.24
CA GLY A 7 1.75 -27.58 10.48
C GLY A 7 2.48 -26.52 11.30
N GLU A 8 1.71 -25.74 12.05
CA GLU A 8 2.28 -24.69 12.88
C GLU A 8 1.97 -24.92 14.36
N THR A 9 0.70 -25.19 14.65
CA THR A 9 0.27 -25.44 16.03
C THR A 9 0.98 -24.50 17.00
N GLY A 10 1.12 -23.24 16.59
CA GLY A 10 1.78 -22.27 17.44
C GLY A 10 1.05 -20.93 17.47
N GLY A 11 1.35 -20.11 18.46
CA GLY A 11 0.71 -18.82 18.58
C GLY A 11 1.62 -17.68 18.17
N GLU A 12 1.69 -17.40 16.87
CA GLU A 12 2.53 -16.34 16.36
C GLU A 12 2.05 -14.97 16.85
N ARG A 13 2.79 -13.93 16.50
CA ARG A 13 2.44 -12.57 16.92
C ARG A 13 1.17 -12.11 16.22
N GLN A 14 0.76 -10.87 16.49
CA GLN A 14 -0.45 -10.31 15.89
C GLN A 14 -0.09 -9.16 14.94
N LEU A 15 0.18 -9.50 13.68
CA LEU A 15 0.52 -8.50 12.69
C LEU A 15 -0.49 -7.35 12.68
N SER A 16 0.01 -6.13 12.85
CA SER A 16 -0.85 -4.95 12.87
C SER A 16 -0.58 -4.06 11.66
N PRO A 17 -1.64 -3.72 10.93
CA PRO A 17 -1.54 -2.87 9.74
C PRO A 17 -1.20 -1.42 10.08
N GLU A 18 -1.90 -0.89 11.08
CA GLU A 18 -1.66 0.49 11.50
C GLU A 18 -0.20 0.71 11.87
N LYS A 19 0.37 -0.25 12.60
CA LYS A 19 1.76 -0.16 13.01
C LYS A 19 2.69 -0.12 11.80
N SER A 20 2.40 -0.96 10.81
CA SER A 20 3.21 -1.02 9.60
C SER A 20 3.48 0.38 9.06
N GLU A 21 4.62 0.52 8.37
CA GLU A 21 5.00 1.81 7.81
C GLU A 21 5.35 1.67 6.33
N ILE A 22 4.63 2.40 5.49
CA ILE A 22 4.86 2.36 4.04
C ILE A 22 5.78 3.50 3.60
N TRP A 23 6.88 3.14 2.96
CA TRP A 23 7.84 4.13 2.47
C TRP A 23 7.96 4.09 0.95
N GLY A 24 8.41 5.19 0.36
CA GLY A 24 8.57 5.23 -1.08
C GLY A 24 8.29 6.62 -1.64
N PRO A 25 8.90 6.92 -2.80
CA PRO A 25 8.74 8.22 -3.47
C PRO A 25 7.34 8.39 -4.06
N GLY A 26 6.57 7.30 -4.07
CA GLY A 26 5.23 7.35 -4.61
C GLY A 26 4.36 8.40 -3.92
N LEU A 27 4.85 8.92 -2.80
CA LEU A 27 4.12 9.92 -2.04
C LEU A 27 4.83 11.27 -2.10
N LYS A 28 5.19 11.70 -3.30
CA LYS A 28 5.87 12.97 -3.50
C LYS A 28 5.15 13.83 -4.54
N ALA A 29 5.63 15.05 -4.71
CA ALA A 29 5.03 15.97 -5.68
C ALA A 29 5.27 15.49 -7.10
N ASP A 30 6.52 15.46 -7.51
CA ASP A 30 6.88 15.02 -8.86
C ASP A 30 6.98 13.50 -8.93
N VAL A 31 5.82 12.84 -8.89
CA VAL A 31 5.76 11.38 -8.95
C VAL A 31 6.27 10.87 -10.29
N VAL A 32 6.18 9.56 -10.48
CA VAL A 32 6.63 8.93 -11.72
C VAL A 32 5.69 9.27 -12.87
N LEU A 33 6.20 9.18 -14.10
CA LEU A 33 5.41 9.47 -15.28
C LEU A 33 4.42 8.34 -15.57
N PRO A 34 4.97 7.13 -15.83
CA PRO A 34 4.16 5.95 -16.12
C PRO A 34 3.39 5.46 -14.90
N ALA A 35 4.02 4.54 -14.15
CA ALA A 35 3.40 3.99 -12.95
C ALA A 35 4.35 4.08 -11.75
N ARG A 36 3.80 3.93 -10.56
CA ARG A 36 4.59 4.00 -9.34
C ARG A 36 4.57 2.65 -8.61
N TYR A 37 5.64 2.39 -7.85
CA TYR A 37 5.74 1.14 -7.10
C TYR A 37 6.42 1.37 -5.76
N PHE A 38 5.78 0.86 -4.69
CA PHE A 38 6.33 1.01 -3.35
C PHE A 38 6.39 -0.34 -2.63
N TYR A 39 7.09 -0.37 -1.51
CA TYR A 39 7.24 -1.60 -0.74
C TYR A 39 6.39 -1.54 0.53
N ILE A 40 5.87 -2.70 0.94
CA ILE A 40 5.04 -2.78 2.13
C ILE A 40 5.70 -3.66 3.19
N GLN A 41 5.94 -3.08 4.36
CA GLN A 41 6.56 -3.81 5.46
C GLN A 41 5.53 -4.14 6.55
N ALA A 42 5.51 -5.40 6.97
CA ALA A 42 4.58 -5.84 8.00
C ALA A 42 5.15 -5.58 9.40
N VAL A 43 4.31 -5.01 10.27
CA VAL A 43 4.72 -4.71 11.64
C VAL A 43 3.71 -5.24 12.65
N ASP A 44 4.20 -5.57 13.83
CA ASP A 44 3.33 -6.09 14.89
C ASP A 44 2.55 -4.96 15.56
N THR A 45 1.77 -5.31 16.58
CA THR A 45 0.98 -4.33 17.30
C THR A 45 1.86 -3.38 18.10
N SER A 46 3.08 -3.83 18.39
CA SER A 46 4.03 -3.03 19.15
C SER A 46 4.94 -2.23 18.22
N GLY A 47 5.58 -2.92 17.30
CA GLY A 47 6.48 -2.27 16.36
C GLY A 47 7.70 -3.10 16.04
N ASN A 48 7.50 -4.40 15.84
CA ASN A 48 8.59 -5.30 15.52
C ASN A 48 8.48 -5.82 14.09
N LYS A 49 9.54 -5.62 13.32
CA LYS A 49 9.57 -6.07 11.92
C LYS A 49 9.30 -7.57 11.82
N PHE A 50 8.46 -7.95 10.87
CA PHE A 50 8.13 -9.35 10.67
C PHE A 50 9.22 -10.07 9.88
N THR A 51 9.57 -9.50 8.73
CA THR A 51 10.60 -10.08 7.87
C THR A 51 10.35 -11.56 7.65
N SER A 52 9.08 -11.96 7.68
CA SER A 52 8.72 -13.35 7.48
C SER A 52 7.74 -13.49 6.32
N SER A 53 7.38 -14.74 6.01
CA SER A 53 6.46 -15.01 4.92
C SER A 53 5.05 -15.30 5.44
N PRO A 54 4.19 -14.27 5.41
CA PRO A 54 2.81 -14.38 5.89
C PRO A 54 1.95 -15.25 4.98
N GLY A 55 2.00 -14.96 3.68
CA GLY A 55 1.23 -15.73 2.72
C GLY A 55 1.43 -15.26 1.30
N GLU A 56 0.62 -15.77 0.38
CA GLU A 56 0.72 -15.39 -1.03
C GLU A 56 0.10 -14.01 -1.27
N LYS A 57 -1.05 -13.78 -0.66
CA LYS A 57 -1.75 -12.51 -0.80
C LYS A 57 -2.41 -12.09 0.50
N VAL A 58 -1.82 -11.11 1.18
CA VAL A 58 -2.36 -10.61 2.44
C VAL A 58 -2.61 -9.11 2.39
N PHE A 59 -1.82 -8.41 1.57
CA PHE A 59 -1.94 -6.97 1.43
C PHE A 59 -2.57 -6.61 0.09
N GLN A 60 -3.39 -5.56 0.09
CA GLN A 60 -4.05 -5.11 -1.12
C GLN A 60 -3.97 -3.60 -1.27
N VAL A 61 -4.05 -3.12 -2.51
CA VAL A 61 -3.99 -1.69 -2.78
C VAL A 61 -5.00 -1.28 -3.85
N LYS A 62 -5.78 -0.25 -3.55
CA LYS A 62 -6.79 0.24 -4.48
C LYS A 62 -6.33 1.54 -5.14
N VAL A 63 -6.62 1.68 -6.43
CA VAL A 63 -6.25 2.87 -7.18
C VAL A 63 -7.45 3.48 -7.90
N SER A 64 -7.80 4.70 -7.52
CA SER A 64 -8.94 5.39 -8.12
C SER A 64 -8.78 6.89 -8.01
N ALA A 65 -9.46 7.63 -8.90
CA ALA A 65 -9.40 9.08 -8.90
C ALA A 65 -10.68 9.69 -8.33
N PRO A 66 -10.52 10.76 -7.54
CA PRO A 66 -11.65 11.46 -6.91
C PRO A 66 -12.50 12.20 -7.93
N GLU A 67 -11.85 13.01 -8.75
CA GLU A 67 -12.54 13.79 -9.78
C GLU A 67 -12.97 12.90 -10.93
N GLU A 68 -12.00 12.21 -11.53
CA GLU A 68 -12.28 11.33 -12.66
C GLU A 68 -13.05 10.09 -12.21
N GLN A 69 -14.16 9.82 -12.88
CA GLN A 69 -14.99 8.66 -12.55
C GLN A 69 -14.13 7.42 -12.35
N PHE A 70 -14.74 6.38 -11.77
CA PHE A 70 -14.03 5.13 -11.52
C PHE A 70 -13.06 4.81 -12.66
N THR A 71 -12.01 4.07 -12.34
CA THR A 71 -11.01 3.70 -13.33
C THR A 71 -10.63 2.22 -13.21
N ARG A 72 -10.27 1.62 -14.33
CA ARG A 72 -9.89 0.21 -14.35
C ARG A 72 -8.37 0.05 -14.29
N VAL A 73 -7.85 -0.03 -13.08
CA VAL A 73 -6.41 -0.18 -12.88
C VAL A 73 -6.05 -1.61 -12.49
N GLY A 74 -5.18 -2.24 -13.26
CA GLY A 74 -4.77 -3.61 -12.97
C GLY A 74 -3.65 -3.67 -11.95
N VAL A 75 -3.98 -3.43 -10.69
CA VAL A 75 -2.99 -3.46 -9.63
C VAL A 75 -2.68 -4.89 -9.20
N GLN A 76 -1.43 -5.15 -8.87
CA GLN A 76 -1.00 -6.48 -8.45
C GLN A 76 0.21 -6.40 -7.52
N VAL A 77 0.18 -7.17 -6.44
CA VAL A 77 1.27 -7.19 -5.48
C VAL A 77 2.11 -8.45 -5.62
N LEU A 78 3.40 -8.29 -5.85
CA LEU A 78 4.30 -9.43 -6.00
C LEU A 78 5.26 -9.52 -4.81
N ASP A 79 5.66 -10.74 -4.49
CA ASP A 79 6.58 -10.98 -3.37
C ASP A 79 8.02 -10.77 -3.80
N ARG A 80 8.64 -9.69 -3.32
CA ARG A 80 10.03 -9.39 -3.66
C ARG A 80 10.98 -9.97 -2.62
N LYS A 81 10.83 -9.52 -1.38
CA LYS A 81 11.69 -9.99 -0.29
C LYS A 81 10.94 -10.98 0.60
N ASP A 82 11.58 -11.41 1.67
CA ASP A 82 10.97 -12.36 2.60
C ASP A 82 9.75 -11.74 3.27
N GLY A 83 9.91 -10.54 3.80
CA GLY A 83 8.81 -9.86 4.46
C GLY A 83 8.46 -8.53 3.81
N SER A 84 8.32 -8.54 2.49
CA SER A 84 7.99 -7.33 1.75
C SER A 84 7.23 -7.67 0.47
N PHE A 85 6.75 -6.64 -0.21
CA PHE A 85 5.99 -6.81 -1.44
C PHE A 85 6.15 -5.60 -2.36
N ILE A 86 5.80 -5.79 -3.63
CA ILE A 86 5.91 -4.71 -4.61
C ILE A 86 4.58 -4.48 -5.32
N VAL A 87 4.16 -3.23 -5.39
CA VAL A 87 2.90 -2.87 -6.04
C VAL A 87 3.16 -2.23 -7.40
N ARG A 88 2.58 -2.83 -8.44
CA ARG A 88 2.75 -2.31 -9.80
C ARG A 88 1.43 -2.38 -10.56
N TYR A 89 1.18 -1.38 -11.40
CA TYR A 89 -0.04 -1.31 -12.18
C TYR A 89 0.26 -0.86 -13.61
N ARG A 90 -0.68 -1.14 -14.52
CA ARG A 90 -0.52 -0.77 -15.92
C ARG A 90 -1.43 0.41 -16.28
N MET A 91 -0.96 1.27 -17.18
CA MET A 91 -1.73 2.43 -17.60
C MET A 91 -1.03 3.16 -18.74
N TYR A 92 -1.81 3.60 -19.72
CA TYR A 92 -1.26 4.31 -20.87
C TYR A 92 -2.00 5.62 -21.10
N ALA A 93 -1.95 6.51 -20.11
CA ALA A 93 -2.60 7.80 -20.20
C ALA A 93 -1.93 8.84 -19.31
N SER A 94 -2.46 10.06 -19.32
CA SER A 94 -1.90 11.14 -18.51
C SER A 94 -2.86 11.55 -17.41
N TYR A 95 -2.80 10.84 -16.28
CA TYR A 95 -3.67 11.13 -15.15
C TYR A 95 -3.26 12.43 -14.46
N LYS A 96 -4.25 13.20 -14.04
CA LYS A 96 -4.00 14.47 -13.37
C LYS A 96 -3.75 14.25 -11.87
N ASN A 97 -4.57 13.42 -11.26
CA ASN A 97 -4.44 13.12 -9.84
C ASN A 97 -5.03 11.75 -9.51
N LEU A 98 -4.23 10.90 -8.86
CA LEU A 98 -4.68 9.56 -8.49
C LEU A 98 -4.72 9.41 -6.97
N LYS A 99 -5.53 8.47 -6.49
CA LYS A 99 -5.64 8.22 -5.06
C LYS A 99 -5.19 6.81 -4.73
N VAL A 100 -4.57 6.64 -3.55
CA VAL A 100 -4.09 5.35 -3.11
C VAL A 100 -4.77 4.92 -1.81
N GLU A 101 -5.11 3.63 -1.73
CA GLU A 101 -5.76 3.10 -0.54
C GLU A 101 -5.26 1.70 -0.22
N ILE A 102 -4.57 1.57 0.92
CA ILE A 102 -4.02 0.29 1.33
C ILE A 102 -4.75 -0.24 2.57
N LYS A 103 -5.35 -1.42 2.45
CA LYS A 103 -6.06 -2.03 3.56
C LYS A 103 -5.65 -3.49 3.73
N PHE A 104 -5.91 -4.04 4.92
CA PHE A 104 -5.57 -5.43 5.21
C PHE A 104 -6.73 -6.14 5.90
N GLN A 105 -7.49 -6.91 5.13
CA GLN A 105 -8.64 -7.64 5.67
C GLN A 105 -9.67 -6.69 6.25
N GLY A 106 -9.78 -5.51 5.65
CA GLY A 106 -10.73 -4.51 6.11
C GLY A 106 -10.15 -3.60 7.18
N GLN A 107 -8.84 -3.37 7.10
CA GLN A 107 -8.17 -2.51 8.07
C GLN A 107 -7.03 -1.75 7.41
N HIS A 108 -7.21 -0.44 7.25
CA HIS A 108 -6.19 0.41 6.63
C HIS A 108 -4.83 0.19 7.29
N VAL A 109 -3.77 0.37 6.51
CA VAL A 109 -2.42 0.19 7.03
C VAL A 109 -1.70 1.53 7.15
N ALA A 110 -1.86 2.37 6.13
CA ALA A 110 -1.22 3.69 6.12
C ALA A 110 -2.24 4.78 6.43
N LYS A 111 -1.80 6.03 6.31
CA LYS A 111 -2.67 7.17 6.58
C LYS A 111 -3.71 7.33 5.47
N SER A 112 -3.68 6.41 4.50
CA SER A 112 -4.61 6.45 3.38
C SER A 112 -5.99 6.90 3.85
N PRO A 113 -6.76 7.49 2.92
CA PRO A 113 -6.32 7.70 1.55
C PRO A 113 -5.23 8.76 1.44
N TYR A 114 -4.42 8.66 0.39
CA TYR A 114 -3.33 9.61 0.18
C TYR A 114 -3.63 10.52 -1.00
N ILE A 115 -3.91 11.79 -0.70
CA ILE A 115 -4.21 12.77 -1.74
C ILE A 115 -2.96 13.50 -2.18
N LEU A 116 -2.68 13.46 -3.48
CA LEU A 116 -1.51 14.12 -4.04
C LEU A 116 -1.88 14.93 -5.28
N LYS A 117 -2.04 16.24 -5.08
CA LYS A 117 -2.40 17.14 -6.19
C LYS A 117 -1.41 18.29 -6.29
N GLY A 118 -1.50 19.04 -7.38
CA GLY A 118 -0.60 20.17 -7.57
C GLY A 118 -1.18 21.46 -7.04
N SER A 119 -0.35 22.50 -6.97
CA SER A 119 -0.78 23.80 -6.48
C SER A 119 -1.42 24.63 -7.59
N GLY A 120 -2.21 25.63 -7.21
CA GLY A 120 -2.86 26.48 -8.18
C GLY A 120 -4.05 27.21 -7.61
N PRO A 121 -4.28 28.44 -8.09
CA PRO A 121 -5.39 29.28 -7.64
C PRO A 121 -6.75 28.74 -8.09
N SER A 122 -6.81 28.26 -9.33
CA SER A 122 -8.03 27.72 -9.88
C SER A 122 -9.22 28.63 -9.57
N SER A 123 -8.98 29.93 -9.61
CA SER A 123 -10.02 30.90 -9.32
C SER A 123 -10.71 31.36 -10.60
N GLY A 124 -12.01 31.68 -10.49
CA GLY A 124 -12.76 32.12 -11.65
C GLY A 124 -14.20 31.67 -11.61
N GLY A 1 -11.86 -25.35 2.53
CA GLY A 1 -12.56 -26.58 2.27
C GLY A 1 -12.33 -27.62 3.35
N SER A 2 -11.35 -28.50 3.12
CA SER A 2 -11.04 -29.55 4.08
C SER A 2 -10.03 -29.06 5.11
N SER A 3 -10.44 -29.09 6.38
CA SER A 3 -9.57 -28.64 7.47
C SER A 3 -9.78 -29.50 8.71
N GLY A 4 -8.74 -29.59 9.54
CA GLY A 4 -8.82 -30.38 10.75
C GLY A 4 -8.04 -29.77 11.90
N SER A 5 -8.75 -29.15 12.83
CA SER A 5 -8.12 -28.51 13.98
C SER A 5 -7.18 -29.50 14.69
N SER A 6 -6.00 -29.00 15.06
CA SER A 6 -5.01 -29.83 15.74
C SER A 6 -4.99 -29.55 17.23
N GLY A 7 -5.02 -28.26 17.58
CA GLY A 7 -5.01 -27.87 18.98
C GLY A 7 -3.89 -26.89 19.30
N GLU A 8 -4.22 -25.61 19.32
CA GLU A 8 -3.23 -24.57 19.61
C GLU A 8 -3.50 -23.94 20.98
N THR A 9 -2.43 -23.59 21.68
CA THR A 9 -2.54 -22.98 22.99
C THR A 9 -1.79 -21.65 23.05
N GLY A 10 -2.31 -20.71 23.85
CA GLY A 10 -1.67 -19.42 23.98
C GLY A 10 -2.06 -18.47 22.85
N GLY A 11 -1.21 -17.50 22.59
CA GLY A 11 -1.48 -16.53 21.54
C GLY A 11 -0.23 -16.07 20.83
N GLU A 12 -0.07 -16.47 19.58
CA GLU A 12 1.10 -16.10 18.79
C GLU A 12 1.07 -14.61 18.46
N ARG A 13 2.18 -14.11 17.93
CA ARG A 13 2.29 -12.69 17.57
C ARG A 13 1.04 -12.22 16.84
N GLN A 14 0.72 -10.94 16.99
CA GLN A 14 -0.45 -10.36 16.34
C GLN A 14 -0.05 -9.25 15.38
N LEU A 15 -0.08 -9.57 14.08
CA LEU A 15 0.28 -8.60 13.06
C LEU A 15 -0.72 -7.44 13.02
N SER A 16 -0.20 -6.22 13.11
CA SER A 16 -1.05 -5.03 13.09
C SER A 16 -0.73 -4.15 11.89
N PRO A 17 -1.77 -3.75 11.15
CA PRO A 17 -1.62 -2.91 9.96
C PRO A 17 -1.20 -1.48 10.32
N GLU A 18 -1.91 -0.87 11.26
CA GLU A 18 -1.61 0.49 11.69
C GLU A 18 -0.12 0.63 12.03
N LYS A 19 0.49 -0.48 12.43
CA LYS A 19 1.90 -0.48 12.80
C LYS A 19 2.79 -0.51 11.55
N SER A 20 2.44 -1.38 10.61
CA SER A 20 3.20 -1.50 9.37
C SER A 20 3.53 -0.13 8.79
N GLU A 21 4.68 -0.04 8.13
CA GLU A 21 5.10 1.22 7.53
C GLU A 21 5.10 1.12 6.00
N ILE A 22 4.50 2.12 5.36
CA ILE A 22 4.43 2.15 3.90
C ILE A 22 5.30 3.27 3.32
N TRP A 23 6.43 2.89 2.75
CA TRP A 23 7.35 3.86 2.16
C TRP A 23 7.56 3.58 0.67
N GLY A 24 8.10 4.56 -0.04
CA GLY A 24 8.35 4.40 -1.46
C GLY A 24 8.02 5.65 -2.25
N PRO A 25 8.44 5.68 -3.52
CA PRO A 25 8.20 6.82 -4.41
C PRO A 25 6.74 6.96 -4.79
N GLY A 26 5.92 6.01 -4.36
CA GLY A 26 4.50 6.05 -4.67
C GLY A 26 3.79 7.20 -3.99
N LEU A 27 4.55 7.96 -3.20
CA LEU A 27 3.98 9.12 -2.50
C LEU A 27 4.58 10.41 -3.01
N LYS A 28 5.23 10.35 -4.16
CA LYS A 28 5.85 11.52 -4.77
C LYS A 28 4.84 12.28 -5.63
N ALA A 29 5.27 13.40 -6.19
CA ALA A 29 4.41 14.21 -7.04
C ALA A 29 4.61 13.87 -8.52
N ASP A 30 5.83 14.09 -9.01
CA ASP A 30 6.15 13.80 -10.41
C ASP A 30 6.94 12.51 -10.53
N VAL A 31 6.23 11.41 -10.76
CA VAL A 31 6.87 10.10 -10.89
C VAL A 31 7.55 9.96 -12.25
N VAL A 32 8.11 8.78 -12.50
CA VAL A 32 8.80 8.52 -13.77
C VAL A 32 7.81 8.50 -14.93
N LEU A 33 8.31 8.82 -16.12
CA LEU A 33 7.48 8.84 -17.32
C LEU A 33 6.41 7.76 -17.26
N PRO A 34 6.85 6.50 -17.16
CA PRO A 34 5.95 5.34 -17.09
C PRO A 34 5.19 5.28 -15.77
N ALA A 35 5.77 4.58 -14.79
CA ALA A 35 5.15 4.45 -13.49
C ALA A 35 6.13 3.83 -12.48
N ARG A 36 5.84 4.02 -11.19
CA ARG A 36 6.69 3.48 -10.14
C ARG A 36 5.86 2.76 -9.08
N TYR A 37 6.52 1.96 -8.26
CA TYR A 37 5.84 1.21 -7.21
C TYR A 37 6.53 1.41 -5.86
N PHE A 38 5.79 1.17 -4.79
CA PHE A 38 6.34 1.32 -3.44
C PHE A 38 6.45 -0.03 -2.74
N TYR A 39 6.87 -0.01 -1.48
CA TYR A 39 7.01 -1.24 -0.70
C TYR A 39 6.17 -1.17 0.56
N ILE A 40 5.79 -2.35 1.07
CA ILE A 40 4.98 -2.43 2.28
C ILE A 40 5.62 -3.37 3.31
N GLN A 41 6.15 -2.80 4.38
CA GLN A 41 6.79 -3.58 5.43
C GLN A 41 5.82 -3.83 6.58
N ALA A 42 5.61 -5.11 6.90
CA ALA A 42 4.70 -5.48 7.99
C ALA A 42 5.35 -5.24 9.35
N VAL A 43 4.52 -4.94 10.34
CA VAL A 43 5.02 -4.68 11.69
C VAL A 43 4.06 -5.25 12.74
N ASP A 44 4.60 -5.61 13.89
CA ASP A 44 3.81 -6.16 14.97
C ASP A 44 3.09 -5.06 15.74
N THR A 45 2.27 -5.45 16.72
CA THR A 45 1.52 -4.49 17.51
C THR A 45 2.46 -3.68 18.41
N SER A 46 3.71 -4.11 18.49
CA SER A 46 4.70 -3.43 19.32
C SER A 46 5.58 -2.52 18.47
N GLY A 47 5.87 -2.94 17.24
CA GLY A 47 6.69 -2.15 16.36
C GLY A 47 7.93 -2.89 15.90
N ASN A 48 7.77 -4.17 15.61
CA ASN A 48 8.90 -4.99 15.16
C ASN A 48 8.70 -5.46 13.72
N LYS A 49 9.80 -5.72 13.03
CA LYS A 49 9.75 -6.19 11.65
C LYS A 49 9.45 -7.68 11.57
N PHE A 50 8.59 -8.06 10.64
CA PHE A 50 8.21 -9.45 10.47
C PHE A 50 9.25 -10.20 9.63
N THR A 51 9.65 -9.59 8.52
CA THR A 51 10.64 -10.20 7.64
C THR A 51 10.29 -11.65 7.32
N SER A 52 9.00 -11.96 7.38
CA SER A 52 8.53 -13.32 7.11
C SER A 52 7.41 -13.31 6.07
N SER A 53 7.01 -14.49 5.62
CA SER A 53 5.96 -14.62 4.62
C SER A 53 4.60 -14.77 5.30
N PRO A 54 3.74 -13.75 5.12
CA PRO A 54 2.39 -13.74 5.70
C PRO A 54 1.47 -14.76 5.04
N GLY A 55 1.45 -14.76 3.71
CA GLY A 55 0.61 -15.69 2.98
C GLY A 55 0.44 -15.31 1.52
N GLU A 56 -0.59 -15.85 0.87
CA GLU A 56 -0.84 -15.56 -0.53
C GLU A 56 -1.14 -14.07 -0.73
N LYS A 57 -2.32 -13.65 -0.30
CA LYS A 57 -2.73 -12.26 -0.43
C LYS A 57 -3.27 -11.72 0.89
N VAL A 58 -2.49 -10.88 1.56
CA VAL A 58 -2.89 -10.29 2.83
C VAL A 58 -3.04 -8.78 2.72
N PHE A 59 -2.13 -8.16 1.97
CA PHE A 59 -2.16 -6.71 1.78
C PHE A 59 -2.71 -6.36 0.41
N GLN A 60 -3.89 -5.73 0.40
CA GLN A 60 -4.52 -5.32 -0.85
C GLN A 60 -4.30 -3.84 -1.12
N VAL A 61 -4.24 -3.48 -2.40
CA VAL A 61 -4.02 -2.09 -2.79
C VAL A 61 -4.97 -1.69 -3.91
N LYS A 62 -5.52 -0.48 -3.82
CA LYS A 62 -6.44 0.02 -4.83
C LYS A 62 -6.01 1.41 -5.32
N VAL A 63 -6.28 1.69 -6.58
CA VAL A 63 -5.94 2.98 -7.17
C VAL A 63 -7.14 3.64 -7.82
N SER A 64 -7.47 4.84 -7.37
CA SER A 64 -8.61 5.58 -7.89
C SER A 64 -8.19 6.97 -8.35
N ALA A 65 -8.54 7.32 -9.58
CA ALA A 65 -8.20 8.63 -10.14
C ALA A 65 -9.34 9.62 -9.93
N PRO A 66 -9.07 10.67 -9.14
CA PRO A 66 -10.05 11.72 -8.84
C PRO A 66 -10.36 12.58 -10.06
N GLU A 67 -9.42 12.64 -11.00
CA GLU A 67 -9.60 13.44 -12.21
C GLU A 67 -10.32 12.63 -13.29
N GLU A 68 -9.78 11.46 -13.60
CA GLU A 68 -10.39 10.59 -14.62
C GLU A 68 -11.79 10.16 -14.20
N GLN A 69 -12.71 10.21 -15.16
CA GLN A 69 -14.10 9.83 -14.89
C GLN A 69 -14.18 8.43 -14.31
N PHE A 70 -13.57 7.46 -15.00
CA PHE A 70 -13.57 6.07 -14.54
C PHE A 70 -12.21 5.69 -13.96
N THR A 71 -12.14 4.51 -13.38
CA THR A 71 -10.90 4.02 -12.77
C THR A 71 -10.53 2.65 -13.30
N ARG A 72 -9.63 2.62 -14.27
CA ARG A 72 -9.18 1.36 -14.88
C ARG A 72 -7.69 1.15 -14.64
N VAL A 73 -7.37 0.50 -13.53
CA VAL A 73 -5.97 0.22 -13.19
C VAL A 73 -5.77 -1.25 -12.84
N GLY A 74 -4.56 -1.74 -13.08
CA GLY A 74 -4.26 -3.13 -12.79
C GLY A 74 -3.21 -3.29 -11.70
N VAL A 75 -3.63 -3.10 -10.46
CA VAL A 75 -2.72 -3.21 -9.32
C VAL A 75 -2.48 -4.68 -8.97
N GLN A 76 -1.21 -5.02 -8.74
CA GLN A 76 -0.84 -6.39 -8.39
C GLN A 76 0.29 -6.40 -7.35
N VAL A 77 0.07 -7.09 -6.25
CA VAL A 77 1.06 -7.19 -5.19
C VAL A 77 1.94 -8.41 -5.36
N LEU A 78 3.17 -8.20 -5.82
CA LEU A 78 4.11 -9.29 -6.03
C LEU A 78 5.12 -9.37 -4.90
N ASP A 79 5.32 -10.58 -4.37
CA ASP A 79 6.26 -10.79 -3.28
C ASP A 79 7.69 -10.71 -3.77
N ARG A 80 8.46 -9.77 -3.21
CA ARG A 80 9.85 -9.59 -3.60
C ARG A 80 10.79 -10.27 -2.60
N LYS A 81 10.48 -10.12 -1.32
CA LYS A 81 11.29 -10.71 -0.26
C LYS A 81 10.42 -11.49 0.72
N ASP A 82 11.05 -12.00 1.78
CA ASP A 82 10.32 -12.76 2.79
C ASP A 82 9.08 -12.01 3.26
N GLY A 83 9.29 -10.86 3.90
CA GLY A 83 8.18 -10.07 4.39
C GLY A 83 8.07 -8.73 3.69
N SER A 84 8.14 -8.76 2.35
CA SER A 84 8.06 -7.54 1.56
C SER A 84 7.19 -7.75 0.33
N PHE A 85 6.62 -6.67 -0.19
CA PHE A 85 5.76 -6.74 -1.37
C PHE A 85 5.88 -5.47 -2.20
N ILE A 86 5.58 -5.59 -3.49
CA ILE A 86 5.65 -4.45 -4.39
C ILE A 86 4.31 -4.20 -5.08
N VAL A 87 3.86 -2.95 -5.08
CA VAL A 87 2.60 -2.58 -5.70
C VAL A 87 2.83 -1.90 -7.04
N ARG A 88 2.75 -2.67 -8.12
CA ARG A 88 2.95 -2.14 -9.47
C ARG A 88 1.61 -1.95 -10.18
N TYR A 89 1.49 -0.85 -10.90
CA TYR A 89 0.26 -0.54 -11.63
C TYR A 89 0.56 -0.12 -13.06
N ARG A 90 -0.40 -0.34 -13.96
CA ARG A 90 -0.23 0.03 -15.35
C ARG A 90 -1.04 1.27 -15.70
N MET A 91 -0.63 1.97 -16.75
CA MET A 91 -1.31 3.18 -17.18
C MET A 91 -1.05 3.46 -18.66
N TYR A 92 -1.94 4.20 -19.30
CA TYR A 92 -1.81 4.54 -20.71
C TYR A 92 -1.49 6.01 -20.88
N ALA A 93 -2.42 6.87 -20.46
CA ALA A 93 -2.23 8.31 -20.57
C ALA A 93 -3.39 9.07 -19.90
N SER A 94 -3.32 10.39 -19.94
CA SER A 94 -4.34 11.23 -19.33
C SER A 94 -4.41 10.99 -17.83
N TYR A 95 -3.26 10.95 -17.18
CA TYR A 95 -3.19 10.73 -15.74
C TYR A 95 -2.35 11.80 -15.06
N LYS A 96 -3.00 12.59 -14.21
CA LYS A 96 -2.32 13.66 -13.49
C LYS A 96 -2.13 13.29 -12.02
N ASN A 97 -3.23 12.94 -11.36
CA ASN A 97 -3.19 12.57 -9.96
C ASN A 97 -3.75 11.17 -9.74
N LEU A 98 -3.35 10.52 -8.66
CA LEU A 98 -3.81 9.18 -8.34
C LEU A 98 -4.03 9.02 -6.84
N LYS A 99 -5.11 8.33 -6.47
CA LYS A 99 -5.42 8.11 -5.07
C LYS A 99 -4.97 6.71 -4.62
N VAL A 100 -4.02 6.67 -3.71
CA VAL A 100 -3.50 5.41 -3.21
C VAL A 100 -4.31 4.91 -2.01
N GLU A 101 -4.51 3.60 -1.94
CA GLU A 101 -5.28 3.00 -0.85
C GLU A 101 -4.66 1.67 -0.43
N ILE A 102 -4.58 1.45 0.88
CA ILE A 102 -4.02 0.22 1.42
C ILE A 102 -4.80 -0.27 2.63
N LYS A 103 -5.20 -1.53 2.61
CA LYS A 103 -5.95 -2.12 3.71
C LYS A 103 -5.60 -3.59 3.90
N PHE A 104 -5.82 -4.10 5.10
CA PHE A 104 -5.53 -5.50 5.42
C PHE A 104 -6.67 -6.13 6.20
N GLN A 105 -7.40 -7.02 5.55
CA GLN A 105 -8.53 -7.69 6.18
C GLN A 105 -9.56 -6.70 6.67
N GLY A 106 -9.60 -5.53 6.03
CA GLY A 106 -10.54 -4.50 6.42
C GLY A 106 -9.96 -3.52 7.42
N GLN A 107 -8.65 -3.38 7.41
CA GLN A 107 -7.96 -2.48 8.33
C GLN A 107 -6.88 -1.68 7.59
N HIS A 108 -7.05 -0.36 7.55
CA HIS A 108 -6.08 0.51 6.88
C HIS A 108 -4.69 0.37 7.51
N VAL A 109 -3.68 0.29 6.67
CA VAL A 109 -2.30 0.15 7.13
C VAL A 109 -1.64 1.52 7.33
N ALA A 110 -1.73 2.36 6.30
CA ALA A 110 -1.15 3.70 6.36
C ALA A 110 -2.23 4.76 6.34
N LYS A 111 -1.82 6.03 6.28
CA LYS A 111 -2.74 7.15 6.26
C LYS A 111 -3.43 7.27 4.90
N SER A 112 -4.16 6.23 4.51
CA SER A 112 -4.85 6.23 3.23
C SER A 112 -6.33 6.52 3.41
N PRO A 113 -6.99 6.93 2.32
CA PRO A 113 -6.35 7.09 1.02
C PRO A 113 -5.38 8.27 0.99
N TYR A 114 -4.59 8.36 -0.07
CA TYR A 114 -3.62 9.45 -0.22
C TYR A 114 -4.04 10.40 -1.33
N ILE A 115 -4.11 11.69 -1.00
CA ILE A 115 -4.49 12.70 -1.97
C ILE A 115 -3.33 13.64 -2.27
N LEU A 116 -2.78 13.53 -3.48
CA LEU A 116 -1.66 14.36 -3.90
C LEU A 116 -1.93 14.99 -5.25
N LYS A 117 -1.95 16.32 -5.29
CA LYS A 117 -2.19 17.05 -6.53
C LYS A 117 -1.21 18.20 -6.69
N GLY A 118 -0.19 18.23 -5.84
CA GLY A 118 0.80 19.28 -5.90
C GLY A 118 2.13 18.79 -6.43
N SER A 119 2.90 19.70 -7.03
CA SER A 119 4.20 19.35 -7.59
C SER A 119 5.27 20.35 -7.15
N GLY A 120 5.96 20.02 -6.07
CA GLY A 120 7.01 20.90 -5.55
C GLY A 120 6.64 21.52 -4.22
N PRO A 121 7.56 22.29 -3.65
CA PRO A 121 7.36 22.96 -2.36
C PRO A 121 6.33 24.08 -2.44
N SER A 122 6.01 24.66 -1.29
CA SER A 122 5.03 25.74 -1.23
C SER A 122 5.69 27.08 -1.58
N SER A 123 4.87 28.13 -1.62
CA SER A 123 5.37 29.46 -1.95
C SER A 123 5.29 30.38 -0.73
N GLY A 124 6.10 31.43 -0.74
CA GLY A 124 6.12 32.37 0.36
C GLY A 124 7.23 32.10 1.35
N GLY A 1 4.38 1.96 20.32
CA GLY A 1 3.04 2.33 20.76
C GLY A 1 2.15 1.13 20.98
N SER A 2 1.94 0.78 22.25
CA SER A 2 1.10 -0.36 22.61
C SER A 2 0.35 -0.11 23.90
N SER A 3 -0.94 -0.41 23.91
CA SER A 3 -1.78 -0.22 25.09
C SER A 3 -1.24 -1.02 26.27
N GLY A 4 -1.47 -0.50 27.47
CA GLY A 4 -1.00 -1.18 28.67
C GLY A 4 -1.86 -2.37 29.03
N SER A 5 -1.84 -3.39 28.18
CA SER A 5 -2.64 -4.59 28.40
C SER A 5 -2.25 -5.69 27.42
N SER A 6 -1.70 -6.78 27.94
CA SER A 6 -1.28 -7.90 27.10
C SER A 6 -2.29 -8.14 25.98
N GLY A 7 -3.55 -8.36 26.36
CA GLY A 7 -4.58 -8.61 25.38
C GLY A 7 -4.85 -10.08 25.17
N GLU A 8 -5.23 -10.76 26.24
CA GLU A 8 -5.51 -12.19 26.18
C GLU A 8 -4.39 -12.94 25.46
N THR A 9 -3.15 -12.55 25.75
CA THR A 9 -1.99 -13.18 25.14
C THR A 9 -1.92 -14.65 25.49
N GLY A 10 -1.16 -15.41 24.70
CA GLY A 10 -1.02 -16.83 24.95
C GLY A 10 -0.94 -17.63 23.66
N GLY A 11 -0.21 -17.11 22.68
CA GLY A 11 -0.07 -17.80 21.41
C GLY A 11 1.10 -17.29 20.59
N GLU A 12 0.82 -16.77 19.40
CA GLU A 12 1.86 -16.25 18.53
C GLU A 12 1.74 -14.73 18.38
N ARG A 13 2.64 -14.15 17.60
CA ARG A 13 2.65 -12.70 17.38
C ARG A 13 1.33 -12.26 16.73
N GLN A 14 1.15 -10.95 16.62
CA GLN A 14 -0.05 -10.39 16.01
C GLN A 14 0.30 -9.25 15.05
N LEU A 15 0.11 -9.48 13.76
CA LEU A 15 0.40 -8.48 12.75
C LEU A 15 -0.64 -7.38 12.77
N SER A 16 -0.17 -6.13 12.82
CA SER A 16 -1.07 -4.98 12.84
C SER A 16 -0.82 -4.07 11.64
N PRO A 17 -1.88 -3.79 10.88
CA PRO A 17 -1.81 -2.93 9.69
C PRO A 17 -1.56 -1.47 10.05
N GLU A 18 -2.19 -1.01 11.12
CA GLU A 18 -2.03 0.37 11.57
C GLU A 18 -0.57 0.69 11.87
N LYS A 19 0.11 -0.26 12.50
CA LYS A 19 1.52 -0.08 12.84
C LYS A 19 2.39 -0.10 11.59
N SER A 20 2.15 -1.09 10.72
CA SER A 20 2.91 -1.23 9.49
C SER A 20 3.22 0.14 8.88
N GLU A 21 4.46 0.31 8.45
CA GLU A 21 4.88 1.58 7.85
C GLU A 21 4.99 1.46 6.33
N ILE A 22 4.38 2.40 5.62
CA ILE A 22 4.41 2.39 4.17
C ILE A 22 5.28 3.52 3.63
N TRP A 23 6.33 3.14 2.89
CA TRP A 23 7.25 4.12 2.32
C TRP A 23 7.62 3.73 0.89
N GLY A 24 8.17 4.70 0.15
CA GLY A 24 8.56 4.44 -1.22
C GLY A 24 8.64 5.71 -2.05
N PRO A 25 9.25 5.60 -3.23
CA PRO A 25 9.41 6.75 -4.15
C PRO A 25 8.07 7.19 -4.76
N GLY A 26 7.05 6.38 -4.55
CA GLY A 26 5.73 6.70 -5.09
C GLY A 26 5.06 7.83 -4.33
N LEU A 27 5.57 8.11 -3.13
CA LEU A 27 5.00 9.17 -2.30
C LEU A 27 6.07 10.18 -1.90
N LYS A 28 7.12 10.27 -2.72
CA LYS A 28 8.22 11.20 -2.45
C LYS A 28 7.85 12.62 -2.87
N ALA A 29 7.86 12.86 -4.18
CA ALA A 29 7.52 14.18 -4.70
C ALA A 29 7.51 14.17 -6.23
N ASP A 30 6.54 14.87 -6.82
CA ASP A 30 6.41 14.93 -8.27
C ASP A 30 6.86 13.63 -8.92
N VAL A 31 6.41 12.51 -8.37
CA VAL A 31 6.76 11.20 -8.88
C VAL A 31 6.66 11.16 -10.41
N VAL A 32 7.14 10.08 -11.00
CA VAL A 32 7.11 9.93 -12.45
C VAL A 32 5.73 10.29 -13.01
N LEU A 33 5.71 10.77 -14.25
CA LEU A 33 4.47 11.16 -14.89
C LEU A 33 3.37 10.11 -14.66
N PRO A 34 3.64 8.87 -15.09
CA PRO A 34 2.70 7.75 -14.93
C PRO A 34 2.56 7.32 -13.48
N ALA A 35 3.39 6.36 -13.08
CA ALA A 35 3.36 5.86 -11.71
C ALA A 35 4.62 5.06 -11.39
N ARG A 36 4.80 4.73 -10.12
CA ARG A 36 5.97 3.96 -9.68
C ARG A 36 5.57 2.87 -8.69
N TYR A 37 6.53 2.05 -8.30
CA TYR A 37 6.28 0.97 -7.35
C TYR A 37 6.95 1.24 -6.02
N PHE A 38 6.29 0.85 -4.94
CA PHE A 38 6.81 1.06 -3.59
C PHE A 38 6.86 -0.25 -2.82
N TYR A 39 7.32 -0.18 -1.57
CA TYR A 39 7.42 -1.37 -0.72
C TYR A 39 6.49 -1.26 0.47
N ILE A 40 6.18 -2.40 1.09
CA ILE A 40 5.30 -2.43 2.25
C ILE A 40 5.86 -3.34 3.33
N GLN A 41 6.32 -2.74 4.42
CA GLN A 41 6.88 -3.50 5.53
C GLN A 41 5.82 -3.78 6.59
N ALA A 42 5.77 -5.02 7.06
CA ALA A 42 4.80 -5.43 8.08
C ALA A 42 5.31 -5.11 9.47
N VAL A 43 4.39 -4.89 10.40
CA VAL A 43 4.74 -4.57 11.78
C VAL A 43 3.74 -5.18 12.76
N ASP A 44 4.21 -5.46 13.97
CA ASP A 44 3.36 -6.05 15.00
C ASP A 44 2.54 -4.98 15.71
N THR A 45 1.74 -5.40 16.68
CA THR A 45 0.90 -4.47 17.43
C THR A 45 1.74 -3.63 18.39
N SER A 46 2.98 -4.06 18.62
CA SER A 46 3.87 -3.36 19.52
C SER A 46 4.87 -2.51 18.73
N GLY A 47 5.19 -2.96 17.52
CA GLY A 47 6.13 -2.24 16.69
C GLY A 47 7.40 -3.03 16.43
N ASN A 48 7.25 -4.34 16.26
CA ASN A 48 8.39 -5.21 16.01
C ASN A 48 8.43 -5.64 14.54
N LYS A 49 9.52 -5.29 13.86
CA LYS A 49 9.69 -5.64 12.46
C LYS A 49 9.54 -7.14 12.24
N PHE A 50 8.49 -7.53 11.53
CA PHE A 50 8.24 -8.95 11.25
C PHE A 50 9.43 -9.57 10.53
N THR A 51 9.97 -8.86 9.55
CA THR A 51 11.10 -9.35 8.78
C THR A 51 10.85 -10.77 8.27
N SER A 52 9.58 -11.12 8.13
CA SER A 52 9.22 -12.45 7.67
C SER A 52 8.18 -12.37 6.54
N SER A 53 7.83 -13.52 5.97
CA SER A 53 6.86 -13.56 4.89
C SER A 53 5.52 -14.11 5.38
N PRO A 54 4.47 -13.29 5.27
CA PRO A 54 3.12 -13.66 5.69
C PRO A 54 2.50 -14.72 4.80
N GLY A 55 2.64 -14.55 3.49
CA GLY A 55 2.10 -15.51 2.55
C GLY A 55 2.15 -15.01 1.12
N GLU A 56 1.18 -15.44 0.32
CA GLU A 56 1.11 -15.02 -1.08
C GLU A 56 0.46 -13.65 -1.23
N LYS A 57 -0.81 -13.57 -0.86
CA LYS A 57 -1.56 -12.32 -0.94
C LYS A 57 -2.26 -12.02 0.38
N VAL A 58 -1.70 -11.10 1.15
CA VAL A 58 -2.27 -10.72 2.43
C VAL A 58 -2.57 -9.22 2.48
N PHE A 59 -1.80 -8.45 1.72
CA PHE A 59 -1.97 -7.00 1.67
C PHE A 59 -2.71 -6.59 0.40
N GLN A 60 -3.79 -5.82 0.58
CA GLN A 60 -4.58 -5.35 -0.55
C GLN A 60 -4.32 -3.88 -0.82
N VAL A 61 -4.35 -3.50 -2.10
CA VAL A 61 -4.11 -2.12 -2.48
C VAL A 61 -5.16 -1.65 -3.49
N LYS A 62 -5.94 -0.65 -3.11
CA LYS A 62 -6.97 -0.10 -3.98
C LYS A 62 -6.57 1.27 -4.52
N VAL A 63 -6.88 1.52 -5.79
CA VAL A 63 -6.56 2.79 -6.41
C VAL A 63 -7.81 3.48 -6.95
N SER A 64 -7.88 4.79 -6.75
CA SER A 64 -9.03 5.56 -7.21
C SER A 64 -8.60 6.97 -7.62
N ALA A 65 -9.42 7.60 -8.46
CA ALA A 65 -9.13 8.95 -8.93
C ALA A 65 -10.19 9.94 -8.47
N PRO A 66 -9.74 11.13 -8.03
CA PRO A 66 -10.64 12.19 -7.55
C PRO A 66 -11.48 12.80 -8.67
N GLU A 67 -10.80 13.18 -9.76
CA GLU A 67 -11.49 13.78 -10.89
C GLU A 67 -12.13 12.72 -11.77
N GLU A 68 -11.31 11.83 -12.31
CA GLU A 68 -11.81 10.76 -13.17
C GLU A 68 -12.66 9.78 -12.38
N GLN A 69 -13.95 9.70 -12.72
CA GLN A 69 -14.87 8.81 -12.04
C GLN A 69 -14.57 7.35 -12.39
N PHE A 70 -14.62 7.03 -13.68
CA PHE A 70 -14.36 5.68 -14.13
C PHE A 70 -12.86 5.43 -14.30
N THR A 71 -12.26 4.76 -13.34
CA THR A 71 -10.84 4.45 -13.38
C THR A 71 -10.59 2.96 -13.36
N ARG A 72 -10.23 2.40 -14.52
CA ARG A 72 -9.97 0.97 -14.64
C ARG A 72 -8.48 0.69 -14.47
N VAL A 73 -8.11 0.14 -13.31
CA VAL A 73 -6.72 -0.18 -13.04
C VAL A 73 -6.57 -1.63 -12.58
N GLY A 74 -5.40 -2.21 -12.84
CA GLY A 74 -5.16 -3.58 -12.46
C GLY A 74 -3.97 -3.72 -11.51
N VAL A 75 -4.25 -3.64 -10.21
CA VAL A 75 -3.20 -3.75 -9.20
C VAL A 75 -2.85 -5.21 -8.94
N GLN A 76 -1.56 -5.54 -9.08
CA GLN A 76 -1.09 -6.90 -8.87
C GLN A 76 0.07 -6.93 -7.88
N VAL A 77 -0.18 -7.44 -6.69
CA VAL A 77 0.85 -7.53 -5.65
C VAL A 77 1.85 -8.63 -5.96
N LEU A 78 3.05 -8.24 -6.40
CA LEU A 78 4.09 -9.21 -6.73
C LEU A 78 4.98 -9.47 -5.52
N ASP A 79 5.62 -10.63 -5.51
CA ASP A 79 6.52 -11.01 -4.41
C ASP A 79 7.97 -10.84 -4.82
N ARG A 80 8.66 -9.90 -4.17
CA ARG A 80 10.06 -9.65 -4.46
C ARG A 80 10.95 -10.04 -3.29
N LYS A 81 10.67 -9.47 -2.13
CA LYS A 81 11.44 -9.76 -0.92
C LYS A 81 10.59 -10.51 0.10
N ASP A 82 11.23 -11.30 0.95
CA ASP A 82 10.54 -12.07 1.97
C ASP A 82 9.78 -11.15 2.92
N GLY A 83 10.53 -10.36 3.70
CA GLY A 83 9.92 -9.44 4.64
C GLY A 83 9.46 -8.16 3.97
N SER A 84 9.10 -8.25 2.70
CA SER A 84 8.65 -7.08 1.96
C SER A 84 7.81 -7.50 0.74
N PHE A 85 7.24 -6.52 0.06
CA PHE A 85 6.42 -6.78 -1.11
C PHE A 85 6.47 -5.61 -2.09
N ILE A 86 6.04 -5.86 -3.32
CA ILE A 86 6.04 -4.82 -4.36
C ILE A 86 4.65 -4.65 -4.96
N VAL A 87 4.32 -3.41 -5.31
CA VAL A 87 3.02 -3.11 -5.88
C VAL A 87 3.17 -2.60 -7.32
N ARG A 88 2.50 -3.28 -8.25
CA ARG A 88 2.57 -2.90 -9.66
C ARG A 88 1.16 -2.77 -10.24
N TYR A 89 0.99 -1.81 -11.15
CA TYR A 89 -0.31 -1.58 -11.79
C TYR A 89 -0.13 -1.00 -13.19
N ARG A 90 -1.12 -1.25 -14.04
CA ARG A 90 -1.07 -0.77 -15.41
C ARG A 90 -1.70 0.62 -15.52
N MET A 91 -1.28 1.38 -16.53
CA MET A 91 -1.80 2.73 -16.74
C MET A 91 -1.98 3.00 -18.23
N TYR A 92 -3.18 3.45 -18.60
CA TYR A 92 -3.48 3.76 -19.99
C TYR A 92 -2.88 5.10 -20.39
N ALA A 93 -2.79 6.02 -19.43
CA ALA A 93 -2.24 7.34 -19.69
C ALA A 93 -1.74 7.99 -18.39
N SER A 94 -1.04 9.10 -18.53
CA SER A 94 -0.50 9.81 -17.37
C SER A 94 -1.63 10.27 -16.45
N TYR A 95 -1.29 10.49 -15.18
CA TYR A 95 -2.27 10.94 -14.20
C TYR A 95 -1.75 12.15 -13.43
N LYS A 96 -2.58 13.18 -13.34
CA LYS A 96 -2.22 14.40 -12.62
C LYS A 96 -2.28 14.19 -11.11
N ASN A 97 -3.35 13.56 -10.65
CA ASN A 97 -3.53 13.30 -9.22
C ASN A 97 -4.26 11.97 -9.01
N LEU A 98 -3.67 11.10 -8.20
CA LEU A 98 -4.26 9.81 -7.91
C LEU A 98 -4.39 9.59 -6.40
N LYS A 99 -5.39 8.82 -6.00
CA LYS A 99 -5.62 8.52 -4.59
C LYS A 99 -5.25 7.08 -4.26
N VAL A 100 -4.17 6.90 -3.52
CA VAL A 100 -3.71 5.57 -3.14
C VAL A 100 -4.45 5.08 -1.89
N GLU A 101 -4.87 3.82 -1.91
CA GLU A 101 -5.59 3.23 -0.79
C GLU A 101 -5.05 1.83 -0.47
N ILE A 102 -4.84 1.56 0.81
CA ILE A 102 -4.32 0.27 1.25
C ILE A 102 -5.03 -0.20 2.51
N LYS A 103 -5.45 -1.47 2.50
CA LYS A 103 -6.14 -2.05 3.66
C LYS A 103 -5.74 -3.50 3.85
N PHE A 104 -6.16 -4.08 4.98
CA PHE A 104 -5.85 -5.47 5.28
C PHE A 104 -7.03 -6.16 5.96
N GLN A 105 -7.66 -7.08 5.23
CA GLN A 105 -8.81 -7.81 5.76
C GLN A 105 -9.85 -6.84 6.33
N GLY A 106 -9.87 -5.62 5.80
CA GLY A 106 -10.82 -4.63 6.28
C GLY A 106 -10.22 -3.71 7.31
N GLN A 107 -8.95 -3.36 7.14
CA GLN A 107 -8.26 -2.48 8.08
C GLN A 107 -7.11 -1.75 7.39
N HIS A 108 -7.21 -0.42 7.36
CA HIS A 108 -6.17 0.40 6.73
C HIS A 108 -4.80 0.11 7.33
N VAL A 109 -3.77 0.21 6.51
CA VAL A 109 -2.40 -0.05 6.97
C VAL A 109 -1.64 1.26 7.18
N ALA A 110 -1.79 2.19 6.24
CA ALA A 110 -1.12 3.47 6.33
C ALA A 110 -2.13 4.61 6.45
N LYS A 111 -1.63 5.84 6.43
CA LYS A 111 -2.49 7.01 6.54
C LYS A 111 -3.23 7.27 5.22
N SER A 112 -3.86 6.23 4.69
CA SER A 112 -4.60 6.35 3.44
C SER A 112 -6.04 6.79 3.69
N PRO A 113 -6.69 7.30 2.65
CA PRO A 113 -6.08 7.46 1.32
C PRO A 113 -5.00 8.53 1.30
N TYR A 114 -4.32 8.65 0.17
CA TYR A 114 -3.26 9.64 0.01
C TYR A 114 -3.53 10.55 -1.19
N ILE A 115 -3.42 11.85 -0.97
CA ILE A 115 -3.65 12.83 -2.03
C ILE A 115 -2.36 13.55 -2.40
N LEU A 116 -1.80 13.22 -3.56
CA LEU A 116 -0.57 13.84 -4.02
C LEU A 116 -0.85 14.83 -5.14
N LYS A 117 -0.91 16.11 -4.79
CA LYS A 117 -1.17 17.16 -5.77
C LYS A 117 -0.16 18.30 -5.63
N GLY A 118 -0.32 19.33 -6.45
CA GLY A 118 0.58 20.46 -6.40
C GLY A 118 0.68 21.19 -7.72
N SER A 119 0.28 22.46 -7.74
CA SER A 119 0.32 23.26 -8.95
C SER A 119 1.64 23.06 -9.69
N GLY A 120 1.63 23.29 -10.99
CA GLY A 120 2.83 23.13 -11.80
C GLY A 120 2.74 23.84 -13.13
N PRO A 121 3.22 25.08 -13.19
CA PRO A 121 3.21 25.90 -14.40
C PRO A 121 4.17 25.37 -15.47
N SER A 122 5.13 24.57 -15.03
CA SER A 122 6.12 24.00 -15.94
C SER A 122 5.64 22.66 -16.50
N SER A 123 5.87 22.45 -17.79
CA SER A 123 5.46 21.21 -18.45
C SER A 123 6.33 20.05 -17.98
N GLY A 124 7.64 20.22 -18.09
CA GLY A 124 8.56 19.17 -17.68
C GLY A 124 9.97 19.68 -17.47
N GLY A 1 1.35 -27.36 -5.63
CA GLY A 1 1.42 -27.55 -4.19
C GLY A 1 2.14 -26.40 -3.50
N SER A 2 1.79 -26.17 -2.24
CA SER A 2 2.40 -25.10 -1.46
C SER A 2 2.07 -25.23 0.02
N SER A 3 3.08 -25.05 0.87
CA SER A 3 2.89 -25.16 2.31
C SER A 3 1.78 -24.25 2.79
N GLY A 4 1.01 -24.73 3.76
CA GLY A 4 -0.09 -23.94 4.29
C GLY A 4 -0.64 -24.51 5.59
N SER A 5 -1.27 -25.67 5.51
CA SER A 5 -1.84 -26.31 6.69
C SER A 5 -0.74 -26.78 7.63
N SER A 6 -0.72 -26.21 8.83
CA SER A 6 0.28 -26.58 9.84
C SER A 6 -0.30 -26.46 11.25
N GLY A 7 -0.36 -27.60 11.94
CA GLY A 7 -0.88 -27.60 13.29
C GLY A 7 -0.04 -26.79 14.26
N GLU A 8 -0.36 -25.51 14.38
CA GLU A 8 0.38 -24.62 15.27
C GLU A 8 -0.13 -24.73 16.70
N THR A 9 -1.40 -24.41 16.91
CA THR A 9 -2.01 -24.47 18.23
C THR A 9 -1.08 -23.90 19.29
N GLY A 10 -0.40 -22.81 18.95
CA GLY A 10 0.51 -22.18 19.89
C GLY A 10 0.13 -20.75 20.20
N GLY A 11 0.45 -19.84 19.29
CA GLY A 11 0.13 -18.44 19.50
C GLY A 11 1.28 -17.52 19.14
N GLU A 12 1.46 -17.28 17.84
CA GLU A 12 2.53 -16.42 17.36
C GLU A 12 2.15 -14.95 17.48
N ARG A 13 3.07 -14.07 17.14
CA ARG A 13 2.83 -12.63 17.20
C ARG A 13 1.56 -12.26 16.45
N GLN A 14 1.22 -10.98 16.45
CA GLN A 14 0.02 -10.50 15.76
C GLN A 14 0.37 -9.39 14.78
N LEU A 15 0.05 -9.61 13.51
CA LEU A 15 0.33 -8.63 12.47
C LEU A 15 -0.64 -7.46 12.55
N SER A 16 -0.09 -6.25 12.65
CA SER A 16 -0.91 -5.05 12.75
C SER A 16 -0.64 -4.12 11.56
N PRO A 17 -1.71 -3.74 10.85
CA PRO A 17 -1.62 -2.86 9.69
C PRO A 17 -1.26 -1.43 10.08
N GLU A 18 -1.98 -0.88 11.06
CA GLU A 18 -1.73 0.48 11.52
C GLU A 18 -0.25 0.68 11.84
N LYS A 19 0.35 -0.30 12.49
CA LYS A 19 1.76 -0.23 12.86
C LYS A 19 2.64 -0.18 11.61
N SER A 20 2.35 -1.06 10.65
CA SER A 20 3.10 -1.13 9.41
C SER A 20 3.49 0.27 8.93
N GLU A 21 4.66 0.38 8.31
CA GLU A 21 5.15 1.66 7.81
C GLU A 21 5.33 1.61 6.30
N ILE A 22 4.62 2.48 5.60
CA ILE A 22 4.70 2.54 4.13
C ILE A 22 5.52 3.75 3.69
N TRP A 23 6.62 3.48 3.00
CA TRP A 23 7.49 4.55 2.51
C TRP A 23 7.66 4.46 1.00
N GLY A 24 8.07 5.57 0.39
CA GLY A 24 8.25 5.59 -1.05
C GLY A 24 8.18 6.99 -1.62
N PRO A 25 9.13 7.34 -2.51
CA PRO A 25 9.18 8.65 -3.14
C PRO A 25 8.05 8.88 -4.12
N GLY A 26 7.17 7.89 -4.24
CA GLY A 26 6.04 8.00 -5.16
C GLY A 26 5.08 9.10 -4.76
N LEU A 27 4.90 9.28 -3.45
CA LEU A 27 3.99 10.31 -2.95
C LEU A 27 4.55 11.70 -3.22
N LYS A 28 5.79 11.76 -3.69
CA LYS A 28 6.43 13.03 -4.00
C LYS A 28 5.97 13.56 -5.36
N ALA A 29 6.53 14.70 -5.77
CA ALA A 29 6.17 15.31 -7.04
C ALA A 29 7.02 14.73 -8.18
N ASP A 30 8.32 14.93 -8.11
CA ASP A 30 9.23 14.43 -9.12
C ASP A 30 9.41 12.92 -8.99
N VAL A 31 8.48 12.17 -9.59
CA VAL A 31 8.54 10.71 -9.55
C VAL A 31 9.18 10.14 -10.81
N VAL A 32 9.26 8.82 -10.88
CA VAL A 32 9.86 8.15 -12.03
C VAL A 32 9.19 8.60 -13.33
N LEU A 33 9.88 8.38 -14.44
CA LEU A 33 9.35 8.75 -15.75
C LEU A 33 8.20 7.83 -16.16
N PRO A 34 8.50 6.53 -16.27
CA PRO A 34 7.51 5.52 -16.65
C PRO A 34 6.46 5.30 -15.56
N ALA A 35 6.73 4.35 -14.67
CA ALA A 35 5.81 4.03 -13.59
C ALA A 35 6.55 3.94 -12.26
N ARG A 36 5.85 4.25 -11.17
CA ARG A 36 6.44 4.21 -9.84
C ARG A 36 5.80 3.10 -9.00
N TYR A 37 6.57 2.55 -8.08
CA TYR A 37 6.08 1.48 -7.21
C TYR A 37 6.64 1.63 -5.80
N PHE A 38 5.81 1.30 -4.81
CA PHE A 38 6.21 1.39 -3.41
C PHE A 38 6.18 0.02 -2.74
N TYR A 39 6.85 -0.09 -1.59
CA TYR A 39 6.89 -1.34 -0.85
C TYR A 39 5.95 -1.31 0.34
N ILE A 40 5.69 -2.47 0.92
CA ILE A 40 4.81 -2.58 2.08
C ILE A 40 5.43 -3.45 3.17
N GLN A 41 5.90 -2.81 4.23
CA GLN A 41 6.51 -3.53 5.34
C GLN A 41 5.47 -3.92 6.38
N ALA A 42 5.57 -5.14 6.89
CA ALA A 42 4.64 -5.64 7.89
C ALA A 42 5.21 -5.49 9.29
N VAL A 43 4.45 -4.81 10.16
CA VAL A 43 4.88 -4.59 11.54
C VAL A 43 3.90 -5.22 12.53
N ASP A 44 4.40 -5.52 13.71
CA ASP A 44 3.57 -6.13 14.75
C ASP A 44 2.84 -5.06 15.56
N THR A 45 2.09 -5.49 16.57
CA THR A 45 1.35 -4.56 17.42
C THR A 45 2.30 -3.76 18.32
N SER A 46 3.53 -4.23 18.43
CA SER A 46 4.53 -3.56 19.27
C SER A 46 5.39 -2.62 18.43
N GLY A 47 5.74 -3.05 17.22
CA GLY A 47 6.56 -2.24 16.34
C GLY A 47 7.81 -2.96 15.90
N ASN A 48 7.70 -4.26 15.63
CA ASN A 48 8.84 -5.05 15.20
C ASN A 48 8.58 -5.64 13.81
N LYS A 49 9.52 -5.40 12.89
CA LYS A 49 9.41 -5.93 11.54
C LYS A 49 9.20 -7.44 11.54
N PHE A 50 8.32 -7.91 10.67
CA PHE A 50 8.03 -9.34 10.58
C PHE A 50 9.15 -10.07 9.85
N THR A 51 9.64 -9.46 8.78
CA THR A 51 10.72 -10.04 7.99
C THR A 51 10.43 -11.51 7.68
N SER A 52 9.16 -11.88 7.69
CA SER A 52 8.75 -13.25 7.43
C SER A 52 7.67 -13.30 6.34
N SER A 53 7.32 -14.51 5.93
CA SER A 53 6.30 -14.70 4.90
C SER A 53 4.93 -14.95 5.53
N PRO A 54 4.07 -13.93 5.50
CA PRO A 54 2.72 -14.02 6.05
C PRO A 54 1.81 -14.93 5.24
N GLY A 55 1.84 -14.77 3.92
CA GLY A 55 1.02 -15.59 3.06
C GLY A 55 1.14 -15.20 1.60
N GLU A 56 0.15 -15.58 0.80
CA GLU A 56 0.15 -15.26 -0.62
C GLU A 56 -0.34 -13.84 -0.87
N LYS A 57 -1.62 -13.61 -0.60
CA LYS A 57 -2.22 -12.29 -0.79
C LYS A 57 -2.86 -11.79 0.50
N VAL A 58 -2.04 -11.25 1.40
CA VAL A 58 -2.53 -10.74 2.67
C VAL A 58 -2.74 -9.23 2.61
N PHE A 59 -1.92 -8.56 1.81
CA PHE A 59 -2.02 -7.11 1.66
C PHE A 59 -2.56 -6.74 0.28
N GLN A 60 -3.42 -5.73 0.24
CA GLN A 60 -4.01 -5.28 -1.02
C GLN A 60 -3.84 -3.77 -1.19
N VAL A 61 -3.85 -3.32 -2.45
CA VAL A 61 -3.70 -1.91 -2.74
C VAL A 61 -4.70 -1.47 -3.81
N LYS A 62 -5.30 -0.30 -3.61
CA LYS A 62 -6.26 0.25 -4.55
C LYS A 62 -5.87 1.65 -5.00
N VAL A 63 -6.01 1.92 -6.30
CA VAL A 63 -5.67 3.23 -6.85
C VAL A 63 -6.89 3.90 -7.46
N SER A 64 -7.29 5.03 -6.89
CA SER A 64 -8.45 5.77 -7.38
C SER A 64 -8.07 7.20 -7.75
N ALA A 65 -8.60 7.68 -8.87
CA ALA A 65 -8.31 9.03 -9.32
C ALA A 65 -9.53 9.94 -9.16
N PRO A 66 -9.30 11.15 -8.65
CA PRO A 66 -10.37 12.14 -8.43
C PRO A 66 -10.93 12.68 -9.73
N GLU A 67 -10.13 12.62 -10.80
CA GLU A 67 -10.53 13.11 -12.10
C GLU A 67 -11.85 12.46 -12.54
N GLU A 68 -11.82 11.15 -12.72
CA GLU A 68 -13.01 10.41 -13.13
C GLU A 68 -13.23 9.18 -12.25
N GLN A 69 -14.39 9.11 -11.62
CA GLN A 69 -14.73 8.00 -10.74
C GLN A 69 -14.22 6.68 -11.32
N PHE A 70 -14.69 6.35 -12.51
CA PHE A 70 -14.29 5.12 -13.18
C PHE A 70 -12.77 5.04 -13.33
N THR A 71 -12.13 4.26 -12.47
CA THR A 71 -10.68 4.11 -12.49
C THR A 71 -10.29 2.69 -12.90
N ARG A 72 -9.82 2.55 -14.14
CA ARG A 72 -9.41 1.26 -14.66
C ARG A 72 -7.92 1.02 -14.40
N VAL A 73 -7.60 0.54 -13.21
CA VAL A 73 -6.22 0.27 -12.84
C VAL A 73 -6.05 -1.17 -12.36
N GLY A 74 -5.11 -1.89 -12.97
CA GLY A 74 -4.87 -3.27 -12.59
C GLY A 74 -3.73 -3.40 -11.61
N VAL A 75 -4.00 -3.11 -10.34
CA VAL A 75 -2.98 -3.20 -9.30
C VAL A 75 -2.77 -4.65 -8.86
N GLN A 76 -1.52 -5.09 -8.86
CA GLN A 76 -1.18 -6.44 -8.47
C GLN A 76 0.00 -6.45 -7.50
N VAL A 77 -0.04 -7.38 -6.54
CA VAL A 77 1.02 -7.49 -5.54
C VAL A 77 1.84 -8.75 -5.76
N LEU A 78 3.15 -8.64 -5.60
CA LEU A 78 4.06 -9.77 -5.78
C LEU A 78 5.08 -9.84 -4.65
N ASP A 79 5.43 -11.05 -4.25
CA ASP A 79 6.40 -11.26 -3.18
C ASP A 79 7.83 -11.12 -3.70
N ARG A 80 8.58 -10.20 -3.12
CA ARG A 80 9.97 -9.98 -3.53
C ARG A 80 10.94 -10.52 -2.50
N LYS A 81 10.76 -10.11 -1.24
CA LYS A 81 11.63 -10.55 -0.15
C LYS A 81 10.87 -11.46 0.81
N ASP A 82 11.56 -11.94 1.83
CA ASP A 82 10.95 -12.82 2.82
C ASP A 82 9.89 -12.08 3.63
N GLY A 83 10.08 -10.77 3.77
CA GLY A 83 9.13 -9.96 4.54
C GLY A 83 8.80 -8.66 3.84
N SER A 84 8.68 -8.70 2.52
CA SER A 84 8.37 -7.50 1.74
C SER A 84 7.56 -7.85 0.49
N PHE A 85 6.96 -6.84 -0.11
CA PHE A 85 6.16 -7.04 -1.32
C PHE A 85 6.34 -5.88 -2.29
N ILE A 86 5.96 -6.10 -3.55
CA ILE A 86 6.08 -5.08 -4.57
C ILE A 86 4.71 -4.77 -5.20
N VAL A 87 4.44 -3.48 -5.39
CA VAL A 87 3.18 -3.06 -5.99
C VAL A 87 3.37 -2.68 -7.45
N ARG A 88 2.50 -3.19 -8.30
CA ARG A 88 2.55 -2.89 -9.73
C ARG A 88 1.19 -2.49 -10.26
N TYR A 89 1.18 -1.54 -11.20
CA TYR A 89 -0.06 -1.06 -11.79
C TYR A 89 0.13 -0.74 -13.27
N ARG A 90 -0.94 -0.91 -14.05
CA ARG A 90 -0.89 -0.65 -15.48
C ARG A 90 -1.47 0.73 -15.80
N MET A 91 -0.73 1.51 -16.57
CA MET A 91 -1.18 2.85 -16.95
C MET A 91 -0.26 3.45 -18.01
N TYR A 92 -0.85 4.18 -18.95
CA TYR A 92 -0.09 4.80 -20.03
C TYR A 92 -0.48 6.27 -20.19
N ALA A 93 -0.30 7.05 -19.12
CA ALA A 93 -0.63 8.47 -19.15
C ALA A 93 -0.16 9.16 -17.87
N SER A 94 0.24 10.42 -18.00
CA SER A 94 0.72 11.18 -16.86
C SER A 94 -0.21 11.01 -15.66
N TYR A 95 0.25 11.47 -14.50
CA TYR A 95 -0.54 11.37 -13.28
C TYR A 95 -0.73 12.74 -12.64
N LYS A 96 -1.78 13.44 -13.05
CA LYS A 96 -2.08 14.75 -12.51
C LYS A 96 -2.57 14.66 -11.07
N ASN A 97 -3.37 13.64 -10.79
CA ASN A 97 -3.91 13.43 -9.46
C ASN A 97 -4.36 11.98 -9.26
N LEU A 98 -3.81 11.34 -8.24
CA LEU A 98 -4.14 9.94 -7.94
C LEU A 98 -4.41 9.75 -6.46
N LYS A 99 -5.11 8.67 -6.13
CA LYS A 99 -5.45 8.36 -4.74
C LYS A 99 -4.96 6.97 -4.35
N VAL A 100 -4.05 6.92 -3.38
CA VAL A 100 -3.51 5.65 -2.92
C VAL A 100 -4.36 5.06 -1.79
N GLU A 101 -4.47 3.74 -1.77
CA GLU A 101 -5.26 3.07 -0.75
C GLU A 101 -4.63 1.72 -0.38
N ILE A 102 -4.49 1.47 0.92
CA ILE A 102 -3.90 0.23 1.40
C ILE A 102 -4.63 -0.27 2.65
N LYS A 103 -5.29 -1.41 2.52
CA LYS A 103 -6.02 -2.00 3.64
C LYS A 103 -5.63 -3.47 3.83
N PHE A 104 -6.02 -4.03 4.97
CA PHE A 104 -5.72 -5.43 5.28
C PHE A 104 -6.85 -6.06 6.08
N GLN A 105 -7.48 -7.08 5.49
CA GLN A 105 -8.58 -7.78 6.16
C GLN A 105 -9.56 -6.79 6.77
N GLY A 106 -9.69 -5.62 6.14
CA GLY A 106 -10.60 -4.61 6.64
C GLY A 106 -9.95 -3.71 7.67
N GLN A 107 -8.64 -3.51 7.54
CA GLN A 107 -7.91 -2.66 8.48
C GLN A 107 -6.88 -1.80 7.73
N HIS A 108 -7.11 -0.50 7.72
CA HIS A 108 -6.20 0.42 7.05
C HIS A 108 -4.78 0.28 7.58
N VAL A 109 -3.80 0.37 6.68
CA VAL A 109 -2.40 0.23 7.06
C VAL A 109 -1.75 1.60 7.24
N ALA A 110 -1.89 2.46 6.24
CA ALA A 110 -1.33 3.81 6.31
C ALA A 110 -2.43 4.86 6.40
N LYS A 111 -2.02 6.13 6.35
CA LYS A 111 -2.97 7.23 6.44
C LYS A 111 -3.72 7.40 5.11
N SER A 112 -4.26 6.31 4.60
CA SER A 112 -5.01 6.34 3.34
C SER A 112 -6.48 6.59 3.59
N PRO A 113 -7.19 7.03 2.53
CA PRO A 113 -6.59 7.25 1.21
C PRO A 113 -5.65 8.45 1.21
N TYR A 114 -4.80 8.53 0.19
CA TYR A 114 -3.84 9.62 0.06
C TYR A 114 -4.25 10.57 -1.05
N ILE A 115 -4.65 11.79 -0.68
CA ILE A 115 -5.06 12.79 -1.65
C ILE A 115 -3.89 13.71 -2.03
N LEU A 116 -3.31 13.46 -3.20
CA LEU A 116 -2.19 14.27 -3.68
C LEU A 116 -2.55 15.00 -4.97
N LYS A 117 -2.91 16.28 -4.84
CA LYS A 117 -3.28 17.09 -5.99
C LYS A 117 -2.48 18.38 -6.01
N GLY A 118 -2.60 19.12 -7.12
CA GLY A 118 -1.89 20.38 -7.25
C GLY A 118 -1.10 20.48 -8.54
N SER A 119 -0.60 21.67 -8.84
CA SER A 119 0.17 21.89 -10.06
C SER A 119 1.56 22.43 -9.74
N GLY A 120 2.50 22.17 -10.63
CA GLY A 120 3.87 22.63 -10.42
C GLY A 120 3.93 24.11 -10.08
N PRO A 121 4.86 24.47 -9.18
CA PRO A 121 5.05 25.85 -8.75
C PRO A 121 5.63 26.73 -9.85
N SER A 122 6.67 26.23 -10.51
CA SER A 122 7.32 26.98 -11.58
C SER A 122 8.35 26.11 -12.29
N SER A 123 8.96 26.66 -13.33
CA SER A 123 9.98 25.95 -14.10
C SER A 123 11.35 26.53 -13.85
N GLY A 124 12.37 25.66 -13.87
CA GLY A 124 13.73 26.12 -13.64
C GLY A 124 14.75 25.24 -14.35
N GLY A 1 -21.79 -32.58 2.65
CA GLY A 1 -20.73 -32.90 3.59
C GLY A 1 -20.01 -31.67 4.07
N SER A 2 -19.73 -30.74 3.15
CA SER A 2 -19.03 -29.52 3.50
C SER A 2 -17.99 -29.76 4.58
N SER A 3 -17.26 -30.87 4.44
CA SER A 3 -16.23 -31.24 5.42
C SER A 3 -14.98 -30.39 5.21
N GLY A 4 -14.14 -30.34 6.24
CA GLY A 4 -12.92 -29.56 6.16
C GLY A 4 -11.93 -29.90 7.26
N SER A 5 -10.75 -29.30 7.21
CA SER A 5 -9.71 -29.55 8.21
C SER A 5 -8.89 -28.30 8.47
N SER A 6 -8.73 -27.95 9.75
CA SER A 6 -7.97 -26.78 10.12
C SER A 6 -7.60 -26.81 11.60
N GLY A 7 -6.77 -25.88 12.02
CA GLY A 7 -6.35 -25.83 13.41
C GLY A 7 -5.55 -24.57 13.74
N GLU A 8 -6.24 -23.48 14.00
CA GLU A 8 -5.58 -22.22 14.32
C GLU A 8 -5.63 -21.94 15.82
N THR A 9 -4.45 -21.75 16.43
CA THR A 9 -4.37 -21.48 17.85
C THR A 9 -3.44 -20.31 18.13
N GLY A 10 -3.94 -19.34 18.89
CA GLY A 10 -3.14 -18.16 19.22
C GLY A 10 -1.81 -18.53 19.83
N GLY A 11 -0.74 -17.94 19.29
CA GLY A 11 0.60 -18.22 19.80
C GLY A 11 1.62 -17.23 19.31
N GLU A 12 1.67 -17.03 17.99
CA GLU A 12 2.62 -16.09 17.39
C GLU A 12 2.21 -14.66 17.65
N ARG A 13 3.04 -13.71 17.21
CA ARG A 13 2.75 -12.29 17.40
C ARG A 13 1.45 -11.90 16.71
N GLN A 14 1.02 -10.67 16.93
CA GLN A 14 -0.21 -10.17 16.33
C GLN A 14 0.08 -9.06 15.32
N LEU A 15 0.10 -9.42 14.04
CA LEU A 15 0.37 -8.45 12.98
C LEU A 15 -0.55 -7.24 13.10
N SER A 16 0.04 -6.06 13.25
CA SER A 16 -0.73 -4.83 13.37
C SER A 16 -0.58 -3.97 12.12
N PRO A 17 -1.71 -3.68 11.46
CA PRO A 17 -1.73 -2.87 10.24
C PRO A 17 -1.42 -1.41 10.51
N GLU A 18 -2.01 -0.87 11.58
CA GLU A 18 -1.79 0.52 11.95
C GLU A 18 -0.31 0.80 12.18
N LYS A 19 0.39 -0.16 12.77
CA LYS A 19 1.82 -0.02 13.03
C LYS A 19 2.61 -0.02 11.73
N SER A 20 2.42 -1.07 10.94
CA SER A 20 3.13 -1.19 9.66
C SER A 20 3.32 0.17 9.02
N GLU A 21 4.42 0.32 8.29
CA GLU A 21 4.73 1.58 7.62
C GLU A 21 4.82 1.37 6.10
N ILE A 22 4.28 2.33 5.35
CA ILE A 22 4.30 2.25 3.90
C ILE A 22 5.08 3.43 3.30
N TRP A 23 6.33 3.19 2.96
CA TRP A 23 7.17 4.21 2.37
C TRP A 23 7.44 3.95 0.89
N GLY A 24 7.76 4.99 0.14
CA GLY A 24 8.02 4.84 -1.27
C GLY A 24 7.91 6.15 -2.02
N PRO A 25 8.57 6.24 -3.19
CA PRO A 25 8.55 7.44 -4.02
C PRO A 25 7.20 7.68 -4.67
N GLY A 26 6.27 6.75 -4.46
CA GLY A 26 4.94 6.88 -5.03
C GLY A 26 4.05 7.79 -4.22
N LEU A 27 4.41 8.00 -2.95
CA LEU A 27 3.63 8.86 -2.07
C LEU A 27 4.16 10.29 -2.10
N LYS A 28 5.17 10.53 -2.93
CA LYS A 28 5.76 11.85 -3.05
C LYS A 28 4.83 12.81 -3.81
N ALA A 29 5.24 14.05 -3.93
CA ALA A 29 4.45 15.06 -4.64
C ALA A 29 4.80 15.09 -6.12
N ASP A 30 6.09 15.06 -6.42
CA ASP A 30 6.55 15.09 -7.80
C ASP A 30 7.04 13.70 -8.24
N VAL A 31 6.12 12.89 -8.75
CA VAL A 31 6.45 11.55 -9.20
C VAL A 31 7.02 11.57 -10.62
N VAL A 32 7.52 10.42 -11.07
CA VAL A 32 8.09 10.31 -12.40
C VAL A 32 7.01 10.40 -13.47
N LEU A 33 7.42 10.76 -14.68
CA LEU A 33 6.48 10.89 -15.80
C LEU A 33 5.48 9.74 -15.80
N PRO A 34 6.00 8.51 -15.91
CA PRO A 34 5.16 7.30 -15.92
C PRO A 34 4.54 7.01 -14.56
N ALA A 35 5.23 6.24 -13.74
CA ALA A 35 4.73 5.89 -12.41
C ALA A 35 5.85 5.34 -11.54
N ARG A 36 5.55 5.15 -10.25
CA ARG A 36 6.53 4.63 -9.31
C ARG A 36 5.88 3.65 -8.33
N TYR A 37 6.61 2.59 -8.00
CA TYR A 37 6.09 1.57 -7.09
C TYR A 37 6.67 1.76 -5.69
N PHE A 38 6.02 1.16 -4.70
CA PHE A 38 6.48 1.26 -3.32
C PHE A 38 6.57 -0.12 -2.68
N TYR A 39 6.91 -0.15 -1.39
CA TYR A 39 7.04 -1.40 -0.66
C TYR A 39 6.17 -1.40 0.59
N ILE A 40 5.65 -2.57 0.94
CA ILE A 40 4.80 -2.70 2.12
C ILE A 40 5.47 -3.55 3.20
N GLN A 41 5.85 -2.91 4.30
CA GLN A 41 6.51 -3.60 5.39
C GLN A 41 5.52 -3.85 6.53
N ALA A 42 5.53 -5.07 7.06
CA ALA A 42 4.63 -5.43 8.15
C ALA A 42 5.28 -5.13 9.51
N VAL A 43 4.45 -4.79 10.49
CA VAL A 43 4.94 -4.48 11.82
C VAL A 43 4.00 -5.03 12.89
N ASP A 44 4.57 -5.33 14.06
CA ASP A 44 3.78 -5.86 15.17
C ASP A 44 3.11 -4.74 15.95
N THR A 45 2.37 -5.10 17.00
CA THR A 45 1.68 -4.13 17.83
C THR A 45 2.65 -3.41 18.75
N SER A 46 3.94 -3.69 18.58
CA SER A 46 4.97 -3.07 19.41
C SER A 46 5.89 -2.19 18.56
N GLY A 47 5.89 -2.43 17.25
CA GLY A 47 6.72 -1.66 16.36
C GLY A 47 7.94 -2.43 15.89
N ASN A 48 7.77 -3.73 15.69
CA ASN A 48 8.87 -4.58 15.24
C ASN A 48 8.57 -5.17 13.86
N LYS A 49 9.62 -5.34 13.07
CA LYS A 49 9.47 -5.89 11.72
C LYS A 49 9.22 -7.41 11.78
N PHE A 50 8.41 -7.91 10.86
CA PHE A 50 8.10 -9.33 10.81
C PHE A 50 9.18 -10.10 10.06
N THR A 51 9.66 -9.51 8.97
CA THR A 51 10.70 -10.13 8.15
C THR A 51 10.35 -11.58 7.82
N SER A 52 9.06 -11.88 7.84
CA SER A 52 8.58 -13.23 7.55
C SER A 52 7.53 -13.22 6.44
N SER A 53 7.11 -14.41 6.02
CA SER A 53 6.10 -14.52 4.97
C SER A 53 4.72 -14.79 5.56
N PRO A 54 3.91 -13.73 5.65
CA PRO A 54 2.54 -13.82 6.20
C PRO A 54 1.60 -14.60 5.28
N GLY A 55 1.60 -14.24 4.00
CA GLY A 55 0.74 -14.90 3.04
C GLY A 55 0.93 -14.38 1.63
N GLU A 56 0.18 -14.95 0.68
CA GLU A 56 0.26 -14.52 -0.71
C GLU A 56 -0.70 -13.38 -0.99
N LYS A 57 -1.83 -13.38 -0.29
CA LYS A 57 -2.83 -12.33 -0.45
C LYS A 57 -3.31 -11.81 0.90
N VAL A 58 -2.39 -11.25 1.67
CA VAL A 58 -2.70 -10.70 2.98
C VAL A 58 -3.02 -9.21 2.90
N PHE A 59 -2.28 -8.51 2.05
CA PHE A 59 -2.48 -7.07 1.87
C PHE A 59 -3.09 -6.77 0.51
N GLN A 60 -3.60 -5.55 0.35
CA GLN A 60 -4.22 -5.14 -0.90
C GLN A 60 -4.06 -3.63 -1.12
N VAL A 61 -4.12 -3.21 -2.39
CA VAL A 61 -3.98 -1.81 -2.73
C VAL A 61 -5.01 -1.39 -3.77
N LYS A 62 -5.59 -0.22 -3.58
CA LYS A 62 -6.59 0.30 -4.51
C LYS A 62 -6.21 1.68 -5.01
N VAL A 63 -6.21 1.85 -6.33
CA VAL A 63 -5.86 3.13 -6.94
C VAL A 63 -7.02 3.66 -7.79
N SER A 64 -7.41 4.90 -7.51
CA SER A 64 -8.51 5.52 -8.24
C SER A 64 -8.37 7.05 -8.23
N ALA A 65 -8.76 7.68 -9.33
CA ALA A 65 -8.67 9.13 -9.45
C ALA A 65 -9.98 9.79 -9.04
N PRO A 66 -9.88 10.89 -8.28
CA PRO A 66 -11.05 11.64 -7.80
C PRO A 66 -11.77 12.37 -8.93
N GLU A 67 -11.01 12.79 -9.94
CA GLU A 67 -11.59 13.49 -11.08
C GLU A 67 -12.18 12.51 -12.08
N GLU A 68 -11.31 11.79 -12.77
CA GLU A 68 -11.74 10.82 -13.76
C GLU A 68 -12.73 9.82 -13.16
N GLN A 69 -13.89 9.68 -13.78
CA GLN A 69 -14.92 8.77 -13.31
C GLN A 69 -14.47 7.31 -13.49
N PHE A 70 -14.22 6.94 -14.74
CA PHE A 70 -13.79 5.57 -15.05
C PHE A 70 -12.27 5.48 -15.08
N THR A 71 -11.70 4.92 -14.02
CA THR A 71 -10.26 4.77 -13.91
C THR A 71 -9.84 3.32 -14.15
N ARG A 72 -9.25 3.07 -15.32
CA ARG A 72 -8.81 1.72 -15.67
C ARG A 72 -7.34 1.52 -15.29
N VAL A 73 -7.11 0.79 -14.20
CA VAL A 73 -5.75 0.52 -13.74
C VAL A 73 -5.57 -0.95 -13.41
N GLY A 74 -4.41 -1.49 -13.78
CA GLY A 74 -4.12 -2.89 -13.52
C GLY A 74 -3.07 -3.08 -12.45
N VAL A 75 -3.49 -3.07 -11.19
CA VAL A 75 -2.58 -3.24 -10.07
C VAL A 75 -2.36 -4.72 -9.76
N GLN A 76 -1.09 -5.14 -9.78
CA GLN A 76 -0.74 -6.53 -9.50
C GLN A 76 0.26 -6.62 -8.35
N VAL A 77 0.05 -7.59 -7.46
CA VAL A 77 0.93 -7.78 -6.32
C VAL A 77 1.89 -8.94 -6.57
N LEU A 78 3.18 -8.68 -6.48
CA LEU A 78 4.19 -9.70 -6.69
C LEU A 78 5.02 -9.91 -5.42
N ASP A 79 5.45 -11.15 -5.20
CA ASP A 79 6.25 -11.49 -4.03
C ASP A 79 7.74 -11.51 -4.38
N ARG A 80 8.47 -10.55 -3.85
CA ARG A 80 9.91 -10.46 -4.10
C ARG A 80 10.71 -11.01 -2.92
N LYS A 81 10.45 -10.46 -1.74
CA LYS A 81 11.15 -10.90 -0.54
C LYS A 81 10.18 -11.58 0.42
N ASP A 82 10.72 -12.12 1.52
CA ASP A 82 9.90 -12.80 2.52
C ASP A 82 9.49 -11.83 3.63
N GLY A 83 8.93 -10.70 3.25
CA GLY A 83 8.50 -9.72 4.22
C GLY A 83 7.93 -8.46 3.58
N SER A 84 8.57 -8.01 2.50
CA SER A 84 8.14 -6.82 1.80
C SER A 84 7.44 -7.18 0.49
N PHE A 85 6.46 -6.38 0.10
CA PHE A 85 5.71 -6.61 -1.13
C PHE A 85 5.86 -5.44 -2.10
N ILE A 86 5.79 -5.73 -3.39
CA ILE A 86 5.92 -4.71 -4.41
C ILE A 86 4.59 -4.51 -5.16
N VAL A 87 4.25 -3.25 -5.42
CA VAL A 87 3.03 -2.93 -6.13
C VAL A 87 3.32 -2.34 -7.51
N ARG A 88 2.82 -3.00 -8.55
CA ARG A 88 3.04 -2.55 -9.92
C ARG A 88 1.71 -2.35 -10.64
N TYR A 89 1.58 -1.24 -11.37
CA TYR A 89 0.37 -0.93 -12.10
C TYR A 89 0.67 -0.07 -13.33
N ARG A 90 -0.28 -0.01 -14.24
CA ARG A 90 -0.12 0.78 -15.45
C ARG A 90 -1.15 1.90 -15.52
N MET A 91 -0.79 3.00 -16.18
CA MET A 91 -1.68 4.15 -16.31
C MET A 91 -1.86 4.53 -17.77
N TYR A 92 -0.76 4.59 -18.50
CA TYR A 92 -0.79 4.95 -19.92
C TYR A 92 -1.85 6.03 -20.18
N ALA A 93 -2.07 6.87 -19.18
CA ALA A 93 -3.05 7.95 -19.31
C ALA A 93 -2.58 9.20 -18.58
N SER A 94 -3.07 10.35 -19.01
CA SER A 94 -2.70 11.63 -18.39
C SER A 94 -3.49 11.86 -17.11
N TYR A 95 -2.80 11.76 -15.97
CA TYR A 95 -3.43 11.96 -14.67
C TYR A 95 -2.77 13.10 -13.91
N LYS A 96 -3.59 13.98 -13.34
CA LYS A 96 -3.09 15.12 -12.59
C LYS A 96 -2.88 14.74 -11.12
N ASN A 97 -3.79 13.93 -10.59
CA ASN A 97 -3.70 13.50 -9.20
C ASN A 97 -4.23 12.07 -9.04
N LEU A 98 -3.57 11.30 -8.18
CA LEU A 98 -3.98 9.91 -7.94
C LEU A 98 -4.18 9.67 -6.45
N LYS A 99 -4.90 8.59 -6.13
CA LYS A 99 -5.16 8.24 -4.74
C LYS A 99 -4.82 6.77 -4.48
N VAL A 100 -4.15 6.51 -3.36
CA VAL A 100 -3.77 5.16 -3.00
C VAL A 100 -4.43 4.73 -1.69
N GLU A 101 -4.93 3.50 -1.66
CA GLU A 101 -5.60 2.97 -0.47
C GLU A 101 -5.08 1.57 -0.14
N ILE A 102 -4.62 1.40 1.10
CA ILE A 102 -4.11 0.12 1.54
C ILE A 102 -4.85 -0.38 2.78
N LYS A 103 -5.67 -1.42 2.60
CA LYS A 103 -6.44 -1.98 3.70
C LYS A 103 -6.09 -3.46 3.89
N PHE A 104 -6.43 -3.99 5.06
CA PHE A 104 -6.16 -5.40 5.37
C PHE A 104 -7.39 -6.06 5.99
N GLN A 105 -8.16 -6.77 5.16
CA GLN A 105 -9.35 -7.46 5.63
C GLN A 105 -10.34 -6.47 6.24
N GLY A 106 -10.29 -5.22 5.78
CA GLY A 106 -11.18 -4.20 6.29
C GLY A 106 -10.53 -3.35 7.36
N GLN A 107 -9.20 -3.28 7.34
CA GLN A 107 -8.47 -2.49 8.32
C GLN A 107 -7.30 -1.76 7.65
N HIS A 108 -7.36 -0.44 7.66
CA HIS A 108 -6.31 0.38 7.06
C HIS A 108 -4.95 0.08 7.70
N VAL A 109 -3.90 0.17 6.90
CA VAL A 109 -2.55 -0.10 7.39
C VAL A 109 -1.73 1.20 7.49
N ALA A 110 -1.88 2.05 6.49
CA ALA A 110 -1.16 3.33 6.47
C ALA A 110 -2.12 4.50 6.59
N LYS A 111 -1.59 5.71 6.43
CA LYS A 111 -2.41 6.92 6.50
C LYS A 111 -3.25 7.09 5.25
N SER A 112 -3.91 6.01 4.82
CA SER A 112 -4.75 6.05 3.63
C SER A 112 -6.16 6.49 3.98
N PRO A 113 -6.88 7.02 2.98
CA PRO A 113 -6.34 7.18 1.62
C PRO A 113 -5.26 8.25 1.54
N TYR A 114 -4.58 8.32 0.40
CA TYR A 114 -3.51 9.29 0.20
C TYR A 114 -3.86 10.25 -0.93
N ILE A 115 -3.75 11.55 -0.66
CA ILE A 115 -4.04 12.56 -1.66
C ILE A 115 -2.77 13.21 -2.18
N LEU A 116 -2.52 13.03 -3.48
CA LEU A 116 -1.33 13.61 -4.10
C LEU A 116 -1.70 14.47 -5.30
N LYS A 117 -1.52 15.78 -5.15
CA LYS A 117 -1.84 16.74 -6.21
C LYS A 117 -0.56 17.26 -6.86
N GLY A 118 0.58 16.94 -6.26
CA GLY A 118 1.85 17.39 -6.82
C GLY A 118 2.07 18.87 -6.62
N SER A 119 3.23 19.23 -6.06
CA SER A 119 3.56 20.63 -5.82
C SER A 119 5.07 20.83 -5.80
N GLY A 120 5.51 22.01 -6.25
CA GLY A 120 6.92 22.30 -6.29
C GLY A 120 7.22 23.72 -5.86
N PRO A 121 7.32 23.94 -4.53
CA PRO A 121 7.60 25.25 -3.96
C PRO A 121 9.04 25.71 -4.23
N SER A 122 9.21 26.50 -5.29
CA SER A 122 10.54 27.00 -5.65
C SER A 122 10.42 28.17 -6.61
N SER A 123 11.56 28.72 -7.01
CA SER A 123 11.59 29.86 -7.93
C SER A 123 11.24 29.41 -9.34
N GLY A 124 10.51 30.27 -10.06
CA GLY A 124 10.12 29.95 -11.42
C GLY A 124 8.63 29.65 -11.55
N GLY A 1 -13.16 -3.06 16.85
CA GLY A 1 -12.58 -3.33 18.15
C GLY A 1 -11.41 -4.29 18.07
N SER A 2 -11.58 -5.49 18.63
CA SER A 2 -10.52 -6.49 18.62
C SER A 2 -11.11 -7.90 18.72
N SER A 3 -10.51 -8.84 17.98
CA SER A 3 -10.98 -10.21 17.98
C SER A 3 -10.00 -11.12 18.71
N GLY A 4 -10.41 -12.37 18.94
CA GLY A 4 -9.55 -13.32 19.62
C GLY A 4 -10.11 -13.73 20.97
N SER A 5 -9.41 -14.62 21.65
CA SER A 5 -9.85 -15.11 22.95
C SER A 5 -11.15 -15.91 22.83
N SER A 6 -11.22 -16.74 21.80
CA SER A 6 -12.41 -17.55 21.57
C SER A 6 -12.17 -19.00 21.99
N GLY A 7 -11.00 -19.54 21.64
CA GLY A 7 -10.68 -20.91 21.98
C GLY A 7 -9.22 -21.23 21.72
N GLU A 8 -8.33 -20.32 22.11
CA GLU A 8 -6.90 -20.52 21.91
C GLU A 8 -6.09 -19.68 22.89
N THR A 9 -4.85 -20.09 23.13
CA THR A 9 -3.98 -19.37 24.04
C THR A 9 -3.14 -18.32 23.31
N GLY A 10 -2.38 -17.54 24.07
CA GLY A 10 -1.56 -16.51 23.47
C GLY A 10 -0.15 -16.98 23.19
N GLY A 11 0.72 -16.06 22.78
CA GLY A 11 2.09 -16.40 22.49
C GLY A 11 2.50 -16.03 21.07
N GLU A 12 1.61 -16.28 20.12
CA GLU A 12 1.87 -15.97 18.72
C GLU A 12 1.96 -14.46 18.51
N ARG A 13 2.35 -14.06 17.30
CA ARG A 13 2.46 -12.64 16.97
C ARG A 13 1.13 -12.08 16.50
N GLN A 14 0.98 -10.76 16.61
CA GLN A 14 -0.26 -10.10 16.20
C GLN A 14 0.03 -9.02 15.17
N LEU A 15 0.10 -9.42 13.91
CA LEU A 15 0.37 -8.48 12.82
C LEU A 15 -0.47 -7.21 12.98
N SER A 16 0.21 -6.07 12.94
CA SER A 16 -0.47 -4.78 13.09
C SER A 16 -0.38 -3.97 11.80
N PRO A 17 -1.54 -3.74 11.17
CA PRO A 17 -1.63 -2.98 9.92
C PRO A 17 -1.33 -1.50 10.12
N GLU A 18 -1.75 -0.95 11.25
CA GLU A 18 -1.52 0.46 11.57
C GLU A 18 -0.03 0.73 11.79
N LYS A 19 0.64 -0.19 12.48
CA LYS A 19 2.06 -0.06 12.75
C LYS A 19 2.88 -0.10 11.47
N SER A 20 2.47 -0.97 10.55
CA SER A 20 3.17 -1.12 9.27
C SER A 20 3.40 0.25 8.62
N GLU A 21 4.62 0.47 8.16
CA GLU A 21 4.98 1.73 7.52
C GLU A 21 5.16 1.54 6.01
N ILE A 22 4.29 2.19 5.23
CA ILE A 22 4.35 2.10 3.78
C ILE A 22 5.16 3.26 3.19
N TRP A 23 6.41 2.99 2.85
CA TRP A 23 7.28 4.01 2.27
C TRP A 23 7.61 3.68 0.82
N GLY A 24 8.22 4.65 0.13
CA GLY A 24 8.59 4.43 -1.26
C GLY A 24 8.60 5.73 -2.05
N PRO A 25 9.45 5.78 -3.10
CA PRO A 25 9.59 6.96 -3.95
C PRO A 25 8.35 7.19 -4.82
N GLY A 26 7.37 6.30 -4.69
CA GLY A 26 6.15 6.42 -5.48
C GLY A 26 5.27 7.56 -5.00
N LEU A 27 5.12 7.69 -3.69
CA LEU A 27 4.29 8.75 -3.12
C LEU A 27 4.80 10.12 -3.55
N LYS A 28 6.08 10.20 -3.86
CA LYS A 28 6.69 11.46 -4.29
C LYS A 28 5.91 12.07 -5.45
N ALA A 29 5.71 13.38 -5.40
CA ALA A 29 4.99 14.08 -6.45
C ALA A 29 5.65 13.90 -7.80
N ASP A 30 6.96 14.16 -7.86
CA ASP A 30 7.72 14.00 -9.10
C ASP A 30 8.33 12.61 -9.20
N VAL A 31 7.72 11.76 -10.00
CA VAL A 31 8.21 10.39 -10.19
C VAL A 31 9.04 10.28 -11.47
N VAL A 32 9.48 9.06 -11.76
CA VAL A 32 10.28 8.81 -12.95
C VAL A 32 9.46 9.02 -14.22
N LEU A 33 10.11 8.86 -15.38
CA LEU A 33 9.43 9.04 -16.66
C LEU A 33 8.28 8.05 -16.81
N PRO A 34 8.60 6.74 -16.74
CA PRO A 34 7.61 5.68 -16.87
C PRO A 34 6.68 5.61 -15.66
N ALA A 35 7.07 4.81 -14.68
CA ALA A 35 6.27 4.65 -13.46
C ALA A 35 7.14 4.22 -12.29
N ARG A 36 6.62 4.40 -11.08
CA ARG A 36 7.35 4.02 -9.87
C ARG A 36 6.56 3.03 -9.04
N TYR A 37 7.21 2.46 -8.02
CA TYR A 37 6.57 1.49 -7.14
C TYR A 37 6.99 1.68 -5.70
N PHE A 38 6.25 1.08 -4.78
CA PHE A 38 6.56 1.18 -3.35
C PHE A 38 6.61 -0.20 -2.71
N TYR A 39 6.89 -0.22 -1.41
CA TYR A 39 6.97 -1.48 -0.67
C TYR A 39 6.06 -1.46 0.55
N ILE A 40 5.60 -2.63 0.94
CA ILE A 40 4.72 -2.74 2.10
C ILE A 40 5.32 -3.67 3.16
N GLN A 41 5.82 -3.06 4.23
CA GLN A 41 6.43 -3.82 5.33
C GLN A 41 5.43 -4.07 6.45
N ALA A 42 5.33 -5.31 6.88
CA ALA A 42 4.41 -5.69 7.96
C ALA A 42 5.05 -5.49 9.32
N VAL A 43 4.27 -4.94 10.26
CA VAL A 43 4.77 -4.70 11.61
C VAL A 43 3.76 -5.17 12.65
N ASP A 44 4.25 -5.80 13.71
CA ASP A 44 3.40 -6.29 14.78
C ASP A 44 3.03 -5.18 15.75
N THR A 45 2.27 -5.52 16.78
CA THR A 45 1.85 -4.53 17.78
C THR A 45 3.04 -4.01 18.57
N SER A 46 4.19 -4.68 18.43
CA SER A 46 5.39 -4.28 19.13
C SER A 46 6.27 -3.37 18.26
N GLY A 47 5.73 -2.99 17.10
CA GLY A 47 6.46 -2.13 16.20
C GLY A 47 7.65 -2.83 15.56
N ASN A 48 7.60 -4.16 15.55
CA ASN A 48 8.69 -4.95 14.98
C ASN A 48 8.32 -5.46 13.58
N LYS A 49 9.30 -5.48 12.69
CA LYS A 49 9.07 -5.95 11.32
C LYS A 49 8.94 -7.47 11.29
N PHE A 50 7.90 -7.95 10.61
CA PHE A 50 7.66 -9.39 10.50
C PHE A 50 8.78 -10.06 9.72
N THR A 51 9.28 -9.38 8.70
CA THR A 51 10.35 -9.92 7.86
C THR A 51 10.08 -11.36 7.49
N SER A 52 8.81 -11.74 7.48
CA SER A 52 8.42 -13.11 7.14
C SER A 52 7.30 -13.11 6.12
N SER A 53 6.90 -14.31 5.68
CA SER A 53 5.83 -14.44 4.70
C SER A 53 4.52 -14.84 5.37
N PRO A 54 3.59 -13.87 5.46
CA PRO A 54 2.28 -14.09 6.08
C PRO A 54 1.39 -15.01 5.23
N GLY A 55 1.32 -14.73 3.94
CA GLY A 55 0.49 -15.53 3.04
C GLY A 55 0.60 -15.08 1.60
N GLU A 56 -0.18 -15.71 0.73
CA GLU A 56 -0.17 -15.37 -0.69
C GLU A 56 -0.88 -14.04 -0.93
N LYS A 57 -1.94 -13.80 -0.19
CA LYS A 57 -2.72 -12.57 -0.32
C LYS A 57 -3.13 -12.03 1.05
N VAL A 58 -2.46 -10.98 1.49
CA VAL A 58 -2.76 -10.36 2.77
C VAL A 58 -2.95 -8.86 2.64
N PHE A 59 -2.02 -8.21 1.94
CA PHE A 59 -2.09 -6.77 1.74
C PHE A 59 -2.67 -6.43 0.37
N GLN A 60 -3.79 -5.70 0.36
CA GLN A 60 -4.45 -5.32 -0.88
C GLN A 60 -4.31 -3.83 -1.12
N VAL A 61 -4.21 -3.45 -2.39
CA VAL A 61 -4.09 -2.04 -2.76
C VAL A 61 -5.16 -1.64 -3.77
N LYS A 62 -5.70 -0.43 -3.60
CA LYS A 62 -6.74 0.07 -4.50
C LYS A 62 -6.38 1.45 -5.02
N VAL A 63 -6.62 1.69 -6.31
CA VAL A 63 -6.32 2.96 -6.93
C VAL A 63 -7.56 3.55 -7.61
N SER A 64 -7.97 4.73 -7.16
CA SER A 64 -9.14 5.39 -7.71
C SER A 64 -8.84 6.86 -8.02
N ALA A 65 -9.48 7.39 -9.06
CA ALA A 65 -9.29 8.78 -9.46
C ALA A 65 -10.39 9.67 -8.91
N PRO A 66 -10.03 10.88 -8.48
CA PRO A 66 -10.97 11.85 -7.93
C PRO A 66 -11.92 12.39 -8.99
N GLU A 67 -11.37 12.87 -10.10
CA GLU A 67 -12.17 13.42 -11.19
C GLU A 67 -12.85 12.30 -11.98
N GLU A 68 -12.06 11.46 -12.61
CA GLU A 68 -12.59 10.34 -13.40
C GLU A 68 -13.27 9.32 -12.50
N GLN A 69 -14.58 9.19 -12.65
CA GLN A 69 -15.35 8.24 -11.85
C GLN A 69 -14.81 6.82 -12.02
N PHE A 70 -14.09 6.60 -13.12
CA PHE A 70 -13.53 5.29 -13.40
C PHE A 70 -12.17 5.42 -14.08
N THR A 71 -11.26 4.52 -13.74
CA THR A 71 -9.91 4.53 -14.31
C THR A 71 -9.37 3.11 -14.47
N ARG A 72 -8.90 2.80 -15.67
CA ARG A 72 -8.35 1.48 -15.95
C ARG A 72 -6.98 1.32 -15.33
N VAL A 73 -6.93 0.61 -14.20
CA VAL A 73 -5.67 0.38 -13.49
C VAL A 73 -5.51 -1.10 -13.13
N GLY A 74 -4.35 -1.66 -13.44
CA GLY A 74 -4.10 -3.05 -13.12
C GLY A 74 -3.08 -3.22 -12.01
N VAL A 75 -3.50 -2.97 -10.77
CA VAL A 75 -2.62 -3.09 -9.63
C VAL A 75 -2.34 -4.55 -9.29
N GLN A 76 -1.07 -4.89 -9.13
CA GLN A 76 -0.68 -6.25 -8.81
C GLN A 76 0.36 -6.28 -7.70
N VAL A 77 0.12 -7.10 -6.69
CA VAL A 77 1.04 -7.21 -5.56
C VAL A 77 1.88 -8.47 -5.66
N LEU A 78 3.15 -8.30 -6.03
CA LEU A 78 4.07 -9.43 -6.17
C LEU A 78 4.98 -9.54 -4.94
N ASP A 79 5.11 -10.75 -4.41
CA ASP A 79 5.95 -10.99 -3.25
C ASP A 79 7.30 -11.58 -3.67
N ARG A 80 8.37 -10.85 -3.40
CA ARG A 80 9.71 -11.29 -3.75
C ARG A 80 10.37 -12.01 -2.58
N LYS A 81 9.57 -12.77 -1.83
CA LYS A 81 10.08 -13.51 -0.69
C LYS A 81 11.17 -12.72 0.04
N ASP A 82 10.89 -11.45 0.30
CA ASP A 82 11.84 -10.59 0.98
C ASP A 82 11.18 -9.88 2.17
N GLY A 83 10.04 -10.41 2.60
CA GLY A 83 9.33 -9.81 3.72
C GLY A 83 8.40 -8.70 3.29
N SER A 84 8.86 -7.88 2.35
CA SER A 84 8.05 -6.76 1.86
C SER A 84 7.47 -7.09 0.49
N PHE A 85 6.37 -6.41 0.16
CA PHE A 85 5.70 -6.62 -1.13
C PHE A 85 5.83 -5.40 -2.02
N ILE A 86 6.13 -5.62 -3.29
CA ILE A 86 6.29 -4.54 -4.25
C ILE A 86 5.06 -4.41 -5.14
N VAL A 87 4.38 -3.27 -5.03
CA VAL A 87 3.18 -3.02 -5.82
C VAL A 87 3.55 -2.46 -7.20
N ARG A 88 2.96 -3.06 -8.24
CA ARG A 88 3.22 -2.62 -9.61
C ARG A 88 1.93 -2.52 -10.40
N TYR A 89 1.79 -1.43 -11.15
CA TYR A 89 0.59 -1.20 -11.95
C TYR A 89 0.95 -0.62 -13.31
N ARG A 90 0.06 -0.82 -14.29
CA ARG A 90 0.29 -0.32 -15.64
C ARG A 90 -0.90 0.52 -16.10
N MET A 91 -0.59 1.66 -16.72
CA MET A 91 -1.63 2.56 -17.22
C MET A 91 -1.14 3.35 -18.43
N TYR A 92 -1.76 3.10 -19.58
CA TYR A 92 -1.38 3.79 -20.81
C TYR A 92 -2.17 5.08 -20.99
N ALA A 93 -2.27 5.86 -19.91
CA ALA A 93 -2.98 7.12 -19.94
C ALA A 93 -2.40 8.11 -18.93
N SER A 94 -1.87 9.21 -19.45
CA SER A 94 -1.29 10.24 -18.59
C SER A 94 -2.06 10.38 -17.29
N TYR A 95 -1.36 10.32 -16.16
CA TYR A 95 -1.99 10.44 -14.86
C TYR A 95 -1.34 11.54 -14.04
N LYS A 96 -2.09 12.62 -13.81
CA LYS A 96 -1.59 13.75 -13.04
C LYS A 96 -1.65 13.46 -11.54
N ASN A 97 -2.82 13.05 -11.07
CA ASN A 97 -3.01 12.74 -9.66
C ASN A 97 -3.76 11.42 -9.49
N LEU A 98 -3.36 10.64 -8.48
CA LEU A 98 -3.99 9.36 -8.21
C LEU A 98 -4.13 9.12 -6.70
N LYS A 99 -5.29 8.65 -6.28
CA LYS A 99 -5.54 8.38 -4.88
C LYS A 99 -5.14 6.94 -4.52
N VAL A 100 -4.15 6.81 -3.65
CA VAL A 100 -3.68 5.50 -3.22
C VAL A 100 -4.43 5.01 -1.99
N GLU A 101 -4.76 3.72 -1.96
CA GLU A 101 -5.48 3.15 -0.83
C GLU A 101 -4.89 1.78 -0.47
N ILE A 102 -4.91 1.47 0.83
CA ILE A 102 -4.38 0.20 1.30
C ILE A 102 -5.14 -0.27 2.54
N LYS A 103 -5.56 -1.53 2.52
CA LYS A 103 -6.30 -2.11 3.64
C LYS A 103 -5.96 -3.58 3.82
N PHE A 104 -6.24 -4.11 5.00
CA PHE A 104 -5.94 -5.51 5.31
C PHE A 104 -7.13 -6.17 6.03
N GLN A 105 -7.84 -7.02 5.31
CA GLN A 105 -8.99 -7.72 5.88
C GLN A 105 -9.97 -6.72 6.50
N GLY A 106 -10.11 -5.56 5.86
CA GLY A 106 -11.01 -4.55 6.37
C GLY A 106 -10.37 -3.68 7.43
N GLN A 107 -9.05 -3.53 7.36
CA GLN A 107 -8.32 -2.72 8.32
C GLN A 107 -7.23 -1.90 7.63
N HIS A 108 -7.46 -0.59 7.52
CA HIS A 108 -6.50 0.31 6.88
C HIS A 108 -5.11 0.14 7.49
N VAL A 109 -4.10 0.04 6.63
CA VAL A 109 -2.72 -0.11 7.09
C VAL A 109 -2.02 1.24 7.21
N ALA A 110 -2.17 2.07 6.18
CA ALA A 110 -1.56 3.39 6.17
C ALA A 110 -2.59 4.47 6.44
N LYS A 111 -2.17 5.73 6.32
CA LYS A 111 -3.06 6.86 6.55
C LYS A 111 -4.08 6.99 5.42
N SER A 112 -4.05 6.03 4.50
CA SER A 112 -4.98 6.05 3.37
C SER A 112 -6.38 6.46 3.80
N PRO A 113 -7.14 7.04 2.87
CA PRO A 113 -6.68 7.27 1.50
C PRO A 113 -5.61 8.35 1.42
N TYR A 114 -4.74 8.25 0.42
CA TYR A 114 -3.66 9.21 0.23
C TYR A 114 -4.01 10.20 -0.87
N ILE A 115 -3.89 11.48 -0.57
CA ILE A 115 -4.18 12.53 -1.54
C ILE A 115 -2.93 13.34 -1.86
N LEU A 116 -2.36 13.08 -3.04
CA LEU A 116 -1.15 13.79 -3.47
C LEU A 116 -1.35 14.39 -4.86
N LYS A 117 -1.47 15.71 -4.92
CA LYS A 117 -1.65 16.40 -6.19
C LYS A 117 -0.55 17.43 -6.41
N GLY A 118 0.29 17.63 -5.40
CA GLY A 118 1.37 18.59 -5.50
C GLY A 118 0.92 20.00 -5.22
N SER A 119 -0.01 20.50 -6.04
CA SER A 119 -0.51 21.86 -5.88
C SER A 119 0.59 22.89 -6.10
N GLY A 120 1.33 22.73 -7.19
CA GLY A 120 2.40 23.65 -7.50
C GLY A 120 1.90 24.97 -8.08
N PRO A 121 2.77 25.66 -8.81
CA PRO A 121 2.43 26.95 -9.43
C PRO A 121 1.43 26.80 -10.56
N SER A 122 0.97 27.93 -11.11
CA SER A 122 0.01 27.92 -12.21
C SER A 122 0.53 28.73 -13.39
N SER A 123 0.46 28.14 -14.57
CA SER A 123 0.93 28.80 -15.78
C SER A 123 -0.24 29.15 -16.70
N GLY A 124 0.06 29.80 -17.81
CA GLY A 124 -0.97 30.18 -18.76
C GLY A 124 -1.40 31.63 -18.60
N GLY A 1 -17.73 -11.91 4.90
CA GLY A 1 -16.47 -11.26 5.16
C GLY A 1 -16.07 -11.31 6.62
N SER A 2 -15.64 -12.49 7.08
CA SER A 2 -15.24 -12.67 8.47
C SER A 2 -13.93 -13.47 8.55
N SER A 3 -13.19 -13.25 9.63
CA SER A 3 -11.93 -13.95 9.83
C SER A 3 -12.14 -15.27 10.57
N GLY A 4 -11.42 -16.30 10.14
CA GLY A 4 -11.56 -17.61 10.76
C GLY A 4 -10.27 -18.39 10.74
N SER A 5 -9.15 -17.70 10.96
CA SER A 5 -7.83 -18.34 10.95
C SER A 5 -7.61 -19.12 12.25
N SER A 6 -7.17 -20.37 12.11
CA SER A 6 -6.92 -21.22 13.26
C SER A 6 -5.51 -20.98 13.82
N GLY A 7 -4.52 -21.02 12.93
CA GLY A 7 -3.14 -20.81 13.35
C GLY A 7 -2.40 -22.11 13.55
N GLU A 8 -1.16 -22.01 14.02
CA GLU A 8 -0.33 -23.18 14.26
C GLU A 8 0.00 -23.33 15.75
N THR A 9 0.58 -24.47 16.12
CA THR A 9 0.94 -24.72 17.51
C THR A 9 1.63 -23.51 18.12
N GLY A 10 1.27 -23.22 19.37
CA GLY A 10 1.85 -22.08 20.07
C GLY A 10 1.21 -20.76 19.67
N GLY A 11 1.68 -19.67 20.27
CA GLY A 11 1.14 -18.36 19.95
C GLY A 11 2.12 -17.48 19.20
N GLU A 12 1.93 -17.39 17.89
CA GLU A 12 2.82 -16.58 17.06
C GLU A 12 2.66 -15.09 17.39
N ARG A 13 3.51 -14.27 16.78
CA ARG A 13 3.48 -12.83 17.00
C ARG A 13 2.11 -12.26 16.64
N GLN A 14 1.97 -10.94 16.79
CA GLN A 14 0.71 -10.26 16.48
C GLN A 14 0.92 -9.18 15.43
N LEU A 15 0.65 -9.53 14.18
CA LEU A 15 0.80 -8.59 13.08
C LEU A 15 -0.18 -7.43 13.20
N SER A 16 0.33 -6.20 13.12
CA SER A 16 -0.50 -5.02 13.22
C SER A 16 -0.35 -4.14 11.98
N PRO A 17 -1.50 -3.82 11.34
CA PRO A 17 -1.52 -2.99 10.14
C PRO A 17 -1.16 -1.54 10.43
N GLU A 18 -1.84 -0.95 11.42
CA GLU A 18 -1.58 0.44 11.80
C GLU A 18 -0.10 0.68 12.05
N LYS A 19 0.55 -0.30 12.67
CA LYS A 19 1.99 -0.20 12.96
C LYS A 19 2.81 -0.27 11.68
N SER A 20 2.34 -1.07 10.72
CA SER A 20 3.03 -1.23 9.45
C SER A 20 3.45 0.12 8.88
N GLU A 21 4.66 0.19 8.34
CA GLU A 21 5.17 1.43 7.76
C GLU A 21 5.21 1.33 6.24
N ILE A 22 4.42 2.18 5.57
CA ILE A 22 4.38 2.19 4.12
C ILE A 22 5.19 3.35 3.55
N TRP A 23 6.37 3.03 3.02
CA TRP A 23 7.24 4.05 2.44
C TRP A 23 7.45 3.81 0.95
N GLY A 24 7.80 4.87 0.22
CA GLY A 24 8.02 4.73 -1.21
C GLY A 24 7.78 6.04 -1.95
N PRO A 25 8.54 6.25 -3.04
CA PRO A 25 8.42 7.46 -3.85
C PRO A 25 7.11 7.51 -4.63
N GLY A 26 6.27 6.50 -4.44
CA GLY A 26 4.99 6.45 -5.13
C GLY A 26 4.06 7.55 -4.67
N LEU A 27 4.47 8.31 -3.67
CA LEU A 27 3.66 9.41 -3.15
C LEU A 27 4.33 10.75 -3.39
N LYS A 28 5.66 10.77 -3.30
CA LYS A 28 6.43 11.98 -3.51
C LYS A 28 5.94 12.74 -4.74
N ALA A 29 6.17 14.04 -4.77
CA ALA A 29 5.75 14.87 -5.90
C ALA A 29 6.74 14.78 -7.04
N ASP A 30 6.50 15.57 -8.08
CA ASP A 30 7.38 15.58 -9.25
C ASP A 30 7.84 14.17 -9.60
N VAL A 31 6.93 13.21 -9.48
CA VAL A 31 7.24 11.82 -9.78
C VAL A 31 7.82 11.68 -11.18
N VAL A 32 8.09 10.43 -11.57
CA VAL A 32 8.65 10.16 -12.90
C VAL A 32 7.60 10.39 -13.98
N LEU A 33 8.05 10.36 -15.23
CA LEU A 33 7.16 10.57 -16.37
C LEU A 33 5.96 9.62 -16.30
N PRO A 34 6.24 8.32 -16.30
CA PRO A 34 5.20 7.29 -16.23
C PRO A 34 4.52 7.24 -14.87
N ALA A 35 5.06 6.41 -13.98
CA ALA A 35 4.51 6.28 -12.64
C ALA A 35 5.56 5.81 -11.64
N ARG A 36 5.25 5.90 -10.35
CA ARG A 36 6.18 5.48 -9.31
C ARG A 36 5.56 4.40 -8.43
N TYR A 37 6.41 3.62 -7.78
CA TYR A 37 5.95 2.55 -6.90
C TYR A 37 6.40 2.77 -5.48
N PHE A 38 6.09 1.83 -4.60
CA PHE A 38 6.47 1.92 -3.19
C PHE A 38 6.63 0.53 -2.58
N TYR A 39 6.94 0.49 -1.29
CA TYR A 39 7.12 -0.78 -0.58
C TYR A 39 6.12 -0.91 0.56
N ILE A 40 5.79 -2.15 0.90
CA ILE A 40 4.84 -2.42 1.98
C ILE A 40 5.42 -3.42 2.98
N GLN A 41 5.84 -2.93 4.13
CA GLN A 41 6.40 -3.79 5.17
C GLN A 41 5.39 -4.03 6.28
N ALA A 42 5.46 -5.21 6.89
CA ALA A 42 4.55 -5.57 7.97
C ALA A 42 5.19 -5.33 9.33
N VAL A 43 4.41 -4.79 10.26
CA VAL A 43 4.90 -4.51 11.60
C VAL A 43 3.93 -5.02 12.66
N ASP A 44 4.45 -5.78 13.62
CA ASP A 44 3.63 -6.32 14.70
C ASP A 44 3.18 -5.22 15.65
N THR A 45 2.51 -5.62 16.73
CA THR A 45 2.02 -4.67 17.72
C THR A 45 3.16 -4.14 18.59
N SER A 46 4.38 -4.54 18.25
CA SER A 46 5.55 -4.12 19.00
C SER A 46 6.33 -3.06 18.24
N GLY A 47 6.15 -3.03 16.93
CA GLY A 47 6.85 -2.05 16.10
C GLY A 47 8.08 -2.64 15.43
N ASN A 48 8.10 -3.96 15.28
CA ASN A 48 9.24 -4.64 14.66
C ASN A 48 8.87 -5.15 13.27
N LYS A 49 9.88 -5.38 12.44
CA LYS A 49 9.67 -5.88 11.09
C LYS A 49 9.53 -7.40 11.08
N PHE A 50 8.44 -7.88 10.50
CA PHE A 50 8.18 -9.32 10.42
C PHE A 50 9.28 -10.02 9.63
N THR A 51 9.69 -9.40 8.52
CA THR A 51 10.73 -9.97 7.67
C THR A 51 10.44 -11.42 7.33
N SER A 52 9.15 -11.79 7.38
CA SER A 52 8.74 -13.16 7.07
C SER A 52 7.59 -13.16 6.06
N SER A 53 7.24 -14.35 5.59
CA SER A 53 6.16 -14.50 4.61
C SER A 53 4.83 -14.74 5.32
N PRO A 54 3.93 -13.74 5.21
CA PRO A 54 2.60 -13.81 5.83
C PRO A 54 1.70 -14.83 5.14
N GLY A 55 1.62 -14.75 3.81
CA GLY A 55 0.78 -15.66 3.06
C GLY A 55 0.83 -15.39 1.57
N GLU A 56 -0.34 -15.29 0.95
CA GLU A 56 -0.44 -15.04 -0.48
C GLU A 56 -0.98 -13.63 -0.75
N LYS A 57 -2.25 -13.42 -0.42
CA LYS A 57 -2.88 -12.13 -0.62
C LYS A 57 -3.34 -11.53 0.71
N VAL A 58 -2.45 -10.81 1.38
CA VAL A 58 -2.77 -10.20 2.66
C VAL A 58 -3.00 -8.70 2.50
N PHE A 59 -2.09 -8.04 1.81
CA PHE A 59 -2.19 -6.60 1.58
C PHE A 59 -2.69 -6.30 0.18
N GLN A 60 -3.81 -5.60 0.09
CA GLN A 60 -4.40 -5.25 -1.20
C GLN A 60 -4.32 -3.75 -1.44
N VAL A 61 -3.98 -3.36 -2.66
CA VAL A 61 -3.88 -1.95 -3.03
C VAL A 61 -4.91 -1.57 -4.08
N LYS A 62 -5.30 -0.31 -4.10
CA LYS A 62 -6.29 0.19 -5.05
C LYS A 62 -5.94 1.60 -5.51
N VAL A 63 -6.21 1.90 -6.78
CA VAL A 63 -5.94 3.21 -7.33
C VAL A 63 -7.17 3.77 -8.05
N SER A 64 -7.60 4.95 -7.62
CA SER A 64 -8.77 5.60 -8.21
C SER A 64 -8.59 7.11 -8.25
N ALA A 65 -9.12 7.74 -9.30
CA ALA A 65 -9.02 9.18 -9.46
C ALA A 65 -10.29 9.87 -8.96
N PRO A 66 -10.12 11.03 -8.29
CA PRO A 66 -11.23 11.80 -7.75
C PRO A 66 -12.07 12.46 -8.85
N GLU A 67 -11.43 12.76 -9.97
CA GLU A 67 -12.11 13.38 -11.10
C GLU A 67 -12.68 12.33 -12.05
N GLU A 68 -11.79 11.56 -12.66
CA GLU A 68 -12.19 10.51 -13.60
C GLU A 68 -13.08 9.47 -12.90
N GLN A 69 -14.39 9.55 -13.15
CA GLN A 69 -15.33 8.63 -12.55
C GLN A 69 -14.80 7.20 -12.60
N PHE A 70 -14.27 6.81 -13.75
CA PHE A 70 -13.74 5.47 -13.93
C PHE A 70 -12.24 5.51 -14.22
N THR A 71 -11.52 4.49 -13.77
CA THR A 71 -10.07 4.42 -13.99
C THR A 71 -9.66 3.02 -14.41
N ARG A 72 -9.06 2.93 -15.60
CA ARG A 72 -8.61 1.64 -16.12
C ARG A 72 -7.17 1.36 -15.71
N VAL A 73 -7.01 0.74 -14.54
CA VAL A 73 -5.69 0.41 -14.03
C VAL A 73 -5.64 -1.01 -13.51
N GLY A 74 -4.61 -1.75 -13.91
CA GLY A 74 -4.46 -3.13 -13.49
C GLY A 74 -3.33 -3.31 -12.50
N VAL A 75 -3.60 -2.99 -11.23
CA VAL A 75 -2.59 -3.12 -10.18
C VAL A 75 -2.29 -4.58 -9.88
N GLN A 76 -1.05 -4.86 -9.50
CA GLN A 76 -0.63 -6.21 -9.19
C GLN A 76 0.37 -6.23 -8.03
N VAL A 77 -0.05 -6.81 -6.91
CA VAL A 77 0.81 -6.89 -5.74
C VAL A 77 1.34 -8.30 -5.54
N LEU A 78 2.66 -8.45 -5.60
CA LEU A 78 3.30 -9.74 -5.43
C LEU A 78 4.50 -9.64 -4.50
N ASP A 79 4.94 -10.78 -3.98
CA ASP A 79 6.08 -10.81 -3.06
C ASP A 79 7.37 -11.09 -3.84
N ARG A 80 8.15 -10.05 -4.07
CA ARG A 80 9.41 -10.18 -4.80
C ARG A 80 10.59 -10.28 -3.82
N LYS A 81 10.44 -9.65 -2.66
CA LYS A 81 11.50 -9.67 -1.65
C LYS A 81 11.30 -10.84 -0.69
N ASP A 82 12.14 -10.90 0.34
CA ASP A 82 12.05 -11.95 1.34
C ASP A 82 11.37 -11.46 2.61
N GLY A 83 10.14 -10.98 2.46
CA GLY A 83 9.40 -10.48 3.61
C GLY A 83 8.69 -9.16 3.31
N SER A 84 8.76 -8.72 2.06
CA SER A 84 8.13 -7.47 1.65
C SER A 84 7.41 -7.65 0.31
N PHE A 85 6.28 -6.96 0.17
CA PHE A 85 5.49 -7.04 -1.06
C PHE A 85 5.74 -5.82 -1.94
N ILE A 86 5.80 -6.04 -3.24
CA ILE A 86 6.03 -4.95 -4.20
C ILE A 86 4.80 -4.70 -5.05
N VAL A 87 4.46 -3.43 -5.23
CA VAL A 87 3.30 -3.05 -6.03
C VAL A 87 3.72 -2.59 -7.42
N ARG A 88 2.97 -3.02 -8.43
CA ARG A 88 3.27 -2.64 -9.81
C ARG A 88 1.99 -2.37 -10.58
N TYR A 89 1.92 -1.19 -11.20
CA TYR A 89 0.74 -0.80 -11.97
C TYR A 89 1.10 0.27 -13.01
N ARG A 90 0.44 0.21 -14.16
CA ARG A 90 0.69 1.16 -15.23
C ARG A 90 -0.59 1.44 -16.03
N MET A 91 -0.75 2.69 -16.45
CA MET A 91 -1.94 3.07 -17.22
C MET A 91 -1.53 3.81 -18.49
N TYR A 92 -0.24 4.08 -18.63
CA TYR A 92 0.28 4.79 -19.80
C TYR A 92 -0.71 5.85 -20.27
N ALA A 93 -1.45 6.43 -19.32
CA ALA A 93 -2.42 7.46 -19.64
C ALA A 93 -2.19 8.71 -18.80
N SER A 94 -2.05 9.86 -19.46
CA SER A 94 -1.82 11.12 -18.78
C SER A 94 -2.71 11.24 -17.55
N TYR A 95 -2.09 11.38 -16.38
CA TYR A 95 -2.83 11.51 -15.14
C TYR A 95 -2.43 12.78 -14.39
N LYS A 96 -3.42 13.43 -13.78
CA LYS A 96 -3.18 14.66 -13.03
C LYS A 96 -3.28 14.41 -11.53
N ASN A 97 -4.29 13.65 -11.12
CA ASN A 97 -4.49 13.35 -9.72
C ASN A 97 -4.80 11.86 -9.53
N LEU A 98 -4.31 11.30 -8.42
CA LEU A 98 -4.53 9.89 -8.12
C LEU A 98 -4.67 9.67 -6.61
N LYS A 99 -5.29 8.55 -6.24
CA LYS A 99 -5.49 8.22 -4.84
C LYS A 99 -5.16 6.76 -4.58
N VAL A 100 -4.29 6.52 -3.60
CA VAL A 100 -3.89 5.16 -3.25
C VAL A 100 -4.66 4.66 -2.03
N GLU A 101 -5.19 3.45 -2.13
CA GLU A 101 -5.96 2.86 -1.03
C GLU A 101 -5.41 1.48 -0.67
N ILE A 102 -5.12 1.28 0.61
CA ILE A 102 -4.59 0.00 1.08
C ILE A 102 -5.35 -0.47 2.32
N LYS A 103 -6.04 -1.59 2.18
CA LYS A 103 -6.81 -2.16 3.28
C LYS A 103 -6.37 -3.60 3.57
N PHE A 104 -6.73 -4.10 4.74
CA PHE A 104 -6.37 -5.45 5.13
C PHE A 104 -7.44 -6.06 6.05
N GLN A 105 -8.11 -7.08 5.56
CA GLN A 105 -9.16 -7.75 6.34
C GLN A 105 -10.26 -6.76 6.72
N GLY A 106 -10.40 -5.71 5.92
CA GLY A 106 -11.43 -4.71 6.19
C GLY A 106 -10.95 -3.64 7.14
N GLN A 107 -9.75 -3.11 6.88
CA GLN A 107 -9.18 -2.07 7.73
C GLN A 107 -7.96 -1.44 7.07
N HIS A 108 -7.86 -0.13 7.14
CA HIS A 108 -6.73 0.59 6.55
C HIS A 108 -5.44 0.28 7.28
N VAL A 109 -4.33 0.25 6.54
CA VAL A 109 -3.03 -0.05 7.12
C VAL A 109 -2.24 1.24 7.35
N ALA A 110 -2.40 2.20 6.46
CA ALA A 110 -1.70 3.48 6.56
C ALA A 110 -2.68 4.64 6.60
N LYS A 111 -2.15 5.86 6.58
CA LYS A 111 -2.98 7.06 6.61
C LYS A 111 -3.93 7.09 5.42
N SER A 112 -3.72 6.18 4.48
CA SER A 112 -4.56 6.11 3.28
C SER A 112 -6.01 6.46 3.61
N PRO A 113 -6.72 7.00 2.62
CA PRO A 113 -6.17 7.25 1.29
C PRO A 113 -5.14 8.38 1.29
N TYR A 114 -4.39 8.48 0.19
CA TYR A 114 -3.37 9.51 0.07
C TYR A 114 -3.69 10.47 -1.08
N ILE A 115 -4.21 11.63 -0.74
CA ILE A 115 -4.57 12.64 -1.75
C ILE A 115 -3.32 13.35 -2.27
N LEU A 116 -2.92 13.02 -3.50
CA LEU A 116 -1.74 13.62 -4.11
C LEU A 116 -2.16 14.65 -5.17
N LYS A 117 -1.83 15.91 -4.92
CA LYS A 117 -2.16 16.99 -5.85
C LYS A 117 -1.36 18.25 -5.53
N GLY A 118 -0.97 18.96 -6.58
CA GLY A 118 -0.19 20.18 -6.39
C GLY A 118 -0.41 21.18 -7.51
N SER A 119 -0.83 22.40 -7.15
CA SER A 119 -1.09 23.44 -8.13
C SER A 119 -0.05 24.55 -8.01
N GLY A 120 0.27 24.92 -6.77
CA GLY A 120 1.25 25.98 -6.55
C GLY A 120 2.49 25.47 -5.86
N PRO A 121 3.46 26.38 -5.62
CA PRO A 121 4.71 26.04 -4.96
C PRO A 121 4.53 25.71 -3.48
N SER A 122 3.30 25.81 -3.02
CA SER A 122 2.98 25.52 -1.62
C SER A 122 2.53 24.08 -1.45
N SER A 123 2.85 23.50 -0.29
CA SER A 123 2.48 22.12 0.00
C SER A 123 0.97 21.95 0.01
N GLY A 124 0.29 22.78 0.80
CA GLY A 124 -1.16 22.69 0.89
C GLY A 124 -1.79 24.03 1.24
N GLY A 1 -22.94 -7.02 5.69
CA GLY A 1 -23.74 -7.97 6.43
C GLY A 1 -22.96 -8.70 7.50
N SER A 2 -21.82 -9.27 7.11
CA SER A 2 -20.97 -10.00 8.04
C SER A 2 -20.48 -9.09 9.16
N SER A 3 -20.34 -9.66 10.35
CA SER A 3 -19.88 -8.89 11.51
C SER A 3 -19.63 -9.82 12.71
N GLY A 4 -18.69 -9.43 13.56
CA GLY A 4 -18.36 -10.23 14.73
C GLY A 4 -17.38 -11.34 14.41
N SER A 5 -16.10 -11.07 14.62
CA SER A 5 -15.07 -12.06 14.34
C SER A 5 -13.95 -11.98 15.39
N SER A 6 -13.64 -13.12 16.01
CA SER A 6 -12.60 -13.18 17.03
C SER A 6 -11.45 -14.07 16.58
N GLY A 7 -10.35 -14.04 17.33
CA GLY A 7 -9.20 -14.85 16.99
C GLY A 7 -7.92 -14.32 17.61
N GLU A 8 -7.65 -14.73 18.85
CA GLU A 8 -6.45 -14.29 19.55
C GLU A 8 -5.69 -15.48 20.13
N THR A 9 -4.88 -16.12 19.29
CA THR A 9 -4.10 -17.27 19.71
C THR A 9 -3.06 -16.89 20.75
N GLY A 10 -3.00 -17.65 21.84
CA GLY A 10 -2.03 -17.36 22.89
C GLY A 10 -0.68 -17.97 22.61
N GLY A 11 0.23 -17.16 22.07
CA GLY A 11 1.57 -17.65 21.77
C GLY A 11 2.27 -16.81 20.72
N GLU A 12 1.73 -16.81 19.51
CA GLU A 12 2.31 -16.04 18.41
C GLU A 12 1.97 -14.56 18.55
N ARG A 13 2.69 -13.72 17.82
CA ARG A 13 2.47 -12.29 17.85
C ARG A 13 1.23 -11.91 17.03
N GLN A 14 0.83 -10.65 17.13
CA GLN A 14 -0.34 -10.16 16.39
C GLN A 14 0.06 -9.07 15.40
N LEU A 15 0.00 -9.40 14.12
CA LEU A 15 0.36 -8.45 13.08
C LEU A 15 -0.56 -7.24 13.11
N SER A 16 0.03 -6.05 13.19
CA SER A 16 -0.74 -4.81 13.23
C SER A 16 -0.51 -3.98 11.97
N PRO A 17 -1.59 -3.69 11.24
CA PRO A 17 -1.53 -2.90 10.00
C PRO A 17 -1.19 -1.44 10.27
N GLU A 18 -1.92 -0.82 11.21
CA GLU A 18 -1.70 0.58 11.55
C GLU A 18 -0.22 0.84 11.82
N LYS A 19 0.40 -0.06 12.58
CA LYS A 19 1.82 0.07 12.92
C LYS A 19 2.68 0.04 11.66
N SER A 20 2.39 -0.90 10.77
CA SER A 20 3.15 -1.05 9.54
C SER A 20 3.51 0.32 8.97
N GLU A 21 4.62 0.37 8.22
CA GLU A 21 5.07 1.61 7.62
C GLU A 21 5.14 1.49 6.09
N ILE A 22 4.53 2.45 5.41
CA ILE A 22 4.52 2.45 3.95
C ILE A 22 5.31 3.64 3.39
N TRP A 23 6.49 3.36 2.88
CA TRP A 23 7.34 4.40 2.30
C TRP A 23 7.26 4.40 0.78
N GLY A 24 7.71 5.49 0.17
CA GLY A 24 7.67 5.59 -1.27
C GLY A 24 7.47 7.03 -1.74
N PRO A 25 7.92 7.32 -2.98
CA PRO A 25 7.79 8.66 -3.57
C PRO A 25 6.34 8.99 -3.91
N GLY A 26 5.43 8.08 -3.60
CA GLY A 26 4.03 8.31 -3.88
C GLY A 26 3.46 9.49 -3.13
N LEU A 27 3.79 9.58 -1.84
CA LEU A 27 3.31 10.67 -1.00
C LEU A 27 4.16 11.93 -1.20
N LYS A 28 4.48 12.21 -2.46
CA LYS A 28 5.28 13.39 -2.78
C LYS A 28 4.53 14.31 -3.74
N ALA A 29 5.05 15.53 -3.91
CA ALA A 29 4.44 16.50 -4.80
C ALA A 29 4.53 16.05 -6.25
N ASP A 30 5.74 15.74 -6.70
CA ASP A 30 5.97 15.30 -8.07
C ASP A 30 6.18 13.80 -8.13
N VAL A 31 5.10 13.05 -8.34
CA VAL A 31 5.17 11.60 -8.43
C VAL A 31 5.62 11.14 -9.80
N VAL A 32 5.70 9.83 -9.99
CA VAL A 32 6.12 9.26 -11.27
C VAL A 32 5.14 9.61 -12.37
N LEU A 33 5.66 9.78 -13.59
CA LEU A 33 4.82 10.12 -14.73
C LEU A 33 4.01 8.91 -15.19
N PRO A 34 4.72 7.84 -15.59
CA PRO A 34 4.08 6.61 -16.05
C PRO A 34 3.38 5.85 -14.92
N ALA A 35 4.11 4.95 -14.28
CA ALA A 35 3.57 4.17 -13.18
C ALA A 35 4.40 4.33 -11.92
N ARG A 36 3.87 3.87 -10.80
CA ARG A 36 4.57 3.97 -9.51
C ARG A 36 4.66 2.61 -8.84
N TYR A 37 5.70 2.42 -8.03
CA TYR A 37 5.90 1.16 -7.33
C TYR A 37 6.58 1.39 -5.98
N PHE A 38 5.99 0.84 -4.92
CA PHE A 38 6.54 1.00 -3.58
C PHE A 38 6.60 -0.36 -2.87
N TYR A 39 7.01 -0.33 -1.61
CA TYR A 39 7.12 -1.55 -0.82
C TYR A 39 6.22 -1.48 0.42
N ILE A 40 5.63 -2.62 0.78
CA ILE A 40 4.75 -2.69 1.94
C ILE A 40 5.33 -3.60 3.01
N GLN A 41 5.78 -3.00 4.11
CA GLN A 41 6.36 -3.77 5.21
C GLN A 41 5.35 -3.93 6.35
N ALA A 42 5.31 -5.13 6.91
CA ALA A 42 4.38 -5.42 8.01
C ALA A 42 5.04 -5.16 9.35
N VAL A 43 4.22 -4.85 10.36
CA VAL A 43 4.72 -4.57 11.70
C VAL A 43 3.74 -5.07 12.77
N ASP A 44 4.27 -5.43 13.93
CA ASP A 44 3.45 -5.91 15.02
C ASP A 44 2.71 -4.76 15.69
N THR A 45 1.99 -5.08 16.77
CA THR A 45 1.24 -4.07 17.50
C THR A 45 2.16 -3.13 18.26
N SER A 46 3.38 -3.60 18.53
CA SER A 46 4.36 -2.80 19.26
C SER A 46 5.24 -2.01 18.30
N GLY A 47 5.87 -2.71 17.37
CA GLY A 47 6.73 -2.07 16.40
C GLY A 47 7.89 -2.94 15.97
N ASN A 48 7.64 -4.24 15.85
CA ASN A 48 8.66 -5.19 15.44
C ASN A 48 8.37 -5.76 14.06
N LYS A 49 9.21 -5.42 13.09
CA LYS A 49 9.04 -5.89 11.73
C LYS A 49 8.91 -7.41 11.69
N PHE A 50 7.91 -7.90 10.96
CA PHE A 50 7.67 -9.33 10.85
C PHE A 50 8.79 -10.00 10.06
N THR A 51 9.14 -9.41 8.91
CA THR A 51 10.19 -9.95 8.07
C THR A 51 9.91 -11.41 7.72
N SER A 52 8.64 -11.78 7.70
CA SER A 52 8.25 -13.14 7.38
C SER A 52 7.21 -13.17 6.27
N SER A 53 6.82 -14.37 5.87
CA SER A 53 5.83 -14.53 4.80
C SER A 53 4.44 -14.80 5.39
N PRO A 54 3.60 -13.76 5.42
CA PRO A 54 2.23 -13.86 5.95
C PRO A 54 1.32 -14.69 5.05
N GLY A 55 1.38 -14.43 3.75
CA GLY A 55 0.55 -15.17 2.81
C GLY A 55 0.69 -14.64 1.40
N GLU A 56 -0.14 -15.16 0.49
CA GLU A 56 -0.10 -14.74 -0.90
C GLU A 56 -0.81 -13.40 -1.09
N LYS A 57 -2.02 -13.30 -0.53
CA LYS A 57 -2.80 -12.07 -0.63
C LYS A 57 -3.18 -11.55 0.76
N VAL A 58 -2.31 -10.72 1.33
CA VAL A 58 -2.55 -10.15 2.64
C VAL A 58 -2.63 -8.63 2.57
N PHE A 59 -1.99 -8.06 1.55
CA PHE A 59 -1.99 -6.60 1.38
C PHE A 59 -2.40 -6.24 -0.05
N GLN A 60 -3.45 -5.43 -0.17
CA GLN A 60 -3.94 -5.00 -1.48
C GLN A 60 -3.89 -3.49 -1.61
N VAL A 61 -3.62 -3.01 -2.81
CA VAL A 61 -3.54 -1.57 -3.06
C VAL A 61 -4.50 -1.16 -4.18
N LYS A 62 -5.35 -0.19 -3.88
CA LYS A 62 -6.32 0.31 -4.86
C LYS A 62 -6.05 1.76 -5.21
N VAL A 63 -6.31 2.13 -6.47
CA VAL A 63 -6.10 3.49 -6.93
C VAL A 63 -7.36 4.06 -7.57
N SER A 64 -7.67 5.31 -7.24
CA SER A 64 -8.86 5.96 -7.79
C SER A 64 -8.61 7.46 -7.99
N ALA A 65 -9.18 8.01 -9.04
CA ALA A 65 -9.02 9.43 -9.35
C ALA A 65 -10.06 10.27 -8.61
N PRO A 66 -9.64 11.45 -8.14
CA PRO A 66 -10.53 12.37 -7.43
C PRO A 66 -11.59 12.99 -8.33
N GLU A 67 -11.15 13.55 -9.45
CA GLU A 67 -12.06 14.17 -10.41
C GLU A 67 -12.68 13.13 -11.34
N GLU A 68 -11.82 12.45 -12.10
CA GLU A 68 -12.28 11.42 -13.03
C GLU A 68 -13.15 10.39 -12.32
N GLN A 69 -14.18 9.91 -13.02
CA GLN A 69 -15.08 8.92 -12.46
C GLN A 69 -14.38 7.59 -12.26
N PHE A 70 -14.07 6.92 -13.37
CA PHE A 70 -13.40 5.63 -13.32
C PHE A 70 -11.98 5.74 -13.88
N THR A 71 -11.14 4.76 -13.54
CA THR A 71 -9.75 4.75 -14.00
C THR A 71 -9.34 3.36 -14.45
N ARG A 72 -8.56 3.30 -15.52
CA ARG A 72 -8.09 2.03 -16.05
C ARG A 72 -6.73 1.65 -15.49
N VAL A 73 -6.73 1.03 -14.32
CA VAL A 73 -5.50 0.62 -13.66
C VAL A 73 -5.53 -0.86 -13.29
N GLY A 74 -4.42 -1.55 -13.54
CA GLY A 74 -4.35 -2.96 -13.23
C GLY A 74 -3.23 -3.29 -12.25
N VAL A 75 -3.54 -3.17 -10.96
CA VAL A 75 -2.57 -3.45 -9.92
C VAL A 75 -2.33 -4.96 -9.77
N GLN A 76 -1.09 -5.33 -9.45
CA GLN A 76 -0.74 -6.74 -9.28
C GLN A 76 0.39 -6.89 -8.26
N VAL A 77 0.06 -7.46 -7.11
CA VAL A 77 1.04 -7.67 -6.06
C VAL A 77 1.82 -8.97 -6.27
N LEU A 78 3.13 -8.91 -6.07
CA LEU A 78 3.98 -10.07 -6.24
C LEU A 78 4.84 -10.31 -5.01
N ASP A 79 5.36 -11.52 -4.87
CA ASP A 79 6.21 -11.87 -3.73
C ASP A 79 7.68 -11.81 -4.11
N ARG A 80 8.40 -10.84 -3.55
CA ARG A 80 9.82 -10.68 -3.84
C ARG A 80 10.67 -11.26 -2.72
N LYS A 81 10.40 -10.84 -1.49
CA LYS A 81 11.14 -11.34 -0.34
C LYS A 81 10.19 -11.85 0.74
N ASP A 82 10.76 -12.47 1.77
CA ASP A 82 9.95 -13.01 2.87
C ASP A 82 9.75 -11.96 3.95
N GLY A 83 9.54 -10.72 3.53
CA GLY A 83 9.33 -9.64 4.49
C GLY A 83 8.70 -8.42 3.85
N SER A 84 9.12 -8.10 2.63
CA SER A 84 8.59 -6.95 1.91
C SER A 84 7.90 -7.37 0.62
N PHE A 85 7.05 -6.50 0.10
CA PHE A 85 6.32 -6.79 -1.13
C PHE A 85 6.48 -5.66 -2.14
N ILE A 86 6.11 -5.92 -3.39
CA ILE A 86 6.21 -4.92 -4.44
C ILE A 86 4.91 -4.81 -5.22
N VAL A 87 4.41 -3.59 -5.35
CA VAL A 87 3.17 -3.34 -6.08
C VAL A 87 3.44 -2.70 -7.43
N ARG A 88 2.83 -3.26 -8.48
CA ARG A 88 3.01 -2.74 -9.82
C ARG A 88 1.67 -2.58 -10.53
N TYR A 89 1.45 -1.40 -11.11
CA TYR A 89 0.20 -1.12 -11.82
C TYR A 89 0.44 -0.18 -13.00
N ARG A 90 -0.31 -0.39 -14.07
CA ARG A 90 -0.18 0.44 -15.27
C ARG A 90 -1.48 1.20 -15.54
N MET A 91 -1.35 2.50 -15.75
CA MET A 91 -2.51 3.35 -16.01
C MET A 91 -2.52 3.81 -17.47
N TYR A 92 -1.37 4.31 -17.93
CA TYR A 92 -1.25 4.79 -19.30
C TYR A 92 -2.28 5.87 -19.60
N ALA A 93 -2.44 6.80 -18.66
CA ALA A 93 -3.38 7.89 -18.82
C ALA A 93 -2.92 9.13 -18.06
N SER A 94 -2.77 10.24 -18.78
CA SER A 94 -2.33 11.49 -18.18
C SER A 94 -3.22 11.88 -17.00
N TYR A 95 -2.65 11.87 -15.81
CA TYR A 95 -3.40 12.20 -14.60
C TYR A 95 -2.71 13.34 -13.84
N LYS A 96 -3.51 14.20 -13.22
CA LYS A 96 -2.98 15.32 -12.46
C LYS A 96 -2.90 14.97 -10.97
N ASN A 97 -3.99 14.43 -10.44
CA ASN A 97 -4.05 14.05 -9.03
C ASN A 97 -4.56 12.63 -8.86
N LEU A 98 -3.83 11.82 -8.10
CA LEU A 98 -4.23 10.43 -7.86
C LEU A 98 -4.38 10.16 -6.36
N LYS A 99 -5.09 9.09 -6.04
CA LYS A 99 -5.31 8.72 -4.64
C LYS A 99 -4.90 7.26 -4.39
N VAL A 100 -4.19 7.03 -3.30
CA VAL A 100 -3.74 5.69 -2.95
C VAL A 100 -4.64 5.07 -1.88
N GLU A 101 -4.78 3.75 -1.94
CA GLU A 101 -5.61 3.04 -0.97
C GLU A 101 -4.99 1.70 -0.60
N ILE A 102 -4.82 1.47 0.70
CA ILE A 102 -4.23 0.23 1.20
C ILE A 102 -5.02 -0.32 2.37
N LYS A 103 -5.83 -1.35 2.10
CA LYS A 103 -6.65 -1.98 3.13
C LYS A 103 -6.24 -3.44 3.34
N PHE A 104 -6.57 -3.98 4.50
CA PHE A 104 -6.24 -5.36 4.82
C PHE A 104 -7.40 -6.05 5.54
N GLN A 105 -8.05 -6.96 4.84
CA GLN A 105 -9.18 -7.69 5.41
C GLN A 105 -10.16 -6.74 6.09
N GLY A 106 -10.23 -5.52 5.59
CA GLY A 106 -11.13 -4.52 6.16
C GLY A 106 -10.45 -3.68 7.22
N GLN A 107 -9.16 -3.42 7.04
CA GLN A 107 -8.40 -2.62 7.98
C GLN A 107 -7.27 -1.86 7.28
N HIS A 108 -7.32 -0.54 7.35
CA HIS A 108 -6.29 0.29 6.72
C HIS A 108 -4.93 0.06 7.36
N VAL A 109 -3.87 0.25 6.58
CA VAL A 109 -2.51 0.07 7.08
C VAL A 109 -1.82 1.41 7.28
N ALA A 110 -2.11 2.36 6.40
CA ALA A 110 -1.51 3.69 6.50
C ALA A 110 -2.59 4.76 6.62
N LYS A 111 -2.16 6.02 6.58
CA LYS A 111 -3.08 7.15 6.69
C LYS A 111 -4.17 7.06 5.63
N SER A 112 -3.98 6.17 4.65
CA SER A 112 -4.95 6.01 3.58
C SER A 112 -6.36 6.28 4.07
N PRO A 113 -7.19 6.86 3.19
CA PRO A 113 -6.78 7.21 1.83
C PRO A 113 -5.78 8.37 1.81
N TYR A 114 -4.92 8.39 0.81
CA TYR A 114 -3.92 9.45 0.67
C TYR A 114 -4.33 10.46 -0.38
N ILE A 115 -4.53 11.70 0.04
CA ILE A 115 -4.93 12.77 -0.87
C ILE A 115 -3.75 13.67 -1.22
N LEU A 116 -3.38 13.67 -2.49
CA LEU A 116 -2.25 14.48 -2.96
C LEU A 116 -2.70 15.42 -4.07
N LYS A 117 -2.74 16.71 -3.77
CA LYS A 117 -3.14 17.72 -4.74
C LYS A 117 -2.29 18.98 -4.62
N GLY A 118 -2.58 19.97 -5.45
CA GLY A 118 -1.83 21.21 -5.41
C GLY A 118 -2.16 22.12 -6.58
N SER A 119 -1.94 23.42 -6.39
CA SER A 119 -2.22 24.40 -7.43
C SER A 119 -0.97 25.23 -7.76
N GLY A 120 0.12 24.53 -8.02
CA GLY A 120 1.36 25.21 -8.35
C GLY A 120 2.47 24.91 -7.35
N PRO A 121 3.71 24.85 -7.83
CA PRO A 121 4.88 24.57 -6.99
C PRO A 121 5.20 25.72 -6.05
N SER A 122 5.47 25.38 -4.78
CA SER A 122 5.79 26.38 -3.77
C SER A 122 6.69 25.80 -2.69
N SER A 123 7.64 26.60 -2.23
CA SER A 123 8.57 26.16 -1.19
C SER A 123 9.07 27.35 -0.37
N GLY A 124 9.40 27.09 0.89
CA GLY A 124 9.88 28.14 1.77
C GLY A 124 8.96 29.35 1.78
N GLY A 1 6.81 5.34 28.38
CA GLY A 1 6.11 6.21 29.31
C GLY A 1 6.09 5.65 30.72
N SER A 2 5.31 6.28 31.58
CA SER A 2 5.22 5.84 32.98
C SER A 2 3.84 5.27 33.28
N SER A 3 3.32 4.47 32.35
CA SER A 3 2.02 3.85 32.52
C SER A 3 2.14 2.41 32.96
N GLY A 4 2.99 1.65 32.28
CA GLY A 4 3.19 0.26 32.62
C GLY A 4 3.03 -0.67 31.43
N SER A 5 4.13 -0.93 30.74
CA SER A 5 4.11 -1.80 29.57
C SER A 5 4.85 -3.10 29.84
N SER A 6 4.17 -4.22 29.65
CA SER A 6 4.76 -5.53 29.88
C SER A 6 3.94 -6.63 29.23
N GLY A 7 4.61 -7.71 28.83
CA GLY A 7 3.91 -8.82 28.19
C GLY A 7 4.80 -10.04 28.02
N GLU A 8 4.18 -11.20 27.89
CA GLU A 8 4.93 -12.45 27.72
C GLU A 8 6.02 -12.29 26.67
N THR A 9 5.73 -11.50 25.64
CA THR A 9 6.69 -11.26 24.57
C THR A 9 7.51 -12.51 24.28
N GLY A 10 6.84 -13.66 24.21
CA GLY A 10 7.53 -14.91 23.94
C GLY A 10 6.63 -15.92 23.24
N GLY A 11 6.93 -16.20 21.98
CA GLY A 11 6.14 -17.16 21.23
C GLY A 11 5.50 -16.53 19.99
N GLU A 12 4.26 -16.90 19.72
CA GLU A 12 3.54 -16.39 18.57
C GLU A 12 3.46 -14.87 18.61
N ARG A 13 3.12 -14.26 17.48
CA ARG A 13 3.02 -12.80 17.40
C ARG A 13 1.74 -12.39 16.66
N GLN A 14 1.39 -11.12 16.77
CA GLN A 14 0.19 -10.60 16.12
C GLN A 14 0.54 -9.50 15.12
N LEU A 15 0.18 -9.72 13.86
CA LEU A 15 0.45 -8.75 12.80
C LEU A 15 -0.45 -7.52 12.95
N SER A 16 0.16 -6.33 12.89
CA SER A 16 -0.58 -5.09 13.02
C SER A 16 -0.35 -4.20 11.80
N PRO A 17 -1.43 -3.91 11.06
CA PRO A 17 -1.37 -3.06 9.86
C PRO A 17 -1.09 -1.60 10.20
N GLU A 18 -1.83 -1.07 11.17
CA GLU A 18 -1.66 0.32 11.58
C GLU A 18 -0.19 0.63 11.85
N LYS A 19 0.50 -0.30 12.51
CA LYS A 19 1.91 -0.13 12.84
C LYS A 19 2.75 -0.07 11.57
N SER A 20 2.53 -1.03 10.67
CA SER A 20 3.27 -1.10 9.43
C SER A 20 3.53 0.31 8.87
N GLU A 21 4.73 0.53 8.35
CA GLU A 21 5.10 1.81 7.79
C GLU A 21 5.40 1.70 6.31
N ILE A 22 4.60 2.39 5.49
CA ILE A 22 4.77 2.37 4.05
C ILE A 22 5.62 3.55 3.58
N TRP A 23 6.77 3.25 2.98
CA TRP A 23 7.66 4.28 2.48
C TRP A 23 7.80 4.20 0.97
N GLY A 24 8.50 5.17 0.38
CA GLY A 24 8.69 5.18 -1.05
C GLY A 24 8.20 6.47 -1.69
N PRO A 25 8.98 7.01 -2.64
CA PRO A 25 8.64 8.25 -3.35
C PRO A 25 7.44 8.07 -4.29
N GLY A 26 6.89 6.85 -4.31
CA GLY A 26 5.75 6.58 -5.16
C GLY A 26 4.63 7.58 -4.97
N LEU A 27 4.47 8.06 -3.75
CA LEU A 27 3.43 9.03 -3.43
C LEU A 27 3.87 10.45 -3.77
N LYS A 28 5.11 10.77 -3.41
CA LYS A 28 5.66 12.10 -3.67
C LYS A 28 5.37 12.54 -5.10
N ALA A 29 5.43 13.83 -5.34
CA ALA A 29 5.18 14.38 -6.67
C ALA A 29 6.48 14.55 -7.45
N ASP A 30 6.37 14.96 -8.71
CA ASP A 30 7.53 15.17 -9.56
C ASP A 30 8.58 14.08 -9.32
N VAL A 31 8.14 12.83 -9.43
CA VAL A 31 9.04 11.70 -9.22
C VAL A 31 9.24 10.92 -10.53
N VAL A 32 8.15 10.62 -11.20
CA VAL A 32 8.20 9.89 -12.46
C VAL A 32 7.10 10.33 -13.42
N LEU A 33 7.41 10.33 -14.71
CA LEU A 33 6.44 10.74 -15.73
C LEU A 33 5.35 9.69 -15.88
N PRO A 34 5.75 8.47 -16.27
CA PRO A 34 4.82 7.35 -16.46
C PRO A 34 4.22 6.86 -15.15
N ALA A 35 4.88 5.88 -14.53
CA ALA A 35 4.41 5.32 -13.27
C ALA A 35 5.59 4.80 -12.44
N ARG A 36 5.33 4.55 -11.15
CA ARG A 36 6.36 4.06 -10.25
C ARG A 36 5.77 3.06 -9.25
N TYR A 37 6.65 2.34 -8.56
CA TYR A 37 6.22 1.35 -7.58
C TYR A 37 6.86 1.62 -6.22
N PHE A 38 6.24 1.09 -5.17
CA PHE A 38 6.75 1.28 -3.81
C PHE A 38 6.81 -0.06 -3.07
N TYR A 39 7.17 0.00 -1.79
CA TYR A 39 7.26 -1.20 -0.97
C TYR A 39 6.38 -1.08 0.26
N ILE A 40 6.09 -2.23 0.88
CA ILE A 40 5.25 -2.27 2.08
C ILE A 40 5.84 -3.19 3.13
N GLN A 41 6.22 -2.61 4.27
CA GLN A 41 6.80 -3.39 5.36
C GLN A 41 5.75 -3.71 6.42
N ALA A 42 5.73 -4.96 6.87
CA ALA A 42 4.78 -5.41 7.88
C ALA A 42 5.34 -5.23 9.29
N VAL A 43 4.47 -4.92 10.23
CA VAL A 43 4.88 -4.72 11.62
C VAL A 43 3.82 -5.24 12.58
N ASP A 44 4.26 -5.79 13.70
CA ASP A 44 3.36 -6.32 14.72
C ASP A 44 2.91 -5.22 15.67
N THR A 45 2.15 -5.60 16.69
CA THR A 45 1.66 -4.65 17.68
C THR A 45 2.81 -4.05 18.48
N SER A 46 3.94 -4.73 18.49
CA SER A 46 5.11 -4.26 19.22
C SER A 46 5.86 -3.20 18.41
N GLY A 47 6.14 -3.52 17.14
CA GLY A 47 6.85 -2.59 16.28
C GLY A 47 8.04 -3.23 15.60
N ASN A 48 8.05 -4.55 15.53
CA ASN A 48 9.13 -5.28 14.91
C ASN A 48 8.76 -5.71 13.49
N LYS A 49 9.76 -5.80 12.62
CA LYS A 49 9.53 -6.20 11.24
C LYS A 49 9.31 -7.70 11.14
N PHE A 50 8.28 -8.10 10.37
CA PHE A 50 7.96 -9.50 10.19
C PHE A 50 8.98 -10.19 9.29
N THR A 51 9.27 -9.57 8.15
CA THR A 51 10.22 -10.11 7.20
C THR A 51 9.94 -11.58 6.91
N SER A 52 8.66 -11.95 6.98
CA SER A 52 8.25 -13.32 6.72
C SER A 52 7.11 -13.37 5.70
N SER A 53 6.69 -14.58 5.35
CA SER A 53 5.61 -14.77 4.37
C SER A 53 4.26 -14.86 5.08
N PRO A 54 3.46 -13.79 4.94
CA PRO A 54 2.13 -13.71 5.55
C PRO A 54 1.13 -14.66 4.89
N GLY A 55 1.08 -14.63 3.56
CA GLY A 55 0.17 -15.50 2.84
C GLY A 55 0.04 -15.10 1.38
N GLU A 56 -0.86 -15.78 0.67
CA GLU A 56 -1.08 -15.50 -0.75
C GLU A 56 -1.31 -14.01 -0.97
N LYS A 57 -2.40 -13.50 -0.40
CA LYS A 57 -2.75 -12.09 -0.55
C LYS A 57 -3.25 -11.51 0.78
N VAL A 58 -2.46 -10.63 1.38
CA VAL A 58 -2.83 -10.01 2.64
C VAL A 58 -2.91 -8.50 2.51
N PHE A 59 -1.91 -7.91 1.85
CA PHE A 59 -1.87 -6.47 1.65
C PHE A 59 -2.36 -6.09 0.26
N GLN A 60 -3.52 -5.46 0.20
CA GLN A 60 -4.10 -5.05 -1.07
C GLN A 60 -3.88 -3.55 -1.32
N VAL A 61 -3.88 -3.16 -2.59
CA VAL A 61 -3.69 -1.76 -2.95
C VAL A 61 -4.64 -1.34 -4.07
N LYS A 62 -5.21 -0.15 -3.94
CA LYS A 62 -6.14 0.36 -4.94
C LYS A 62 -5.72 1.77 -5.39
N VAL A 63 -5.84 2.02 -6.68
CA VAL A 63 -5.48 3.32 -7.24
C VAL A 63 -6.62 3.87 -8.10
N SER A 64 -7.11 5.06 -7.73
CA SER A 64 -8.19 5.69 -8.46
C SER A 64 -7.99 7.20 -8.53
N ALA A 65 -8.57 7.83 -9.55
CA ALA A 65 -8.45 9.28 -9.72
C ALA A 65 -9.74 9.99 -9.32
N PRO A 66 -9.61 11.15 -8.67
CA PRO A 66 -10.75 11.95 -8.22
C PRO A 66 -11.51 12.58 -9.39
N GLU A 67 -10.77 13.26 -10.27
CA GLU A 67 -11.37 13.91 -11.43
C GLU A 67 -11.74 12.88 -12.50
N GLU A 68 -10.72 12.31 -13.13
CA GLU A 68 -10.94 11.31 -14.17
C GLU A 68 -12.11 10.40 -13.83
N GLN A 69 -13.10 10.35 -14.73
CA GLN A 69 -14.28 9.52 -14.52
C GLN A 69 -13.92 8.04 -14.58
N PHE A 70 -13.24 7.65 -15.65
CA PHE A 70 -12.84 6.26 -15.83
C PHE A 70 -11.32 6.12 -15.82
N THR A 71 -10.82 5.16 -15.04
CA THR A 71 -9.38 4.93 -14.95
C THR A 71 -9.05 3.46 -15.24
N ARG A 72 -7.93 3.25 -15.94
CA ARG A 72 -7.50 1.89 -16.27
C ARG A 72 -6.11 1.62 -15.71
N VAL A 73 -6.07 1.14 -14.47
CA VAL A 73 -4.81 0.83 -13.81
C VAL A 73 -4.70 -0.66 -13.49
N GLY A 74 -3.60 -1.27 -13.90
CA GLY A 74 -3.39 -2.68 -13.66
C GLY A 74 -2.51 -2.95 -12.45
N VAL A 75 -3.10 -2.86 -11.26
CA VAL A 75 -2.36 -3.09 -10.02
C VAL A 75 -2.07 -4.58 -9.82
N GLN A 76 -0.81 -4.90 -9.57
CA GLN A 76 -0.40 -6.28 -9.36
C GLN A 76 0.33 -6.43 -8.03
N VAL A 77 -0.30 -7.15 -7.10
CA VAL A 77 0.28 -7.37 -5.78
C VAL A 77 1.10 -8.66 -5.76
N LEU A 78 2.42 -8.50 -5.73
CA LEU A 78 3.31 -9.65 -5.70
C LEU A 78 4.41 -9.47 -4.65
N ASP A 79 4.83 -10.57 -4.03
CA ASP A 79 5.87 -10.53 -3.01
C ASP A 79 7.21 -11.00 -3.58
N ARG A 80 8.25 -10.23 -3.30
CA ARG A 80 9.58 -10.57 -3.78
C ARG A 80 10.34 -11.42 -2.75
N LYS A 81 9.61 -12.31 -2.09
CA LYS A 81 10.21 -13.19 -1.10
C LYS A 81 11.31 -12.46 -0.32
N ASP A 82 11.10 -11.18 -0.08
CA ASP A 82 12.08 -10.37 0.65
C ASP A 82 11.47 -9.84 1.94
N GLY A 83 10.47 -10.55 2.46
CA GLY A 83 9.83 -10.13 3.69
C GLY A 83 8.69 -9.17 3.45
N SER A 84 8.88 -8.25 2.51
CA SER A 84 7.86 -7.26 2.20
C SER A 84 7.21 -7.56 0.85
N PHE A 85 6.16 -6.81 0.52
CA PHE A 85 5.45 -6.99 -0.75
C PHE A 85 5.62 -5.78 -1.65
N ILE A 86 5.52 -6.00 -2.96
CA ILE A 86 5.67 -4.93 -3.93
C ILE A 86 4.39 -4.73 -4.74
N VAL A 87 4.17 -3.51 -5.21
CA VAL A 87 2.98 -3.20 -6.00
C VAL A 87 3.37 -2.59 -7.34
N ARG A 88 2.89 -3.19 -8.42
CA ARG A 88 3.18 -2.69 -9.76
C ARG A 88 1.89 -2.33 -10.50
N TYR A 89 1.86 -1.13 -11.07
CA TYR A 89 0.69 -0.67 -11.80
C TYR A 89 1.10 0.04 -13.09
N ARG A 90 0.40 -0.27 -14.17
CA ARG A 90 0.68 0.34 -15.47
C ARG A 90 -0.18 1.57 -15.70
N MET A 91 0.35 2.54 -16.43
CA MET A 91 -0.39 3.77 -16.73
C MET A 91 0.16 4.43 -17.99
N TYR A 92 -0.73 4.78 -18.90
CA TYR A 92 -0.35 5.43 -20.15
C TYR A 92 -1.19 6.67 -20.42
N ALA A 93 -1.40 7.46 -19.37
CA ALA A 93 -2.18 8.69 -19.48
C ALA A 93 -1.64 9.78 -18.58
N SER A 94 -2.00 11.03 -18.87
CA SER A 94 -1.54 12.16 -18.08
C SER A 94 -1.73 11.91 -16.58
N TYR A 95 -0.63 11.94 -15.84
CA TYR A 95 -0.68 11.71 -14.40
C TYR A 95 -0.43 13.00 -13.63
N LYS A 96 -1.49 13.56 -13.07
CA LYS A 96 -1.39 14.79 -12.31
C LYS A 96 -1.71 14.56 -10.83
N ASN A 97 -2.71 13.71 -10.59
CA ASN A 97 -3.12 13.40 -9.23
C ASN A 97 -3.74 12.00 -9.15
N LEU A 98 -3.23 11.19 -8.22
CA LEU A 98 -3.72 9.82 -8.05
C LEU A 98 -3.99 9.53 -6.58
N LYS A 99 -5.03 8.74 -6.32
CA LYS A 99 -5.38 8.37 -4.95
C LYS A 99 -5.09 6.90 -4.69
N VAL A 100 -4.40 6.62 -3.60
CA VAL A 100 -4.06 5.25 -3.23
C VAL A 100 -4.80 4.82 -1.97
N GLU A 101 -5.14 3.53 -1.90
CA GLU A 101 -5.86 2.99 -0.75
C GLU A 101 -5.29 1.63 -0.35
N ILE A 102 -4.64 1.58 0.81
CA ILE A 102 -4.07 0.34 1.31
C ILE A 102 -4.79 -0.16 2.55
N LYS A 103 -5.45 -1.29 2.43
CA LYS A 103 -6.20 -1.88 3.54
C LYS A 103 -6.08 -3.40 3.54
N PHE A 104 -6.18 -4.00 4.71
CA PHE A 104 -6.08 -5.45 4.85
C PHE A 104 -7.35 -6.02 5.49
N GLN A 105 -8.20 -6.62 4.67
CA GLN A 105 -9.45 -7.20 5.15
C GLN A 105 -10.28 -6.17 5.89
N GLY A 106 -10.08 -4.90 5.54
CA GLY A 106 -10.83 -3.83 6.18
C GLY A 106 -10.00 -3.06 7.19
N GLN A 107 -8.72 -3.40 7.28
CA GLN A 107 -7.82 -2.74 8.22
C GLN A 107 -6.86 -1.82 7.48
N HIS A 108 -7.09 -0.51 7.60
CA HIS A 108 -6.24 0.48 6.95
C HIS A 108 -4.84 0.47 7.54
N VAL A 109 -3.85 0.11 6.71
CA VAL A 109 -2.47 0.05 7.15
C VAL A 109 -1.88 1.45 7.30
N ALA A 110 -1.86 2.20 6.20
CA ALA A 110 -1.34 3.56 6.21
C ALA A 110 -2.46 4.57 6.35
N LYS A 111 -2.11 5.86 6.25
CA LYS A 111 -3.08 6.93 6.36
C LYS A 111 -3.93 7.04 5.10
N SER A 112 -4.43 5.91 4.63
CA SER A 112 -5.26 5.87 3.43
C SER A 112 -6.70 6.27 3.75
N PRO A 113 -7.40 6.78 2.75
CA PRO A 113 -6.86 6.96 1.39
C PRO A 113 -5.80 8.06 1.35
N TYR A 114 -4.96 8.03 0.32
CA TYR A 114 -3.90 9.01 0.15
C TYR A 114 -4.30 10.06 -0.88
N ILE A 115 -4.52 11.29 -0.41
CA ILE A 115 -4.89 12.39 -1.29
C ILE A 115 -3.68 13.22 -1.70
N LEU A 116 -3.46 13.33 -3.00
CA LEU A 116 -2.34 14.10 -3.52
C LEU A 116 -2.79 15.09 -4.59
N LYS A 117 -2.96 16.34 -4.17
CA LYS A 117 -3.39 17.40 -5.09
C LYS A 117 -2.78 18.73 -4.70
N GLY A 118 -2.50 19.57 -5.70
CA GLY A 118 -1.92 20.87 -5.44
C GLY A 118 -2.31 21.89 -6.48
N SER A 119 -1.32 22.61 -7.02
CA SER A 119 -1.57 23.63 -8.02
C SER A 119 -1.61 23.02 -9.42
N GLY A 120 -2.46 23.57 -10.28
CA GLY A 120 -2.57 23.07 -11.63
C GLY A 120 -2.31 24.14 -12.68
N PRO A 121 -3.38 24.59 -13.35
CA PRO A 121 -3.29 25.63 -14.37
C PRO A 121 -2.94 27.00 -13.81
N SER A 122 -2.30 27.83 -14.62
CA SER A 122 -1.90 29.16 -14.19
C SER A 122 -1.63 30.06 -15.39
N SER A 123 -1.65 31.37 -15.16
CA SER A 123 -1.40 32.34 -16.23
C SER A 123 0.08 32.43 -16.53
N GLY A 124 0.47 31.97 -17.74
CA GLY A 124 1.85 32.01 -18.13
C GLY A 124 2.05 31.63 -19.59
N GLY A 1 -14.42 0.85 6.11
CA GLY A 1 -14.75 1.96 6.98
C GLY A 1 -14.34 1.71 8.42
N SER A 2 -14.62 0.52 8.91
CA SER A 2 -14.28 0.15 10.29
C SER A 2 -12.79 0.32 10.54
N SER A 3 -12.39 0.26 11.80
CA SER A 3 -10.99 0.41 12.19
C SER A 3 -10.75 -0.10 13.60
N GLY A 4 -9.79 -1.00 13.74
CA GLY A 4 -9.48 -1.56 15.05
C GLY A 4 -9.73 -3.05 15.13
N SER A 5 -9.09 -3.71 16.08
CA SER A 5 -9.25 -5.15 16.26
C SER A 5 -10.05 -5.46 17.52
N SER A 6 -10.36 -6.74 17.72
CA SER A 6 -11.12 -7.17 18.88
C SER A 6 -10.52 -8.43 19.49
N GLY A 7 -10.80 -8.66 20.77
CA GLY A 7 -10.28 -9.84 21.44
C GLY A 7 -8.77 -9.96 21.32
N GLU A 8 -8.06 -9.28 22.21
CA GLU A 8 -6.59 -9.31 22.20
C GLU A 8 -6.07 -10.50 23.01
N THR A 9 -5.80 -11.60 22.32
CA THR A 9 -5.29 -12.80 22.97
C THR A 9 -4.84 -13.83 21.94
N GLY A 10 -4.04 -14.80 22.39
CA GLY A 10 -3.56 -15.83 21.50
C GLY A 10 -2.21 -16.39 21.94
N GLY A 11 -1.56 -17.12 21.03
CA GLY A 11 -0.26 -17.70 21.35
C GLY A 11 0.84 -17.17 20.46
N GLU A 12 0.69 -17.34 19.15
CA GLU A 12 1.69 -16.89 18.20
C GLU A 12 1.62 -15.37 18.02
N ARG A 13 2.63 -14.81 17.37
CA ARG A 13 2.67 -13.36 17.13
C ARG A 13 1.44 -12.90 16.38
N GLN A 14 1.32 -11.59 16.20
CA GLN A 14 0.18 -11.01 15.49
C GLN A 14 0.62 -9.84 14.62
N LEU A 15 0.10 -9.78 13.40
CA LEU A 15 0.43 -8.72 12.46
C LEU A 15 -0.51 -7.54 12.62
N SER A 16 0.05 -6.35 12.77
CA SER A 16 -0.75 -5.13 12.92
C SER A 16 -0.53 -4.18 11.75
N PRO A 17 -1.61 -3.89 11.01
CA PRO A 17 -1.57 -2.99 9.86
C PRO A 17 -1.34 -1.54 10.26
N GLU A 18 -2.05 -1.10 11.28
CA GLU A 18 -1.93 0.28 11.76
C GLU A 18 -0.46 0.66 11.90
N LYS A 19 0.30 -0.18 12.59
CA LYS A 19 1.73 0.08 12.79
C LYS A 19 2.50 -0.04 11.48
N SER A 20 2.31 -1.15 10.79
CA SER A 20 3.00 -1.38 9.52
C SER A 20 3.17 -0.07 8.75
N GLU A 21 4.40 0.18 8.33
CA GLU A 21 4.70 1.40 7.58
C GLU A 21 4.90 1.10 6.10
N ILE A 22 4.57 2.07 5.25
CA ILE A 22 4.71 1.91 3.80
C ILE A 22 5.52 3.05 3.20
N TRP A 23 6.79 2.80 2.93
CA TRP A 23 7.66 3.82 2.35
C TRP A 23 7.88 3.55 0.86
N GLY A 24 8.53 4.49 0.18
CA GLY A 24 8.79 4.34 -1.23
C GLY A 24 8.55 5.63 -2.01
N PRO A 25 9.07 5.68 -3.24
CA PRO A 25 8.92 6.86 -4.11
C PRO A 25 7.49 7.04 -4.60
N GLY A 26 6.65 6.05 -4.32
CA GLY A 26 5.26 6.12 -4.74
C GLY A 26 4.55 7.35 -4.20
N LEU A 27 4.87 7.72 -2.97
CA LEU A 27 4.25 8.88 -2.33
C LEU A 27 5.06 10.14 -2.63
N LYS A 28 5.53 10.26 -3.86
CA LYS A 28 6.30 11.43 -4.27
C LYS A 28 5.51 12.29 -5.26
N ALA A 29 5.96 13.53 -5.45
CA ALA A 29 5.29 14.44 -6.36
C ALA A 29 5.70 14.18 -7.80
N ASP A 30 4.95 14.75 -8.74
CA ASP A 30 5.24 14.57 -10.16
C ASP A 30 5.78 13.16 -10.43
N VAL A 31 5.05 12.16 -9.94
CA VAL A 31 5.46 10.77 -10.14
C VAL A 31 5.88 10.51 -11.57
N VAL A 32 6.43 9.33 -11.82
CA VAL A 32 6.88 8.96 -13.16
C VAL A 32 5.73 9.05 -14.16
N LEU A 33 6.06 8.96 -15.44
CA LEU A 33 5.07 9.02 -16.51
C LEU A 33 4.03 7.93 -16.34
N PRO A 34 4.48 6.66 -16.37
CA PRO A 34 3.61 5.50 -16.23
C PRO A 34 3.05 5.36 -14.82
N ALA A 35 3.76 4.64 -13.96
CA ALA A 35 3.35 4.43 -12.59
C ALA A 35 4.54 4.31 -11.66
N ARG A 36 4.36 4.68 -10.40
CA ARG A 36 5.42 4.61 -9.41
C ARG A 36 5.16 3.50 -8.40
N TYR A 37 6.14 2.63 -8.23
CA TYR A 37 6.01 1.51 -7.29
C TYR A 37 6.57 1.89 -5.92
N PHE A 38 6.28 1.05 -4.92
CA PHE A 38 6.75 1.30 -3.56
C PHE A 38 6.86 -0.01 -2.78
N TYR A 39 7.34 0.08 -1.55
CA TYR A 39 7.50 -1.09 -0.70
C TYR A 39 6.50 -1.06 0.46
N ILE A 40 6.26 -2.22 1.05
CA ILE A 40 5.33 -2.34 2.17
C ILE A 40 5.91 -3.18 3.29
N GLN A 41 6.29 -2.54 4.38
CA GLN A 41 6.87 -3.23 5.52
C GLN A 41 5.78 -3.62 6.52
N ALA A 42 5.93 -4.79 7.13
CA ALA A 42 4.97 -5.28 8.10
C ALA A 42 5.49 -5.09 9.53
N VAL A 43 4.58 -4.73 10.44
CA VAL A 43 4.94 -4.52 11.83
C VAL A 43 4.03 -5.31 12.76
N ASP A 44 4.62 -5.88 13.82
CA ASP A 44 3.87 -6.67 14.78
C ASP A 44 2.98 -5.76 15.64
N THR A 45 2.15 -6.39 16.47
CA THR A 45 1.25 -5.64 17.35
C THR A 45 2.01 -4.96 18.48
N SER A 46 3.32 -5.21 18.53
CA SER A 46 4.16 -4.62 19.57
C SER A 46 5.03 -3.50 19.00
N GLY A 47 5.21 -3.51 17.69
CA GLY A 47 6.02 -2.49 17.04
C GLY A 47 7.36 -3.02 16.57
N ASN A 48 7.35 -4.25 16.07
CA ASN A 48 8.59 -4.88 15.59
C ASN A 48 8.41 -5.41 14.17
N LYS A 49 9.38 -5.14 13.31
CA LYS A 49 9.33 -5.59 11.93
C LYS A 49 9.22 -7.11 11.85
N PHE A 50 8.44 -7.59 10.89
CA PHE A 50 8.25 -9.03 10.72
C PHE A 50 9.44 -9.65 10.00
N THR A 51 9.93 -8.96 8.96
CA THR A 51 11.07 -9.44 8.19
C THR A 51 10.89 -10.91 7.81
N SER A 52 9.63 -11.35 7.73
CA SER A 52 9.32 -12.72 7.37
C SER A 52 8.27 -12.77 6.27
N SER A 53 7.95 -13.99 5.82
CA SER A 53 6.97 -14.18 4.75
C SER A 53 5.57 -14.33 5.34
N PRO A 54 4.70 -13.34 5.08
CA PRO A 54 3.32 -13.35 5.56
C PRO A 54 2.47 -14.41 4.88
N GLY A 55 2.53 -14.45 3.55
CA GLY A 55 1.76 -15.43 2.80
C GLY A 55 1.65 -15.07 1.33
N GLU A 56 0.71 -15.70 0.64
CA GLU A 56 0.51 -15.46 -0.79
C GLU A 56 0.10 -14.01 -1.03
N LYS A 57 -1.14 -13.69 -0.71
CA LYS A 57 -1.66 -12.34 -0.89
C LYS A 57 -2.35 -11.84 0.37
N VAL A 58 -1.67 -10.97 1.11
CA VAL A 58 -2.22 -10.43 2.34
C VAL A 58 -2.54 -8.94 2.19
N PHE A 59 -1.67 -8.22 1.49
CA PHE A 59 -1.85 -6.79 1.27
C PHE A 59 -2.57 -6.54 -0.06
N GLN A 60 -3.28 -5.42 -0.13
CA GLN A 60 -4.02 -5.06 -1.34
C GLN A 60 -3.93 -3.57 -1.61
N VAL A 61 -3.99 -3.20 -2.88
CA VAL A 61 -3.92 -1.80 -3.27
C VAL A 61 -5.01 -1.44 -4.27
N LYS A 62 -5.54 -0.23 -4.16
CA LYS A 62 -6.60 0.24 -5.05
C LYS A 62 -6.38 1.70 -5.44
N VAL A 63 -6.81 2.06 -6.64
CA VAL A 63 -6.67 3.42 -7.13
C VAL A 63 -8.03 4.02 -7.48
N SER A 64 -8.22 5.28 -7.09
CA SER A 64 -9.48 5.97 -7.37
C SER A 64 -9.22 7.42 -7.76
N ALA A 65 -9.65 7.78 -8.97
CA ALA A 65 -9.47 9.13 -9.47
C ALA A 65 -10.59 10.06 -8.99
N PRO A 66 -10.21 11.12 -8.27
CA PRO A 66 -11.17 12.10 -7.73
C PRO A 66 -11.81 12.94 -8.83
N GLU A 67 -11.14 13.02 -9.98
CA GLU A 67 -11.65 13.80 -11.10
C GLU A 67 -12.46 12.92 -12.04
N GLU A 68 -11.89 11.77 -12.40
CA GLU A 68 -12.57 10.84 -13.31
C GLU A 68 -13.52 9.92 -12.54
N GLN A 69 -14.79 9.95 -12.92
CA GLN A 69 -15.80 9.13 -12.26
C GLN A 69 -15.36 7.67 -12.21
N PHE A 70 -14.82 7.19 -13.32
CA PHE A 70 -14.35 5.80 -13.40
C PHE A 70 -12.88 5.74 -13.83
N THR A 71 -12.13 4.84 -13.20
CA THR A 71 -10.72 4.69 -13.51
C THR A 71 -10.39 3.24 -13.90
N ARG A 72 -9.40 3.08 -14.77
CA ARG A 72 -9.00 1.75 -15.23
C ARG A 72 -7.55 1.46 -14.83
N VAL A 73 -7.37 0.99 -13.60
CA VAL A 73 -6.04 0.67 -13.10
C VAL A 73 -5.99 -0.75 -12.56
N GLY A 74 -5.19 -1.60 -13.22
CA GLY A 74 -5.07 -2.98 -12.79
C GLY A 74 -3.88 -3.20 -11.89
N VAL A 75 -4.01 -2.82 -10.62
CA VAL A 75 -2.93 -2.98 -9.66
C VAL A 75 -2.78 -4.44 -9.25
N GLN A 76 -1.54 -4.83 -8.93
CA GLN A 76 -1.25 -6.20 -8.52
C GLN A 76 -0.12 -6.24 -7.51
N VAL A 77 -0.43 -6.68 -6.30
CA VAL A 77 0.58 -6.76 -5.24
C VAL A 77 1.25 -8.13 -5.24
N LEU A 78 2.58 -8.12 -5.34
CA LEU A 78 3.35 -9.37 -5.35
C LEU A 78 4.48 -9.31 -4.32
N ASP A 79 4.89 -10.48 -3.84
CA ASP A 79 5.96 -10.56 -2.86
C ASP A 79 7.32 -10.75 -3.54
N ARG A 80 8.08 -9.67 -3.63
CA ARG A 80 9.39 -9.72 -4.26
C ARG A 80 10.51 -9.82 -3.22
N LYS A 81 10.28 -9.20 -2.06
CA LYS A 81 11.25 -9.21 -0.99
C LYS A 81 10.83 -10.17 0.12
N ASP A 82 11.80 -10.70 0.85
CA ASP A 82 11.53 -11.62 1.95
C ASP A 82 10.26 -11.22 2.69
N GLY A 83 10.37 -10.17 3.50
CA GLY A 83 9.22 -9.70 4.26
C GLY A 83 8.70 -8.36 3.76
N SER A 84 8.58 -8.24 2.44
CA SER A 84 8.10 -7.00 1.85
C SER A 84 7.51 -7.25 0.46
N PHE A 85 6.45 -6.52 0.13
CA PHE A 85 5.79 -6.68 -1.16
C PHE A 85 6.00 -5.43 -2.03
N ILE A 86 5.86 -5.61 -3.34
CA ILE A 86 6.04 -4.51 -4.28
C ILE A 86 4.82 -4.35 -5.17
N VAL A 87 4.29 -3.12 -5.22
CA VAL A 87 3.11 -2.84 -6.03
C VAL A 87 3.50 -2.53 -7.47
N ARG A 88 2.77 -3.08 -8.41
CA ARG A 88 3.05 -2.86 -9.83
C ARG A 88 1.75 -2.65 -10.61
N TYR A 89 1.56 -1.42 -11.10
CA TYR A 89 0.36 -1.08 -11.86
C TYR A 89 0.69 -0.10 -12.99
N ARG A 90 -0.12 -0.15 -14.04
CA ARG A 90 0.09 0.73 -15.19
C ARG A 90 -1.25 1.13 -15.82
N MET A 91 -1.31 2.36 -16.32
CA MET A 91 -2.53 2.86 -16.95
C MET A 91 -2.26 3.27 -18.39
N TYR A 92 -1.14 3.94 -18.62
CA TYR A 92 -0.77 4.40 -19.95
C TYR A 92 -1.86 5.30 -20.53
N ALA A 93 -2.33 6.24 -19.73
CA ALA A 93 -3.38 7.17 -20.16
C ALA A 93 -3.39 8.42 -19.30
N SER A 94 -3.39 9.57 -19.95
CA SER A 94 -3.40 10.85 -19.24
C SER A 94 -4.20 10.75 -17.95
N TYR A 95 -3.61 11.20 -16.85
CA TYR A 95 -4.27 11.16 -15.55
C TYR A 95 -4.28 12.54 -14.90
N LYS A 96 -5.34 12.83 -14.17
CA LYS A 96 -5.47 14.11 -13.49
C LYS A 96 -5.07 14.01 -12.02
N ASN A 97 -5.66 13.05 -11.32
CA ASN A 97 -5.35 12.84 -9.91
C ASN A 97 -5.40 11.35 -9.55
N LEU A 98 -4.32 10.86 -8.97
CA LEU A 98 -4.23 9.46 -8.57
C LEU A 98 -4.27 9.30 -7.06
N LYS A 99 -5.19 8.47 -6.58
CA LYS A 99 -5.32 8.24 -5.14
C LYS A 99 -4.98 6.79 -4.79
N VAL A 100 -3.95 6.62 -3.96
CA VAL A 100 -3.53 5.29 -3.54
C VAL A 100 -4.27 4.84 -2.28
N GLU A 101 -4.65 3.57 -2.25
CA GLU A 101 -5.36 3.01 -1.11
C GLU A 101 -4.81 1.65 -0.73
N ILE A 102 -4.56 1.45 0.57
CA ILE A 102 -4.03 0.19 1.06
C ILE A 102 -4.78 -0.28 2.31
N LYS A 103 -5.57 -1.34 2.16
CA LYS A 103 -6.32 -1.88 3.28
C LYS A 103 -6.16 -3.39 3.37
N PHE A 104 -6.49 -3.95 4.54
CA PHE A 104 -6.37 -5.38 4.75
C PHE A 104 -7.50 -5.90 5.64
N GLN A 105 -8.34 -6.77 5.09
CA GLN A 105 -9.46 -7.32 5.84
C GLN A 105 -10.38 -6.22 6.36
N GLY A 106 -10.41 -5.10 5.64
CA GLY A 106 -11.25 -3.99 6.05
C GLY A 106 -10.59 -3.12 7.10
N GLN A 107 -9.26 -3.05 7.06
CA GLN A 107 -8.51 -2.24 8.02
C GLN A 107 -7.30 -1.60 7.36
N HIS A 108 -7.31 -0.26 7.32
CA HIS A 108 -6.20 0.48 6.72
C HIS A 108 -4.87 0.13 7.37
N VAL A 109 -3.79 0.30 6.63
CA VAL A 109 -2.46 0.00 7.14
C VAL A 109 -1.63 1.27 7.33
N ALA A 110 -1.88 2.25 6.47
CA ALA A 110 -1.16 3.52 6.54
C ALA A 110 -2.14 4.70 6.62
N LYS A 111 -1.59 5.91 6.54
CA LYS A 111 -2.41 7.12 6.59
C LYS A 111 -3.53 7.07 5.55
N SER A 112 -3.42 6.13 4.62
CA SER A 112 -4.42 5.97 3.56
C SER A 112 -5.82 6.28 4.10
N PRO A 113 -6.71 6.71 3.20
CA PRO A 113 -6.39 6.88 1.79
C PRO A 113 -5.44 8.06 1.54
N TYR A 114 -4.49 7.88 0.63
CA TYR A 114 -3.52 8.91 0.32
C TYR A 114 -4.01 9.78 -0.84
N ILE A 115 -3.97 11.10 -0.65
CA ILE A 115 -4.40 12.03 -1.68
C ILE A 115 -3.22 12.80 -2.26
N LEU A 116 -2.86 12.48 -3.50
CA LEU A 116 -1.74 13.14 -4.16
C LEU A 116 -2.15 13.60 -5.57
N LYS A 117 -1.95 14.88 -5.85
CA LYS A 117 -2.28 15.45 -7.14
C LYS A 117 -1.09 16.18 -7.75
N GLY A 118 -0.34 16.87 -6.90
CA GLY A 118 0.82 17.61 -7.36
C GLY A 118 0.93 18.99 -6.74
N SER A 119 1.62 19.06 -5.61
CA SER A 119 1.80 20.33 -4.91
C SER A 119 2.91 21.15 -5.54
N GLY A 120 2.61 21.76 -6.69
CA GLY A 120 3.59 22.57 -7.38
C GLY A 120 4.57 21.74 -8.19
N PRO A 121 5.45 22.41 -8.93
CA PRO A 121 6.46 21.75 -9.76
C PRO A 121 7.54 21.06 -8.93
N SER A 122 8.38 20.26 -9.60
CA SER A 122 9.45 19.54 -8.92
C SER A 122 10.44 20.51 -8.29
N SER A 123 10.34 20.70 -6.98
CA SER A 123 11.23 21.61 -6.27
C SER A 123 11.98 20.88 -5.16
N GLY A 124 13.13 21.41 -4.77
CA GLY A 124 13.92 20.79 -3.72
C GLY A 124 13.93 19.28 -3.82
N GLY A 1 -13.46 -22.23 5.99
CA GLY A 1 -14.48 -23.26 6.00
C GLY A 1 -15.19 -23.37 7.34
N SER A 2 -15.02 -24.51 8.00
CA SER A 2 -15.65 -24.74 9.30
C SER A 2 -14.64 -24.58 10.43
N SER A 3 -14.84 -23.56 11.25
CA SER A 3 -13.95 -23.29 12.37
C SER A 3 -14.74 -22.89 13.62
N GLY A 4 -14.22 -23.25 14.78
CA GLY A 4 -14.88 -22.92 16.03
C GLY A 4 -13.92 -22.79 17.19
N SER A 5 -13.15 -21.70 17.20
CA SER A 5 -12.18 -21.45 18.26
C SER A 5 -11.07 -22.51 18.22
N SER A 6 -10.70 -22.93 17.02
CA SER A 6 -9.66 -23.93 16.85
C SER A 6 -8.31 -23.27 16.55
N GLY A 7 -7.26 -23.74 17.22
CA GLY A 7 -5.94 -23.19 17.00
C GLY A 7 -4.97 -23.56 18.11
N GLU A 8 -3.68 -23.54 17.79
CA GLU A 8 -2.64 -23.88 18.76
C GLU A 8 -2.64 -22.88 19.92
N THR A 9 -2.75 -23.40 21.14
CA THR A 9 -2.76 -22.57 22.32
C THR A 9 -1.37 -22.05 22.64
N GLY A 10 -1.18 -20.74 22.49
CA GLY A 10 0.12 -20.14 22.76
C GLY A 10 0.04 -18.63 22.90
N GLY A 11 0.91 -17.93 22.19
CA GLY A 11 0.92 -16.47 22.25
C GLY A 11 1.68 -15.86 21.09
N GLU A 12 1.46 -16.37 19.89
CA GLU A 12 2.13 -15.86 18.70
C GLU A 12 1.94 -14.35 18.58
N ARG A 13 2.79 -13.71 17.78
CA ARG A 13 2.72 -12.27 17.58
C ARG A 13 1.47 -11.89 16.80
N GLN A 14 0.99 -10.66 17.00
CA GLN A 14 -0.20 -10.19 16.32
C GLN A 14 0.15 -9.10 15.30
N LEU A 15 0.03 -9.43 14.02
CA LEU A 15 0.34 -8.48 12.95
C LEU A 15 -0.59 -7.27 13.03
N SER A 16 0.00 -6.08 13.06
CA SER A 16 -0.76 -4.84 13.14
C SER A 16 -0.55 -4.01 11.88
N PRO A 17 -1.65 -3.70 11.18
CA PRO A 17 -1.62 -2.90 9.95
C PRO A 17 -1.27 -1.44 10.22
N GLU A 18 -1.98 -0.83 11.16
CA GLU A 18 -1.74 0.56 11.51
C GLU A 18 -0.26 0.81 11.82
N LYS A 19 0.33 -0.11 12.59
CA LYS A 19 1.73 0.00 12.96
C LYS A 19 2.63 -0.04 11.72
N SER A 20 2.30 -0.94 10.80
CA SER A 20 3.07 -1.09 9.57
C SER A 20 3.49 0.27 9.02
N GLU A 21 4.60 0.30 8.29
CA GLU A 21 5.11 1.54 7.72
C GLU A 21 5.24 1.42 6.20
N ILE A 22 4.66 2.37 5.47
CA ILE A 22 4.71 2.37 4.03
C ILE A 22 5.51 3.57 3.50
N TRP A 23 6.61 3.29 2.82
CA TRP A 23 7.46 4.33 2.27
C TRP A 23 7.67 4.14 0.78
N GLY A 24 8.27 5.13 0.13
CA GLY A 24 8.51 5.04 -1.30
C GLY A 24 8.20 6.33 -2.02
N PRO A 25 8.67 6.44 -3.27
CA PRO A 25 8.45 7.63 -4.10
C PRO A 25 7.00 7.79 -4.52
N GLY A 26 6.26 6.68 -4.49
CA GLY A 26 4.86 6.71 -4.88
C GLY A 26 4.14 7.93 -4.33
N LEU A 27 4.68 8.51 -3.27
CA LEU A 27 4.07 9.69 -2.66
C LEU A 27 5.11 10.80 -2.49
N LYS A 28 5.79 11.14 -3.58
CA LYS A 28 6.80 12.19 -3.55
C LYS A 28 6.41 13.33 -4.48
N ALA A 29 7.25 14.37 -4.52
CA ALA A 29 7.00 15.52 -5.37
C ALA A 29 7.15 15.17 -6.84
N ASP A 30 8.38 14.99 -7.29
CA ASP A 30 8.65 14.65 -8.68
C ASP A 30 8.68 13.14 -8.86
N VAL A 31 7.52 12.51 -8.68
CA VAL A 31 7.41 11.06 -8.83
C VAL A 31 8.00 10.60 -10.16
N VAL A 32 7.87 9.30 -10.43
CA VAL A 32 8.39 8.73 -11.66
C VAL A 32 7.47 9.04 -12.85
N LEU A 33 8.07 9.32 -13.99
CA LEU A 33 7.32 9.64 -15.20
C LEU A 33 6.53 8.42 -15.69
N PRO A 34 7.23 7.29 -15.84
CA PRO A 34 6.61 6.03 -16.29
C PRO A 34 5.69 5.43 -15.25
N ALA A 35 6.24 4.58 -14.39
CA ALA A 35 5.46 3.93 -13.35
C ALA A 35 6.22 3.94 -12.02
N ARG A 36 5.47 3.89 -10.92
CA ARG A 36 6.06 3.90 -9.59
C ARG A 36 5.69 2.64 -8.82
N TYR A 37 6.58 2.19 -7.95
CA TYR A 37 6.34 0.99 -7.15
C TYR A 37 6.97 1.12 -5.76
N PHE A 38 6.18 0.85 -4.74
CA PHE A 38 6.67 0.94 -3.36
C PHE A 38 6.60 -0.42 -2.67
N TYR A 39 7.14 -0.50 -1.46
CA TYR A 39 7.15 -1.74 -0.70
C TYR A 39 6.27 -1.62 0.54
N ILE A 40 5.62 -2.73 0.89
CA ILE A 40 4.74 -2.76 2.06
C ILE A 40 5.30 -3.67 3.15
N GLN A 41 5.87 -3.07 4.18
CA GLN A 41 6.44 -3.83 5.29
C GLN A 41 5.40 -4.09 6.37
N ALA A 42 5.49 -5.26 7.00
CA ALA A 42 4.55 -5.62 8.05
C ALA A 42 5.17 -5.41 9.43
N VAL A 43 4.36 -4.89 10.36
CA VAL A 43 4.82 -4.64 11.72
C VAL A 43 3.88 -5.27 12.74
N ASP A 44 4.44 -5.64 13.89
CA ASP A 44 3.65 -6.25 14.95
C ASP A 44 3.11 -5.19 15.92
N THR A 45 2.22 -5.61 16.81
CA THR A 45 1.64 -4.70 17.78
C THR A 45 2.70 -4.10 18.70
N SER A 46 3.90 -4.67 18.65
CA SER A 46 5.01 -4.19 19.46
C SER A 46 6.07 -3.49 18.60
N GLY A 47 5.67 -3.10 17.40
CA GLY A 47 6.59 -2.44 16.49
C GLY A 47 7.76 -3.31 16.10
N ASN A 48 7.48 -4.59 15.84
CA ASN A 48 8.51 -5.54 15.45
C ASN A 48 8.39 -5.90 13.97
N LYS A 49 9.51 -5.86 13.26
CA LYS A 49 9.54 -6.19 11.84
C LYS A 49 9.31 -7.68 11.63
N PHE A 50 8.24 -8.01 10.91
CA PHE A 50 7.92 -9.41 10.64
C PHE A 50 9.02 -10.07 9.82
N THR A 51 9.41 -9.42 8.73
CA THR A 51 10.46 -9.95 7.86
C THR A 51 10.19 -11.40 7.48
N SER A 52 8.91 -11.76 7.43
CA SER A 52 8.52 -13.12 7.08
C SER A 52 7.46 -13.12 5.97
N SER A 53 7.08 -14.31 5.54
CA SER A 53 6.08 -14.45 4.48
C SER A 53 4.71 -14.77 5.06
N PRO A 54 3.82 -13.77 5.09
CA PRO A 54 2.47 -13.91 5.62
C PRO A 54 1.60 -14.79 4.72
N GLY A 55 1.61 -14.50 3.42
CA GLY A 55 0.81 -15.26 2.48
C GLY A 55 0.90 -14.73 1.07
N GLU A 56 0.31 -15.44 0.12
CA GLU A 56 0.33 -15.03 -1.27
C GLU A 56 -0.36 -13.69 -1.47
N LYS A 57 -1.57 -13.57 -0.93
CA LYS A 57 -2.35 -12.34 -1.03
C LYS A 57 -2.95 -11.96 0.31
N VAL A 58 -2.29 -11.04 1.01
CA VAL A 58 -2.76 -10.58 2.32
C VAL A 58 -3.00 -9.07 2.32
N PHE A 59 -2.22 -8.36 1.52
CA PHE A 59 -2.36 -6.91 1.43
C PHE A 59 -2.82 -6.48 0.04
N GLN A 60 -3.90 -5.71 0.00
CA GLN A 60 -4.45 -5.24 -1.27
C GLN A 60 -4.37 -3.71 -1.37
N VAL A 61 -4.23 -3.22 -2.59
CA VAL A 61 -4.12 -1.79 -2.83
C VAL A 61 -5.15 -1.32 -3.86
N LYS A 62 -5.67 -0.12 -3.68
CA LYS A 62 -6.65 0.44 -4.60
C LYS A 62 -6.18 1.76 -5.17
N VAL A 63 -6.49 2.01 -6.44
CA VAL A 63 -6.09 3.25 -7.09
C VAL A 63 -7.30 3.98 -7.67
N SER A 64 -7.64 5.12 -7.09
CA SER A 64 -8.78 5.91 -7.55
C SER A 64 -8.36 7.34 -7.86
N ALA A 65 -8.95 7.90 -8.91
CA ALA A 65 -8.64 9.28 -9.31
C ALA A 65 -9.89 10.15 -9.29
N PRO A 66 -9.72 11.41 -8.85
CA PRO A 66 -10.82 12.37 -8.76
C PRO A 66 -11.31 12.81 -10.13
N GLU A 67 -10.37 13.00 -11.06
CA GLU A 67 -10.71 13.42 -12.41
C GLU A 67 -11.97 12.71 -12.90
N GLU A 68 -11.83 11.42 -13.19
CA GLU A 68 -12.94 10.62 -13.67
C GLU A 68 -13.56 9.80 -12.53
N GLN A 69 -14.88 9.68 -12.54
CA GLN A 69 -15.60 8.92 -11.52
C GLN A 69 -15.03 7.51 -11.38
N PHE A 70 -15.18 6.72 -12.44
CA PHE A 70 -14.69 5.35 -12.45
C PHE A 70 -13.18 5.32 -12.70
N THR A 71 -12.59 4.14 -12.55
CA THR A 71 -11.17 3.96 -12.77
C THR A 71 -10.80 2.49 -12.94
N ARG A 72 -9.98 2.21 -13.94
CA ARG A 72 -9.56 0.83 -14.21
C ARG A 72 -8.05 0.71 -14.16
N VAL A 73 -7.52 0.28 -13.01
CA VAL A 73 -6.09 0.13 -12.84
C VAL A 73 -5.73 -1.31 -12.46
N GLY A 74 -4.86 -1.93 -13.25
CA GLY A 74 -4.45 -3.29 -12.98
C GLY A 74 -3.31 -3.37 -11.98
N VAL A 75 -3.64 -3.18 -10.70
CA VAL A 75 -2.63 -3.23 -9.65
C VAL A 75 -2.40 -4.66 -9.17
N GLN A 76 -1.14 -5.08 -9.15
CA GLN A 76 -0.79 -6.42 -8.71
C GLN A 76 0.30 -6.38 -7.64
N VAL A 77 0.25 -7.35 -6.72
CA VAL A 77 1.23 -7.42 -5.63
C VAL A 77 2.06 -8.69 -5.74
N LEU A 78 3.33 -8.54 -6.10
CA LEU A 78 4.24 -9.67 -6.23
C LEU A 78 5.25 -9.70 -5.09
N ASP A 79 5.85 -10.86 -4.86
CA ASP A 79 6.84 -11.02 -3.80
C ASP A 79 8.25 -10.83 -4.34
N ARG A 80 8.90 -9.76 -3.91
CA ARG A 80 10.27 -9.46 -4.36
C ARG A 80 11.25 -9.56 -3.20
N LYS A 81 11.03 -8.76 -2.17
CA LYS A 81 11.90 -8.76 -1.00
C LYS A 81 11.57 -9.93 -0.08
N ASP A 82 12.31 -10.04 1.02
CA ASP A 82 12.09 -11.11 1.99
C ASP A 82 11.32 -10.59 3.20
N GLY A 83 10.21 -9.90 2.95
CA GLY A 83 9.41 -9.37 4.03
C GLY A 83 8.33 -8.42 3.53
N SER A 84 8.64 -7.69 2.47
CA SER A 84 7.69 -6.73 1.91
C SER A 84 7.23 -7.18 0.52
N PHE A 85 6.17 -6.54 0.02
CA PHE A 85 5.63 -6.88 -1.29
C PHE A 85 5.85 -5.73 -2.28
N ILE A 86 5.70 -6.01 -3.56
CA ILE A 86 5.88 -5.01 -4.60
C ILE A 86 4.57 -4.75 -5.34
N VAL A 87 4.19 -3.47 -5.43
CA VAL A 87 2.96 -3.09 -6.12
C VAL A 87 3.27 -2.42 -7.46
N ARG A 88 2.95 -3.11 -8.54
CA ARG A 88 3.18 -2.60 -9.88
C ARG A 88 1.88 -2.47 -10.65
N TYR A 89 1.64 -1.28 -11.21
CA TYR A 89 0.43 -1.02 -11.97
C TYR A 89 0.74 -0.29 -13.27
N ARG A 90 -0.20 -0.33 -14.21
CA ARG A 90 -0.02 0.34 -15.49
C ARG A 90 -1.24 1.17 -15.86
N MET A 91 -1.01 2.35 -16.41
CA MET A 91 -2.10 3.24 -16.80
C MET A 91 -1.72 4.04 -18.05
N TYR A 92 -2.64 4.09 -19.01
CA TYR A 92 -2.41 4.81 -20.25
C TYR A 92 -3.46 5.90 -20.46
N ALA A 93 -3.66 6.71 -19.42
CA ALA A 93 -4.63 7.80 -19.49
C ALA A 93 -4.18 8.99 -18.66
N SER A 94 -4.72 10.16 -18.98
CA SER A 94 -4.36 11.39 -18.27
C SER A 94 -4.17 11.11 -16.78
N TYR A 95 -2.93 11.17 -16.33
CA TYR A 95 -2.60 10.93 -14.93
C TYR A 95 -2.11 12.21 -14.26
N LYS A 96 -3.03 12.95 -13.65
CA LYS A 96 -2.68 14.20 -12.97
C LYS A 96 -2.66 13.99 -11.46
N ASN A 97 -3.73 13.41 -10.92
CA ASN A 97 -3.82 13.17 -9.49
C ASN A 97 -4.48 11.81 -9.22
N LEU A 98 -3.86 11.03 -8.35
CA LEU A 98 -4.39 9.71 -7.99
C LEU A 98 -4.50 9.56 -6.48
N LYS A 99 -5.28 8.57 -6.04
CA LYS A 99 -5.47 8.32 -4.62
C LYS A 99 -5.16 6.87 -4.29
N VAL A 100 -4.37 6.66 -3.23
CA VAL A 100 -4.01 5.32 -2.81
C VAL A 100 -4.79 4.89 -1.57
N GLU A 101 -5.20 3.63 -1.54
CA GLU A 101 -5.95 3.11 -0.41
C GLU A 101 -5.57 1.66 -0.12
N ILE A 102 -4.92 1.43 1.02
CA ILE A 102 -4.49 0.10 1.41
C ILE A 102 -5.20 -0.35 2.69
N LYS A 103 -5.84 -1.51 2.61
CA LYS A 103 -6.55 -2.06 3.76
C LYS A 103 -6.19 -3.53 3.98
N PHE A 104 -6.42 -4.01 5.20
CA PHE A 104 -6.11 -5.40 5.54
C PHE A 104 -7.23 -6.01 6.38
N GLN A 105 -7.99 -6.91 5.76
CA GLN A 105 -9.10 -7.58 6.44
C GLN A 105 -10.03 -6.56 7.07
N GLY A 106 -10.12 -5.38 6.46
CA GLY A 106 -10.99 -4.34 6.97
C GLY A 106 -10.29 -3.46 7.98
N GLN A 107 -9.04 -3.12 7.71
CA GLN A 107 -8.25 -2.27 8.61
C GLN A 107 -7.13 -1.57 7.85
N HIS A 108 -7.13 -0.24 7.93
CA HIS A 108 -6.10 0.56 7.25
C HIS A 108 -4.71 0.16 7.71
N VAL A 109 -3.74 0.22 6.80
CA VAL A 109 -2.36 -0.13 7.12
C VAL A 109 -1.46 1.10 7.11
N ALA A 110 -1.81 2.06 6.26
CA ALA A 110 -1.03 3.30 6.14
C ALA A 110 -1.92 4.53 6.34
N LYS A 111 -1.32 5.70 6.18
CA LYS A 111 -2.06 6.95 6.33
C LYS A 111 -2.94 7.21 5.11
N SER A 112 -3.74 6.22 4.73
CA SER A 112 -4.63 6.34 3.58
C SER A 112 -6.01 6.82 4.02
N PRO A 113 -6.78 7.36 3.06
CA PRO A 113 -6.34 7.47 1.67
C PRO A 113 -5.24 8.51 1.49
N TYR A 114 -4.63 8.52 0.31
CA TYR A 114 -3.56 9.48 0.02
C TYR A 114 -3.96 10.43 -1.10
N ILE A 115 -3.84 11.73 -0.83
CA ILE A 115 -4.19 12.74 -1.82
C ILE A 115 -2.95 13.36 -2.43
N LEU A 116 -2.67 13.01 -3.69
CA LEU A 116 -1.51 13.53 -4.39
C LEU A 116 -1.93 14.38 -5.59
N LYS A 117 -1.85 15.69 -5.45
CA LYS A 117 -2.23 16.61 -6.52
C LYS A 117 -1.13 17.63 -6.77
N GLY A 118 0.05 17.36 -6.23
CA GLY A 118 1.17 18.28 -6.41
C GLY A 118 0.86 19.68 -5.92
N SER A 119 1.33 20.00 -4.72
CA SER A 119 1.09 21.32 -4.13
C SER A 119 2.37 21.88 -3.51
N GLY A 120 2.87 22.96 -4.11
CA GLY A 120 4.08 23.57 -3.60
C GLY A 120 5.27 23.37 -4.52
N PRO A 121 6.16 24.37 -4.58
CA PRO A 121 7.36 24.31 -5.43
C PRO A 121 8.38 23.29 -4.92
N SER A 122 8.72 22.32 -5.76
CA SER A 122 9.68 21.29 -5.40
C SER A 122 10.80 21.20 -6.44
N SER A 123 12.03 21.41 -6.00
CA SER A 123 13.18 21.36 -6.88
C SER A 123 14.01 20.10 -6.62
N GLY A 124 14.13 19.25 -7.63
CA GLY A 124 14.89 18.02 -7.48
C GLY A 124 14.46 16.95 -8.47
N GLY A 1 -15.07 3.31 9.00
CA GLY A 1 -14.82 2.02 9.62
C GLY A 1 -14.03 2.13 10.91
N SER A 2 -14.48 1.41 11.93
CA SER A 2 -13.82 1.43 13.23
C SER A 2 -12.90 0.22 13.40
N SER A 3 -12.17 0.20 14.51
CA SER A 3 -11.25 -0.90 14.78
C SER A 3 -11.96 -2.04 15.50
N GLY A 4 -11.24 -3.14 15.72
CA GLY A 4 -11.82 -4.28 16.40
C GLY A 4 -10.78 -5.34 16.74
N SER A 5 -11.02 -6.05 17.83
CA SER A 5 -10.09 -7.09 18.28
C SER A 5 -10.85 -8.28 18.85
N SER A 6 -10.65 -9.45 18.25
CA SER A 6 -11.32 -10.67 18.71
C SER A 6 -10.59 -11.92 18.19
N GLY A 7 -10.63 -12.98 18.98
CA GLY A 7 -9.97 -14.21 18.58
C GLY A 7 -9.67 -15.11 19.76
N GLU A 8 -9.22 -16.33 19.47
CA GLU A 8 -8.91 -17.30 20.51
C GLU A 8 -7.70 -16.84 21.33
N THR A 9 -7.92 -16.65 22.64
CA THR A 9 -6.85 -16.20 23.53
C THR A 9 -5.67 -17.17 23.49
N GLY A 10 -4.48 -16.63 23.28
CA GLY A 10 -3.29 -17.46 23.23
C GLY A 10 -3.13 -18.16 21.90
N GLY A 11 -2.13 -17.74 21.12
CA GLY A 11 -1.90 -18.34 19.82
C GLY A 11 -0.66 -17.80 19.15
N GLU A 12 -0.72 -17.63 17.83
CA GLU A 12 0.42 -17.12 17.07
C GLU A 12 0.53 -15.60 17.21
N ARG A 13 1.59 -15.04 16.64
CA ARG A 13 1.81 -13.60 16.71
C ARG A 13 0.60 -12.83 16.21
N GLN A 14 0.63 -11.52 16.36
CA GLN A 14 -0.48 -10.67 15.91
C GLN A 14 0.03 -9.52 15.06
N LEU A 15 -0.10 -9.66 13.74
CA LEU A 15 0.35 -8.62 12.82
C LEU A 15 -0.57 -7.39 12.89
N SER A 16 0.03 -6.23 13.14
CA SER A 16 -0.73 -4.98 13.24
C SER A 16 -0.49 -4.11 12.01
N PRO A 17 -1.56 -3.91 11.22
CA PRO A 17 -1.50 -3.09 10.01
C PRO A 17 -1.31 -1.61 10.32
N GLU A 18 -1.78 -1.18 11.48
CA GLU A 18 -1.67 0.21 11.89
C GLU A 18 -0.21 0.58 12.17
N LYS A 19 0.50 -0.31 12.86
CA LYS A 19 1.90 -0.08 13.18
C LYS A 19 2.76 -0.08 11.92
N SER A 20 2.40 -0.92 10.96
CA SER A 20 3.14 -1.03 9.71
C SER A 20 3.37 0.37 9.10
N GLU A 21 4.55 0.56 8.53
CA GLU A 21 4.90 1.84 7.91
C GLU A 21 5.12 1.68 6.42
N ILE A 22 4.45 2.52 5.62
CA ILE A 22 4.59 2.46 4.18
C ILE A 22 5.36 3.67 3.65
N TRP A 23 6.35 3.41 2.80
CA TRP A 23 7.16 4.47 2.23
C TRP A 23 7.53 4.15 0.78
N GLY A 24 7.79 5.20 0.00
CA GLY A 24 8.14 5.02 -1.39
C GLY A 24 8.15 6.32 -2.17
N PRO A 25 9.06 6.43 -3.14
CA PRO A 25 9.18 7.63 -3.99
C PRO A 25 7.99 7.79 -4.94
N GLY A 26 7.03 6.88 -4.84
CA GLY A 26 5.86 6.95 -5.69
C GLY A 26 4.78 7.85 -5.13
N LEU A 27 5.13 8.61 -4.09
CA LEU A 27 4.18 9.52 -3.46
C LEU A 27 4.52 10.97 -3.77
N LYS A 28 5.79 11.32 -3.61
CA LYS A 28 6.26 12.67 -3.88
C LYS A 28 5.59 13.24 -5.13
N ALA A 29 5.60 14.56 -5.26
CA ALA A 29 5.00 15.23 -6.40
C ALA A 29 5.62 14.74 -7.71
N ASP A 30 6.85 15.16 -7.96
CA ASP A 30 7.56 14.76 -9.18
C ASP A 30 7.91 13.28 -9.14
N VAL A 31 7.09 12.46 -9.79
CA VAL A 31 7.32 11.02 -9.83
C VAL A 31 7.35 10.51 -11.27
N VAL A 32 7.68 9.23 -11.44
CA VAL A 32 7.74 8.62 -12.75
C VAL A 32 6.55 9.02 -13.60
N LEU A 33 6.74 9.06 -14.92
CA LEU A 33 5.68 9.44 -15.84
C LEU A 33 4.54 8.42 -15.80
N PRO A 34 4.86 7.15 -16.13
CA PRO A 34 3.89 6.06 -16.14
C PRO A 34 3.43 5.68 -14.74
N ALA A 35 4.14 4.73 -14.13
CA ALA A 35 3.80 4.28 -12.78
C ALA A 35 5.05 3.84 -12.02
N ARG A 36 4.99 3.94 -10.70
CA ARG A 36 6.12 3.56 -9.85
C ARG A 36 5.72 2.48 -8.85
N TYR A 37 6.68 1.68 -8.43
CA TYR A 37 6.43 0.61 -7.46
C TYR A 37 7.09 0.91 -6.13
N PHE A 38 6.36 0.66 -5.05
CA PHE A 38 6.88 0.90 -3.70
C PHE A 38 6.93 -0.39 -2.89
N TYR A 39 7.34 -0.28 -1.64
CA TYR A 39 7.44 -1.44 -0.76
C TYR A 39 6.57 -1.26 0.48
N ILE A 40 5.97 -2.35 0.94
CA ILE A 40 5.11 -2.32 2.12
C ILE A 40 5.68 -3.19 3.23
N GLN A 41 6.20 -2.55 4.27
CA GLN A 41 6.77 -3.28 5.41
C GLN A 41 5.70 -3.58 6.45
N ALA A 42 5.72 -4.81 6.97
CA ALA A 42 4.76 -5.23 7.97
C ALA A 42 5.32 -5.06 9.38
N VAL A 43 4.44 -4.86 10.36
CA VAL A 43 4.85 -4.69 11.74
C VAL A 43 3.86 -5.34 12.69
N ASP A 44 4.36 -5.84 13.82
CA ASP A 44 3.53 -6.50 14.81
C ASP A 44 2.80 -5.47 15.67
N THR A 45 2.07 -5.94 16.68
CA THR A 45 1.33 -5.06 17.57
C THR A 45 2.27 -4.29 18.49
N SER A 46 3.53 -4.69 18.51
CA SER A 46 4.53 -4.04 19.34
C SER A 46 5.45 -3.14 18.51
N GLY A 47 6.03 -3.73 17.47
CA GLY A 47 6.92 -2.96 16.61
C GLY A 47 8.16 -3.74 16.23
N ASN A 48 7.98 -5.02 15.90
CA ASN A 48 9.10 -5.88 15.53
C ASN A 48 8.96 -6.35 14.08
N LYS A 49 9.73 -5.75 13.18
CA LYS A 49 9.69 -6.11 11.77
C LYS A 49 9.43 -7.60 11.59
N PHE A 50 8.56 -7.95 10.65
CA PHE A 50 8.24 -9.34 10.38
C PHE A 50 9.35 -10.02 9.59
N THR A 51 9.76 -9.38 8.49
CA THR A 51 10.81 -9.92 7.64
C THR A 51 10.56 -11.39 7.32
N SER A 52 9.29 -11.79 7.36
CA SER A 52 8.92 -13.17 7.08
C SER A 52 7.79 -13.23 6.06
N SER A 53 7.40 -14.44 5.68
CA SER A 53 6.33 -14.63 4.71
C SER A 53 4.99 -14.83 5.42
N PRO A 54 4.14 -13.80 5.36
CA PRO A 54 2.81 -13.84 5.99
C PRO A 54 1.86 -14.78 5.27
N GLY A 55 1.86 -14.71 3.94
CA GLY A 55 0.99 -15.56 3.15
C GLY A 55 1.05 -15.24 1.67
N GLU A 56 0.03 -15.66 0.93
CA GLU A 56 -0.02 -15.43 -0.51
C GLU A 56 -0.57 -14.04 -0.81
N LYS A 57 -1.51 -13.58 0.02
CA LYS A 57 -2.11 -12.28 -0.15
C LYS A 57 -2.58 -11.71 1.19
N VAL A 58 -1.85 -10.73 1.70
CA VAL A 58 -2.18 -10.10 2.97
C VAL A 58 -2.35 -8.59 2.81
N PHE A 59 -1.65 -8.02 1.84
CA PHE A 59 -1.71 -6.59 1.59
C PHE A 59 -2.17 -6.31 0.16
N GLN A 60 -3.20 -5.47 0.03
CA GLN A 60 -3.73 -5.12 -1.28
C GLN A 60 -3.66 -3.61 -1.51
N VAL A 61 -3.58 -3.22 -2.78
CA VAL A 61 -3.50 -1.81 -3.14
C VAL A 61 -4.48 -1.47 -4.26
N LYS A 62 -5.08 -0.29 -4.18
CA LYS A 62 -6.04 0.16 -5.18
C LYS A 62 -5.82 1.62 -5.53
N VAL A 63 -6.10 1.97 -6.78
CA VAL A 63 -5.93 3.34 -7.25
C VAL A 63 -7.23 3.89 -7.82
N SER A 64 -7.65 5.07 -7.34
CA SER A 64 -8.88 5.69 -7.81
C SER A 64 -8.71 7.21 -7.90
N ALA A 65 -9.55 7.83 -8.72
CA ALA A 65 -9.49 9.28 -8.90
C ALA A 65 -10.45 9.99 -7.94
N PRO A 66 -9.89 10.76 -7.00
CA PRO A 66 -10.68 11.49 -6.01
C PRO A 66 -11.45 12.66 -6.63
N GLU A 67 -10.76 13.46 -7.44
CA GLU A 67 -11.38 14.60 -8.10
C GLU A 67 -12.40 14.14 -9.14
N GLU A 68 -11.92 13.47 -10.18
CA GLU A 68 -12.79 12.97 -11.23
C GLU A 68 -13.29 11.56 -10.92
N GLN A 69 -14.29 11.11 -11.68
CA GLN A 69 -14.86 9.79 -11.47
C GLN A 69 -13.76 8.73 -11.42
N PHE A 70 -14.14 7.51 -11.03
CA PHE A 70 -13.19 6.41 -10.93
C PHE A 70 -12.26 6.39 -12.14
N THR A 71 -11.16 5.66 -12.03
CA THR A 71 -10.19 5.54 -13.11
C THR A 71 -9.85 4.09 -13.40
N ARG A 72 -9.33 3.83 -14.60
CA ARG A 72 -8.96 2.48 -15.00
C ARG A 72 -7.50 2.20 -14.68
N VAL A 73 -7.28 1.44 -13.61
CA VAL A 73 -5.92 1.09 -13.19
C VAL A 73 -5.83 -0.39 -12.83
N GLY A 74 -4.80 -1.06 -13.35
CA GLY A 74 -4.61 -2.47 -13.08
C GLY A 74 -3.50 -2.72 -12.08
N VAL A 75 -3.81 -2.56 -10.80
CA VAL A 75 -2.82 -2.76 -9.74
C VAL A 75 -2.53 -4.24 -9.55
N GLN A 76 -1.31 -4.55 -9.12
CA GLN A 76 -0.91 -5.94 -8.90
C GLN A 76 0.04 -6.04 -7.70
N VAL A 77 -0.16 -7.07 -6.88
CA VAL A 77 0.68 -7.28 -5.71
C VAL A 77 1.39 -8.63 -5.78
N LEU A 78 2.68 -8.59 -6.10
CA LEU A 78 3.49 -9.80 -6.19
C LEU A 78 4.49 -9.90 -5.04
N ASP A 79 4.53 -11.05 -4.39
CA ASP A 79 5.42 -11.27 -3.27
C ASP A 79 6.85 -11.51 -3.77
N ARG A 80 7.75 -10.58 -3.45
CA ARG A 80 9.13 -10.69 -3.87
C ARG A 80 10.02 -11.07 -2.69
N LYS A 81 10.04 -10.22 -1.66
CA LYS A 81 10.84 -10.47 -0.48
C LYS A 81 10.03 -11.18 0.59
N ASP A 82 10.67 -11.47 1.72
CA ASP A 82 9.99 -12.14 2.83
C ASP A 82 8.97 -11.22 3.48
N GLY A 83 9.45 -10.18 4.15
CA GLY A 83 8.57 -9.24 4.81
C GLY A 83 8.35 -7.98 4.00
N SER A 84 8.56 -8.07 2.68
CA SER A 84 8.39 -6.93 1.80
C SER A 84 7.69 -7.34 0.51
N PHE A 85 6.81 -6.47 0.01
CA PHE A 85 6.07 -6.75 -1.22
C PHE A 85 6.25 -5.62 -2.23
N ILE A 86 5.88 -5.88 -3.48
CA ILE A 86 6.01 -4.89 -4.53
C ILE A 86 4.67 -4.66 -5.22
N VAL A 87 4.26 -3.39 -5.32
CA VAL A 87 3.01 -3.04 -5.96
C VAL A 87 3.24 -2.39 -7.33
N ARG A 88 2.65 -2.98 -8.36
CA ARG A 88 2.79 -2.46 -9.72
C ARG A 88 1.43 -2.30 -10.40
N TYR A 89 1.23 -1.16 -11.03
CA TYR A 89 -0.02 -0.87 -11.70
C TYR A 89 0.22 -0.20 -13.06
N ARG A 90 -0.69 -0.41 -13.99
CA ARG A 90 -0.58 0.18 -15.32
C ARG A 90 -1.49 1.39 -15.46
N MET A 91 -1.15 2.29 -16.39
CA MET A 91 -1.95 3.48 -16.63
C MET A 91 -2.16 3.71 -18.12
N TYR A 92 -3.42 3.87 -18.52
CA TYR A 92 -3.76 4.08 -19.92
C TYR A 92 -4.57 5.36 -20.09
N ALA A 93 -4.34 6.33 -19.21
CA ALA A 93 -5.05 7.60 -19.26
C ALA A 93 -4.20 8.72 -18.70
N SER A 94 -4.75 9.93 -18.70
CA SER A 94 -4.03 11.10 -18.20
C SER A 94 -3.86 11.03 -16.68
N TYR A 95 -2.91 11.79 -16.16
CA TYR A 95 -2.65 11.82 -14.73
C TYR A 95 -3.20 13.09 -14.09
N LYS A 96 -4.46 13.02 -13.67
CA LYS A 96 -5.10 14.17 -13.03
C LYS A 96 -5.06 14.06 -11.51
N ASN A 97 -5.60 12.98 -10.99
CA ASN A 97 -5.61 12.75 -9.54
C ASN A 97 -5.41 11.27 -9.23
N LEU A 98 -4.36 10.98 -8.47
CA LEU A 98 -4.06 9.60 -8.09
C LEU A 98 -4.20 9.41 -6.58
N LYS A 99 -5.12 8.54 -6.18
CA LYS A 99 -5.36 8.26 -4.77
C LYS A 99 -4.93 6.84 -4.41
N VAL A 100 -3.90 6.73 -3.57
CA VAL A 100 -3.39 5.43 -3.15
C VAL A 100 -4.21 4.86 -2.00
N GLU A 101 -4.50 3.57 -2.06
CA GLU A 101 -5.28 2.92 -1.01
C GLU A 101 -4.66 1.57 -0.64
N ILE A 102 -4.48 1.34 0.66
CA ILE A 102 -3.90 0.08 1.13
C ILE A 102 -4.62 -0.41 2.38
N LYS A 103 -5.42 -1.46 2.22
CA LYS A 103 -6.17 -2.03 3.34
C LYS A 103 -5.81 -3.51 3.52
N PHE A 104 -6.28 -4.09 4.62
CA PHE A 104 -6.01 -5.49 4.93
C PHE A 104 -7.17 -6.12 5.68
N GLN A 105 -7.74 -7.16 5.11
CA GLN A 105 -8.87 -7.86 5.72
C GLN A 105 -9.92 -6.86 6.21
N GLY A 106 -9.95 -5.69 5.59
CA GLY A 106 -10.90 -4.67 5.99
C GLY A 106 -10.34 -3.72 7.03
N GLN A 107 -9.04 -3.48 6.96
CA GLN A 107 -8.38 -2.58 7.90
C GLN A 107 -7.26 -1.80 7.22
N HIS A 108 -7.30 -0.49 7.35
CA HIS A 108 -6.28 0.38 6.75
C HIS A 108 -4.94 0.20 7.44
N VAL A 109 -3.87 0.20 6.66
CA VAL A 109 -2.52 0.04 7.20
C VAL A 109 -1.85 1.39 7.41
N ALA A 110 -2.15 2.34 6.53
CA ALA A 110 -1.58 3.67 6.62
C ALA A 110 -2.67 4.74 6.69
N LYS A 111 -2.26 5.99 6.64
CA LYS A 111 -3.20 7.11 6.71
C LYS A 111 -4.22 7.03 5.56
N SER A 112 -3.98 6.13 4.63
CA SER A 112 -4.86 5.95 3.49
C SER A 112 -6.32 6.12 3.90
N PRO A 113 -7.16 6.51 2.93
CA PRO A 113 -6.73 6.76 1.56
C PRO A 113 -5.87 8.01 1.43
N TYR A 114 -4.94 7.99 0.49
CA TYR A 114 -4.05 9.12 0.27
C TYR A 114 -4.52 9.97 -0.91
N ILE A 115 -4.44 11.29 -0.74
CA ILE A 115 -4.85 12.21 -1.80
C ILE A 115 -3.66 12.97 -2.37
N LEU A 116 -3.28 12.62 -3.60
CA LEU A 116 -2.15 13.26 -4.25
C LEU A 116 -2.55 13.80 -5.63
N LYS A 117 -2.77 15.11 -5.70
CA LYS A 117 -3.16 15.75 -6.95
C LYS A 117 -2.21 16.89 -7.30
N GLY A 118 -1.99 17.79 -6.34
CA GLY A 118 -1.10 18.91 -6.57
C GLY A 118 -0.95 19.79 -5.35
N SER A 119 0.29 20.01 -4.91
CA SER A 119 0.55 20.83 -3.74
C SER A 119 -0.22 22.14 -3.81
N GLY A 120 -0.64 22.64 -2.65
CA GLY A 120 -1.39 23.89 -2.60
C GLY A 120 -1.46 24.46 -1.20
N PRO A 121 -0.43 25.22 -0.81
CA PRO A 121 -0.37 25.84 0.51
C PRO A 121 -1.38 26.97 0.68
N SER A 122 -2.46 26.69 1.41
CA SER A 122 -3.51 27.67 1.63
C SER A 122 -2.93 28.97 2.19
N SER A 123 -2.01 28.82 3.15
CA SER A 123 -1.38 29.98 3.78
C SER A 123 0.06 30.16 3.27
N GLY A 124 0.39 31.38 2.88
CA GLY A 124 1.72 31.66 2.38
C GLY A 124 1.72 32.71 1.28
N GLY A 1 -8.32 5.02 14.59
CA GLY A 1 -8.54 5.31 15.99
C GLY A 1 -7.24 5.58 16.74
N SER A 2 -7.27 5.35 18.05
CA SER A 2 -6.09 5.57 18.88
C SER A 2 -5.81 4.36 19.76
N SER A 3 -6.79 4.00 20.58
CA SER A 3 -6.66 2.86 21.48
C SER A 3 -7.33 1.62 20.89
N GLY A 4 -6.80 0.45 21.25
CA GLY A 4 -7.37 -0.79 20.76
C GLY A 4 -6.68 -2.01 21.34
N SER A 5 -7.47 -3.01 21.70
CA SER A 5 -6.93 -4.24 22.28
C SER A 5 -6.60 -5.25 21.19
N SER A 6 -7.57 -5.53 20.33
CA SER A 6 -7.38 -6.49 19.24
C SER A 6 -6.97 -7.85 19.78
N GLY A 7 -7.61 -8.26 20.87
CA GLY A 7 -7.31 -9.55 21.47
C GLY A 7 -5.92 -9.58 22.09
N GLU A 8 -5.72 -8.78 23.13
CA GLU A 8 -4.43 -8.71 23.81
C GLU A 8 -3.91 -10.11 24.11
N THR A 9 -4.75 -10.94 24.73
CA THR A 9 -4.37 -12.30 25.07
C THR A 9 -4.48 -13.22 23.86
N GLY A 10 -3.33 -13.58 23.29
CA GLY A 10 -3.30 -14.45 22.14
C GLY A 10 -2.20 -15.49 22.20
N GLY A 11 -1.08 -15.19 21.55
CA GLY A 11 0.04 -16.12 21.55
C GLY A 11 1.12 -15.72 20.57
N GLU A 12 1.12 -16.35 19.40
CA GLU A 12 2.11 -16.05 18.38
C GLU A 12 2.12 -14.57 18.04
N ARG A 13 3.11 -14.15 17.25
CA ARG A 13 3.23 -12.75 16.86
C ARG A 13 1.87 -12.15 16.52
N GLN A 14 1.80 -10.82 16.50
CA GLN A 14 0.56 -10.14 16.20
C GLN A 14 0.79 -9.02 15.18
N LEU A 15 0.60 -9.34 13.90
CA LEU A 15 0.79 -8.37 12.83
C LEU A 15 -0.28 -7.28 12.89
N SER A 16 0.17 -6.03 12.98
CA SER A 16 -0.74 -4.90 13.05
C SER A 16 -0.62 -4.02 11.80
N PRO A 17 -1.76 -3.80 11.12
CA PRO A 17 -1.80 -2.98 9.91
C PRO A 17 -1.57 -1.50 10.19
N GLU A 18 -1.88 -1.09 11.41
CA GLU A 18 -1.70 0.31 11.81
C GLU A 18 -0.23 0.61 12.08
N LYS A 19 0.51 -0.40 12.54
CA LYS A 19 1.92 -0.25 12.85
C LYS A 19 2.75 -0.28 11.58
N SER A 20 2.41 -1.18 10.65
CA SER A 20 3.12 -1.31 9.39
C SER A 20 3.49 0.06 8.83
N GLU A 21 4.65 0.13 8.19
CA GLU A 21 5.11 1.39 7.61
C GLU A 21 5.23 1.28 6.09
N ILE A 22 4.48 2.11 5.39
CA ILE A 22 4.48 2.11 3.93
C ILE A 22 5.31 3.27 3.37
N TRP A 23 6.56 2.99 3.02
CA TRP A 23 7.46 4.00 2.49
C TRP A 23 7.55 3.89 0.97
N GLY A 24 8.10 4.93 0.33
CA GLY A 24 8.25 4.93 -1.11
C GLY A 24 7.92 6.27 -1.72
N PRO A 25 8.63 6.62 -2.80
CA PRO A 25 8.45 7.90 -3.51
C PRO A 25 7.11 7.95 -4.25
N GLY A 26 6.52 6.78 -4.48
CA GLY A 26 5.25 6.72 -5.18
C GLY A 26 4.28 7.79 -4.72
N LEU A 27 4.35 8.14 -3.44
CA LEU A 27 3.48 9.16 -2.88
C LEU A 27 3.91 10.55 -3.31
N LYS A 28 5.19 10.85 -3.12
CA LYS A 28 5.74 12.16 -3.50
C LYS A 28 5.12 12.65 -4.80
N ALA A 29 4.96 13.96 -4.91
CA ALA A 29 4.38 14.57 -6.10
C ALA A 29 5.32 14.42 -7.30
N ASP A 30 6.61 14.62 -7.07
CA ASP A 30 7.60 14.51 -8.12
C ASP A 30 8.00 13.06 -8.36
N VAL A 31 7.17 12.33 -9.10
CA VAL A 31 7.42 10.93 -9.40
C VAL A 31 8.11 10.77 -10.75
N VAL A 32 8.57 9.56 -11.03
CA VAL A 32 9.25 9.27 -12.28
C VAL A 32 8.36 9.62 -13.48
N LEU A 33 8.96 9.64 -14.66
CA LEU A 33 8.23 9.97 -15.88
C LEU A 33 6.99 9.10 -16.02
N PRO A 34 7.20 7.78 -16.08
CA PRO A 34 6.10 6.81 -16.20
C PRO A 34 5.24 6.72 -14.95
N ALA A 35 5.62 5.82 -14.04
CA ALA A 35 4.88 5.65 -12.80
C ALA A 35 5.80 5.13 -11.69
N ARG A 36 5.69 5.73 -10.51
CA ARG A 36 6.52 5.33 -9.38
C ARG A 36 5.70 4.50 -8.37
N TYR A 37 6.22 3.33 -8.03
CA TYR A 37 5.54 2.45 -7.09
C TYR A 37 6.15 2.56 -5.70
N PHE A 38 5.66 1.74 -4.78
CA PHE A 38 6.15 1.74 -3.40
C PHE A 38 6.26 0.31 -2.86
N TYR A 39 6.63 0.20 -1.59
CA TYR A 39 6.77 -1.11 -0.95
C TYR A 39 5.91 -1.19 0.30
N ILE A 40 5.72 -2.41 0.80
CA ILE A 40 4.91 -2.63 1.99
C ILE A 40 5.63 -3.55 2.97
N GLN A 41 5.76 -3.11 4.22
CA GLN A 41 6.41 -3.89 5.25
C GLN A 41 5.44 -4.24 6.37
N ALA A 42 5.58 -5.44 6.92
CA ALA A 42 4.72 -5.88 8.01
C ALA A 42 5.35 -5.59 9.36
N VAL A 43 4.56 -5.00 10.27
CA VAL A 43 5.05 -4.67 11.60
C VAL A 43 4.11 -5.22 12.67
N ASP A 44 4.66 -5.45 13.86
CA ASP A 44 3.87 -5.96 14.97
C ASP A 44 3.11 -4.84 15.68
N THR A 45 2.32 -5.20 16.67
CA THR A 45 1.53 -4.23 17.43
C THR A 45 2.43 -3.30 18.23
N SER A 46 3.70 -3.69 18.37
CA SER A 46 4.66 -2.89 19.11
C SER A 46 5.49 -2.01 18.18
N GLY A 47 6.06 -2.64 17.15
CA GLY A 47 6.87 -1.90 16.19
C GLY A 47 8.06 -2.70 15.72
N ASN A 48 7.89 -4.02 15.61
CA ASN A 48 8.97 -4.90 15.17
C ASN A 48 8.74 -5.33 13.72
N LYS A 49 9.83 -5.60 13.02
CA LYS A 49 9.76 -6.03 11.63
C LYS A 49 9.50 -7.53 11.53
N PHE A 50 8.56 -7.91 10.66
CA PHE A 50 8.22 -9.32 10.48
C PHE A 50 9.27 -10.04 9.63
N THR A 51 9.62 -9.42 8.50
CA THR A 51 10.62 -10.00 7.60
C THR A 51 10.30 -11.46 7.29
N SER A 52 9.01 -11.79 7.28
CA SER A 52 8.57 -13.16 7.01
C SER A 52 7.50 -13.18 5.92
N SER A 53 7.09 -14.38 5.53
CA SER A 53 6.08 -14.54 4.50
C SER A 53 4.72 -14.87 5.12
N PRO A 54 3.86 -13.85 5.24
CA PRO A 54 2.51 -14.01 5.81
C PRO A 54 1.59 -14.82 4.91
N GLY A 55 1.87 -14.79 3.61
CA GLY A 55 1.05 -15.53 2.66
C GLY A 55 1.21 -15.03 1.24
N GLU A 56 0.34 -15.50 0.35
CA GLU A 56 0.39 -15.09 -1.05
C GLU A 56 -0.01 -13.63 -1.21
N LYS A 57 -1.30 -13.36 -1.06
CA LYS A 57 -1.81 -12.00 -1.18
C LYS A 57 -2.63 -11.60 0.05
N VAL A 58 -1.98 -10.93 1.00
CA VAL A 58 -2.64 -10.51 2.22
C VAL A 58 -3.00 -9.02 2.16
N PHE A 59 -2.11 -8.23 1.57
CA PHE A 59 -2.33 -6.79 1.45
C PHE A 59 -2.86 -6.44 0.07
N GLN A 60 -3.85 -5.55 0.03
CA GLN A 60 -4.46 -5.13 -1.23
C GLN A 60 -4.26 -3.63 -1.45
N VAL A 61 -4.37 -3.21 -2.71
CA VAL A 61 -4.21 -1.80 -3.06
C VAL A 61 -5.23 -1.37 -4.09
N LYS A 62 -5.71 -0.14 -3.97
CA LYS A 62 -6.69 0.39 -4.90
C LYS A 62 -6.25 1.75 -5.45
N VAL A 63 -6.26 1.88 -6.78
CA VAL A 63 -5.85 3.12 -7.41
C VAL A 63 -6.99 3.71 -8.26
N SER A 64 -7.27 4.99 -8.05
CA SER A 64 -8.33 5.65 -8.80
C SER A 64 -8.08 7.15 -8.88
N ALA A 65 -8.46 7.75 -10.01
CA ALA A 65 -8.27 9.18 -10.21
C ALA A 65 -9.60 9.92 -10.12
N PRO A 66 -9.59 11.09 -9.47
CA PRO A 66 -10.78 11.93 -9.30
C PRO A 66 -11.24 12.56 -10.61
N GLU A 67 -10.29 13.15 -11.33
CA GLU A 67 -10.59 13.80 -12.61
C GLU A 67 -11.52 12.93 -13.44
N GLU A 68 -10.99 11.83 -13.97
CA GLU A 68 -11.77 10.92 -14.79
C GLU A 68 -12.65 10.02 -13.92
N GLN A 69 -13.88 9.78 -14.38
CA GLN A 69 -14.81 8.93 -13.64
C GLN A 69 -14.36 7.48 -13.67
N PHE A 70 -13.97 7.01 -14.85
CA PHE A 70 -13.51 5.63 -15.01
C PHE A 70 -12.00 5.56 -15.14
N THR A 71 -11.38 4.68 -14.37
CA THR A 71 -9.93 4.52 -14.39
C THR A 71 -9.55 3.05 -14.53
N ARG A 72 -8.58 2.78 -15.41
CA ARG A 72 -8.12 1.42 -15.64
C ARG A 72 -6.67 1.24 -15.18
N VAL A 73 -6.49 0.49 -14.10
CA VAL A 73 -5.16 0.24 -13.56
C VAL A 73 -4.98 -1.22 -13.18
N GLY A 74 -3.93 -1.84 -13.72
CA GLY A 74 -3.67 -3.24 -13.43
C GLY A 74 -2.72 -3.41 -12.25
N VAL A 75 -3.24 -3.18 -11.04
CA VAL A 75 -2.43 -3.32 -9.83
C VAL A 75 -2.14 -4.78 -9.52
N GLN A 76 -0.97 -5.05 -8.98
CA GLN A 76 -0.58 -6.40 -8.63
C GLN A 76 0.38 -6.41 -7.44
N VAL A 77 0.07 -7.22 -6.43
CA VAL A 77 0.89 -7.32 -5.24
C VAL A 77 1.66 -8.65 -5.21
N LEU A 78 2.92 -8.59 -5.60
CA LEU A 78 3.76 -9.79 -5.62
C LEU A 78 4.86 -9.70 -4.56
N ASP A 79 5.15 -10.83 -3.92
CA ASP A 79 6.18 -10.88 -2.90
C ASP A 79 7.55 -11.17 -3.51
N ARG A 80 8.43 -10.18 -3.46
CA ARG A 80 9.78 -10.32 -4.01
C ARG A 80 10.78 -10.66 -2.92
N LYS A 81 10.90 -9.77 -1.94
CA LYS A 81 11.83 -9.97 -0.83
C LYS A 81 11.31 -11.05 0.12
N ASP A 82 12.02 -11.24 1.22
CA ASP A 82 11.63 -12.24 2.22
C ASP A 82 10.37 -11.81 2.97
N GLY A 83 10.33 -10.52 3.34
CA GLY A 83 9.18 -10.01 4.06
C GLY A 83 8.74 -8.65 3.56
N SER A 84 8.61 -8.53 2.23
CA SER A 84 8.19 -7.27 1.62
C SER A 84 7.49 -7.52 0.29
N PHE A 85 6.42 -6.77 0.05
CA PHE A 85 5.65 -6.91 -1.19
C PHE A 85 5.76 -5.64 -2.04
N ILE A 86 5.82 -5.82 -3.35
CA ILE A 86 5.92 -4.69 -4.27
C ILE A 86 4.63 -4.52 -5.06
N VAL A 87 4.22 -3.26 -5.22
CA VAL A 87 2.99 -2.95 -5.96
C VAL A 87 3.32 -2.32 -7.31
N ARG A 88 3.04 -3.07 -8.38
CA ARG A 88 3.30 -2.59 -9.74
C ARG A 88 2.02 -2.56 -10.56
N TYR A 89 1.82 -1.48 -11.31
CA TYR A 89 0.64 -1.33 -12.15
C TYR A 89 1.00 -0.83 -13.53
N ARG A 90 0.14 -1.09 -14.51
CA ARG A 90 0.37 -0.67 -15.88
C ARG A 90 -0.65 0.39 -16.30
N MET A 91 -0.17 1.44 -16.95
CA MET A 91 -1.03 2.51 -17.41
C MET A 91 -0.42 3.24 -18.59
N TYR A 92 -1.15 3.29 -19.71
CA TYR A 92 -0.68 3.96 -20.91
C TYR A 92 -1.40 5.28 -21.12
N ALA A 93 -1.49 6.08 -20.07
CA ALA A 93 -2.15 7.38 -20.14
C ALA A 93 -1.52 8.37 -19.18
N SER A 94 -1.26 9.58 -19.67
CA SER A 94 -0.65 10.62 -18.85
C SER A 94 -1.63 11.13 -17.79
N TYR A 95 -1.38 10.75 -16.54
CA TYR A 95 -2.24 11.15 -15.44
C TYR A 95 -1.62 12.31 -14.67
N LYS A 96 -2.47 13.22 -14.19
CA LYS A 96 -2.02 14.38 -13.44
C LYS A 96 -2.11 14.13 -11.94
N ASN A 97 -3.30 13.73 -11.48
CA ASN A 97 -3.51 13.45 -10.06
C ASN A 97 -4.10 12.06 -9.87
N LEU A 98 -3.77 11.43 -8.75
CA LEU A 98 -4.27 10.09 -8.44
C LEU A 98 -4.40 9.89 -6.93
N LYS A 99 -5.21 8.92 -6.54
CA LYS A 99 -5.42 8.62 -5.12
C LYS A 99 -4.98 7.20 -4.80
N VAL A 100 -4.04 7.06 -3.86
CA VAL A 100 -3.55 5.76 -3.45
C VAL A 100 -4.32 5.23 -2.25
N GLU A 101 -4.60 3.93 -2.27
CA GLU A 101 -5.34 3.30 -1.18
C GLU A 101 -4.76 1.92 -0.86
N ILE A 102 -4.63 1.62 0.43
CA ILE A 102 -4.08 0.34 0.87
C ILE A 102 -4.74 -0.12 2.16
N LYS A 103 -5.59 -1.14 2.06
CA LYS A 103 -6.28 -1.69 3.21
C LYS A 103 -5.95 -3.16 3.41
N PHE A 104 -6.41 -3.72 4.53
CA PHE A 104 -6.16 -5.12 4.83
C PHE A 104 -7.33 -5.73 5.61
N GLN A 105 -7.94 -6.76 5.04
CA GLN A 105 -9.08 -7.42 5.68
C GLN A 105 -10.03 -6.39 6.27
N GLY A 106 -10.36 -5.37 5.50
CA GLY A 106 -11.27 -4.33 5.96
C GLY A 106 -10.65 -3.45 7.03
N GLN A 107 -9.33 -3.32 6.99
CA GLN A 107 -8.62 -2.50 7.97
C GLN A 107 -7.45 -1.76 7.31
N HIS A 108 -7.54 -0.43 7.30
CA HIS A 108 -6.49 0.40 6.70
C HIS A 108 -5.14 0.09 7.33
N VAL A 109 -4.10 0.09 6.50
CA VAL A 109 -2.75 -0.19 6.97
C VAL A 109 -1.94 1.09 7.11
N ALA A 110 -2.32 2.11 6.35
CA ALA A 110 -1.63 3.39 6.38
C ALA A 110 -2.62 4.54 6.56
N LYS A 111 -2.12 5.77 6.50
CA LYS A 111 -2.96 6.96 6.65
C LYS A 111 -4.04 6.99 5.58
N SER A 112 -3.93 6.10 4.60
CA SER A 112 -4.91 6.03 3.51
C SER A 112 -6.31 6.35 4.02
N PRO A 113 -7.16 6.88 3.13
CA PRO A 113 -6.78 7.13 1.73
C PRO A 113 -5.77 8.28 1.60
N TYR A 114 -4.84 8.13 0.67
CA TYR A 114 -3.82 9.15 0.45
C TYR A 114 -4.26 10.12 -0.65
N ILE A 115 -4.35 11.40 -0.29
CA ILE A 115 -4.74 12.43 -1.24
C ILE A 115 -3.56 13.30 -1.64
N LEU A 116 -3.02 13.04 -2.83
CA LEU A 116 -1.88 13.81 -3.33
C LEU A 116 -2.14 14.32 -4.74
N LYS A 117 -2.26 15.64 -4.87
CA LYS A 117 -2.52 16.26 -6.16
C LYS A 117 -1.30 17.04 -6.64
N GLY A 118 -1.32 17.44 -7.91
CA GLY A 118 -0.20 18.19 -8.46
C GLY A 118 -0.49 18.68 -9.87
N SER A 119 -1.70 19.19 -10.09
CA SER A 119 -2.09 19.68 -11.41
C SER A 119 -1.03 20.63 -11.96
N GLY A 120 -0.19 20.11 -12.86
CA GLY A 120 0.86 20.92 -13.46
C GLY A 120 2.17 20.83 -12.70
N PRO A 121 3.24 21.33 -13.32
CA PRO A 121 4.58 21.31 -12.71
C PRO A 121 4.70 22.26 -11.52
N SER A 122 3.61 22.95 -11.21
CA SER A 122 3.58 23.89 -10.10
C SER A 122 4.45 23.39 -8.95
N SER A 123 4.22 22.15 -8.56
CA SER A 123 4.98 21.55 -7.46
C SER A 123 6.48 21.75 -7.66
N GLY A 124 7.15 22.23 -6.61
CA GLY A 124 8.57 22.47 -6.69
C GLY A 124 9.06 23.47 -5.65
N GLY A 1 -10.11 4.19 13.99
CA GLY A 1 -11.36 3.47 14.20
C GLY A 1 -11.29 2.04 13.73
N SER A 2 -10.91 1.14 14.64
CA SER A 2 -10.79 -0.27 14.31
C SER A 2 -11.43 -1.13 15.40
N SER A 3 -12.12 -2.20 14.99
CA SER A 3 -12.78 -3.10 15.92
C SER A 3 -13.18 -4.40 15.22
N GLY A 4 -12.50 -5.48 15.57
CA GLY A 4 -12.80 -6.77 14.97
C GLY A 4 -12.00 -7.90 15.59
N SER A 5 -12.61 -8.59 16.55
CA SER A 5 -11.95 -9.70 17.23
C SER A 5 -11.51 -10.76 16.23
N SER A 6 -10.44 -11.48 16.58
CA SER A 6 -9.91 -12.52 15.71
C SER A 6 -10.74 -13.79 15.82
N GLY A 7 -10.85 -14.52 14.71
CA GLY A 7 -11.62 -15.75 14.71
C GLY A 7 -10.97 -16.85 15.53
N GLU A 8 -9.72 -17.16 15.21
CA GLU A 8 -8.99 -18.20 15.93
C GLU A 8 -8.02 -17.59 16.93
N THR A 9 -7.48 -18.43 17.81
CA THR A 9 -6.53 -17.97 18.82
C THR A 9 -5.12 -18.43 18.49
N GLY A 10 -4.19 -17.47 18.44
CA GLY A 10 -2.81 -17.80 18.14
C GLY A 10 -1.84 -17.11 19.08
N GLY A 11 -0.96 -17.89 19.70
CA GLY A 11 0.02 -17.34 20.62
C GLY A 11 1.01 -16.42 19.92
N GLU A 12 1.40 -16.80 18.71
CA GLU A 12 2.36 -16.00 17.95
C GLU A 12 1.94 -14.53 17.91
N ARG A 13 2.86 -13.68 17.47
CA ARG A 13 2.59 -12.25 17.38
C ARG A 13 1.29 -11.98 16.63
N GLN A 14 0.89 -10.72 16.58
CA GLN A 14 -0.33 -10.33 15.89
C GLN A 14 -0.07 -9.24 14.87
N LEU A 15 -0.11 -9.60 13.59
CA LEU A 15 0.14 -8.64 12.51
C LEU A 15 -0.60 -7.33 12.77
N SER A 16 0.16 -6.24 12.78
CA SER A 16 -0.41 -4.91 13.01
C SER A 16 -0.29 -4.04 11.77
N PRO A 17 -1.43 -3.85 11.09
CA PRO A 17 -1.48 -3.03 9.86
C PRO A 17 -1.28 -1.54 10.15
N GLU A 18 -1.82 -1.08 11.28
CA GLU A 18 -1.70 0.31 11.67
C GLU A 18 -0.24 0.68 11.92
N LYS A 19 0.49 -0.20 12.58
CA LYS A 19 1.89 0.03 12.89
C LYS A 19 2.73 0.01 11.61
N SER A 20 2.46 -0.96 10.74
CA SER A 20 3.19 -1.10 9.49
C SER A 20 3.57 0.27 8.93
N GLU A 21 4.71 0.33 8.25
CA GLU A 21 5.19 1.58 7.67
C GLU A 21 5.33 1.45 6.16
N ILE A 22 4.60 2.29 5.43
CA ILE A 22 4.64 2.27 3.98
C ILE A 22 5.40 3.47 3.44
N TRP A 23 6.45 3.21 2.67
CA TRP A 23 7.26 4.28 2.08
C TRP A 23 7.30 4.16 0.57
N GLY A 24 7.72 5.23 -0.10
CA GLY A 24 7.80 5.23 -1.54
C GLY A 24 7.69 6.62 -2.14
N PRO A 25 8.25 6.80 -3.34
CA PRO A 25 8.23 8.09 -4.04
C PRO A 25 6.83 8.45 -4.54
N GLY A 26 6.05 7.43 -4.90
CA GLY A 26 4.70 7.66 -5.38
C GLY A 26 4.01 8.80 -4.65
N LEU A 27 4.33 8.96 -3.37
CA LEU A 27 3.74 10.02 -2.56
C LEU A 27 4.44 11.34 -2.80
N LYS A 28 5.77 11.31 -2.83
CA LYS A 28 6.57 12.50 -3.05
C LYS A 28 5.99 13.33 -4.20
N ALA A 29 6.46 14.58 -4.32
CA ALA A 29 6.00 15.47 -5.38
C ALA A 29 6.43 14.96 -6.74
N ASP A 30 7.72 15.07 -7.04
CA ASP A 30 8.26 14.63 -8.31
C ASP A 30 8.24 13.10 -8.40
N VAL A 31 7.10 12.54 -8.79
CA VAL A 31 6.95 11.11 -8.92
C VAL A 31 7.31 10.64 -10.32
N VAL A 32 7.16 9.34 -10.57
CA VAL A 32 7.47 8.77 -11.87
C VAL A 32 6.47 9.22 -12.92
N LEU A 33 6.81 9.02 -14.18
CA LEU A 33 5.93 9.41 -15.29
C LEU A 33 4.81 8.40 -15.47
N PRO A 34 5.18 7.17 -15.85
CA PRO A 34 4.21 6.09 -16.06
C PRO A 34 3.58 5.61 -14.76
N ALA A 35 4.19 4.60 -14.14
CA ALA A 35 3.69 4.06 -12.89
C ALA A 35 4.78 4.04 -11.82
N ARG A 36 4.37 3.95 -10.57
CA ARG A 36 5.31 3.92 -9.45
C ARG A 36 5.26 2.57 -8.73
N TYR A 37 6.28 2.30 -7.92
CA TYR A 37 6.35 1.05 -7.18
C TYR A 37 6.87 1.28 -5.76
N PHE A 38 6.18 0.73 -4.79
CA PHE A 38 6.56 0.88 -3.39
C PHE A 38 6.47 -0.46 -2.65
N TYR A 39 7.13 -0.55 -1.51
CA TYR A 39 7.12 -1.76 -0.71
C TYR A 39 6.21 -1.62 0.50
N ILE A 40 5.78 -2.75 1.05
CA ILE A 40 4.91 -2.75 2.21
C ILE A 40 5.49 -3.59 3.34
N GLN A 41 6.03 -2.93 4.36
CA GLN A 41 6.62 -3.62 5.50
C GLN A 41 5.58 -3.85 6.59
N ALA A 42 5.51 -5.09 7.07
CA ALA A 42 4.55 -5.44 8.11
C ALA A 42 5.17 -5.25 9.49
N VAL A 43 4.35 -4.79 10.44
CA VAL A 43 4.81 -4.57 11.80
C VAL A 43 3.81 -5.11 12.82
N ASP A 44 4.32 -5.63 13.92
CA ASP A 44 3.47 -6.18 14.98
C ASP A 44 2.78 -5.07 15.76
N THR A 45 1.88 -5.45 16.65
CA THR A 45 1.14 -4.48 17.45
C THR A 45 2.08 -3.70 18.37
N SER A 46 3.28 -4.24 18.57
CA SER A 46 4.27 -3.59 19.43
C SER A 46 5.23 -2.74 18.60
N GLY A 47 5.77 -3.34 17.54
CA GLY A 47 6.71 -2.62 16.69
C GLY A 47 7.87 -3.49 16.25
N ASN A 48 7.61 -4.78 16.07
CA ASN A 48 8.65 -5.72 15.65
C ASN A 48 8.40 -6.21 14.23
N LYS A 49 9.20 -5.71 13.29
CA LYS A 49 9.07 -6.10 11.89
C LYS A 49 8.92 -7.61 11.76
N PHE A 50 7.94 -8.03 10.97
CA PHE A 50 7.69 -9.45 10.75
C PHE A 50 8.85 -10.10 10.01
N THR A 51 9.45 -9.36 9.08
CA THR A 51 10.57 -9.87 8.31
C THR A 51 10.34 -11.31 7.88
N SER A 52 9.06 -11.69 7.77
CA SER A 52 8.70 -13.04 7.37
C SER A 52 7.66 -13.03 6.26
N SER A 53 7.36 -14.20 5.72
CA SER A 53 6.39 -14.33 4.65
C SER A 53 5.00 -14.63 5.20
N PRO A 54 4.08 -13.66 5.09
CA PRO A 54 2.71 -13.80 5.58
C PRO A 54 1.90 -14.79 4.73
N GLY A 55 1.97 -14.63 3.41
CA GLY A 55 1.25 -15.52 2.53
C GLY A 55 1.42 -15.16 1.07
N GLU A 56 0.31 -14.91 0.38
CA GLU A 56 0.35 -14.55 -1.03
C GLU A 56 -0.30 -13.18 -1.26
N LYS A 57 -1.55 -13.05 -0.87
CA LYS A 57 -2.28 -11.81 -1.02
C LYS A 57 -2.92 -11.37 0.30
N VAL A 58 -2.13 -10.71 1.13
CA VAL A 58 -2.60 -10.24 2.43
C VAL A 58 -2.77 -8.72 2.43
N PHE A 59 -2.11 -8.05 1.49
CA PHE A 59 -2.19 -6.60 1.39
C PHE A 59 -2.74 -6.19 0.02
N GLN A 60 -3.85 -5.45 0.05
CA GLN A 60 -4.48 -4.99 -1.18
C GLN A 60 -4.35 -3.48 -1.33
N VAL A 61 -4.31 -3.01 -2.57
CA VAL A 61 -4.19 -1.58 -2.84
C VAL A 61 -5.16 -1.15 -3.94
N LYS A 62 -5.91 -0.09 -3.65
CA LYS A 62 -6.89 0.43 -4.60
C LYS A 62 -6.47 1.79 -5.12
N VAL A 63 -6.83 2.09 -6.36
CA VAL A 63 -6.48 3.37 -6.98
C VAL A 63 -7.72 4.05 -7.56
N SER A 64 -7.73 5.38 -7.51
CA SER A 64 -8.86 6.15 -8.02
C SER A 64 -8.42 7.57 -8.37
N ALA A 65 -9.19 8.22 -9.25
CA ALA A 65 -8.89 9.59 -9.67
C ALA A 65 -9.60 10.59 -8.78
N PRO A 66 -8.91 11.71 -8.48
CA PRO A 66 -9.48 12.78 -7.64
C PRO A 66 -10.59 13.53 -8.33
N GLU A 67 -10.36 13.91 -9.58
CA GLU A 67 -11.36 14.65 -10.37
C GLU A 67 -12.18 13.70 -11.22
N GLU A 68 -11.52 13.01 -12.14
CA GLU A 68 -12.20 12.07 -13.02
C GLU A 68 -13.11 11.14 -12.24
N GLN A 69 -14.13 10.61 -12.91
CA GLN A 69 -15.09 9.72 -12.27
C GLN A 69 -14.82 8.27 -12.68
N PHE A 70 -14.21 8.09 -13.85
CA PHE A 70 -13.90 6.76 -14.36
C PHE A 70 -12.39 6.53 -14.41
N THR A 71 -11.95 5.42 -13.83
CA THR A 71 -10.53 5.08 -13.81
C THR A 71 -10.32 3.59 -14.02
N ARG A 72 -9.50 3.26 -15.01
CA ARG A 72 -9.20 1.87 -15.33
C ARG A 72 -7.75 1.52 -15.01
N VAL A 73 -7.53 0.92 -13.85
CA VAL A 73 -6.19 0.54 -13.43
C VAL A 73 -6.17 -0.86 -12.82
N GLY A 74 -5.10 -1.61 -13.11
CA GLY A 74 -4.98 -2.95 -12.58
C GLY A 74 -3.76 -3.13 -11.71
N VAL A 75 -3.92 -2.88 -10.41
CA VAL A 75 -2.82 -3.01 -9.47
C VAL A 75 -2.60 -4.48 -9.09
N GLN A 76 -1.34 -4.89 -9.01
CA GLN A 76 -0.99 -6.25 -8.66
C GLN A 76 0.17 -6.29 -7.67
N VAL A 77 0.16 -7.27 -6.79
CA VAL A 77 1.22 -7.42 -5.79
C VAL A 77 2.01 -8.70 -6.00
N LEU A 78 3.32 -8.62 -5.82
CA LEU A 78 4.19 -9.78 -5.99
C LEU A 78 5.13 -9.94 -4.80
N ASP A 79 5.69 -11.14 -4.66
CA ASP A 79 6.61 -11.42 -3.56
C ASP A 79 8.05 -11.24 -4.00
N ARG A 80 8.64 -10.11 -3.63
CA ARG A 80 10.03 -9.81 -3.99
C ARG A 80 10.97 -10.17 -2.85
N LYS A 81 10.72 -9.59 -1.67
CA LYS A 81 11.56 -9.85 -0.50
C LYS A 81 10.85 -10.80 0.46
N ASP A 82 11.49 -11.05 1.60
CA ASP A 82 10.91 -11.94 2.61
C ASP A 82 9.72 -11.28 3.30
N GLY A 83 9.99 -10.16 3.99
CA GLY A 83 8.93 -9.46 4.68
C GLY A 83 8.53 -8.16 3.99
N SER A 84 8.46 -8.21 2.66
CA SER A 84 8.10 -7.03 1.89
C SER A 84 7.50 -7.44 0.53
N PHE A 85 6.53 -6.65 0.08
CA PHE A 85 5.87 -6.92 -1.19
C PHE A 85 5.91 -5.70 -2.10
N ILE A 86 6.07 -5.93 -3.40
CA ILE A 86 6.11 -4.84 -4.37
C ILE A 86 4.76 -4.65 -5.06
N VAL A 87 4.38 -3.40 -5.28
CA VAL A 87 3.12 -3.07 -5.92
C VAL A 87 3.33 -2.29 -7.21
N ARG A 88 2.72 -2.75 -8.29
CA ARG A 88 2.85 -2.09 -9.58
C ARG A 88 1.52 -2.11 -10.34
N TYR A 89 1.38 -1.22 -11.31
CA TYR A 89 0.17 -1.13 -12.11
C TYR A 89 0.47 -0.64 -13.52
N ARG A 90 -0.51 -0.73 -14.40
CA ARG A 90 -0.35 -0.29 -15.78
C ARG A 90 -1.29 0.86 -16.10
N MET A 91 -0.81 1.81 -16.90
CA MET A 91 -1.62 2.97 -17.28
C MET A 91 -1.05 3.64 -18.52
N TYR A 92 -1.72 3.47 -19.65
CA TYR A 92 -1.28 4.05 -20.91
C TYR A 92 -1.95 5.40 -21.14
N ALA A 93 -2.09 6.18 -20.08
CA ALA A 93 -2.70 7.50 -20.16
C ALA A 93 -1.87 8.54 -19.42
N SER A 94 -2.22 9.81 -19.61
CA SER A 94 -1.51 10.91 -18.97
C SER A 94 -2.26 11.39 -17.73
N TYR A 95 -1.65 11.20 -16.57
CA TYR A 95 -2.26 11.61 -15.31
C TYR A 95 -1.28 12.44 -14.47
N LYS A 96 -1.80 13.46 -13.81
CA LYS A 96 -0.99 14.33 -12.97
C LYS A 96 -1.20 14.02 -11.49
N ASN A 97 -2.46 13.82 -11.11
CA ASN A 97 -2.81 13.52 -9.73
C ASN A 97 -3.55 12.19 -9.63
N LEU A 98 -3.36 11.49 -8.51
CA LEU A 98 -4.02 10.21 -8.29
C LEU A 98 -4.17 9.93 -6.80
N LYS A 99 -5.06 8.99 -6.47
CA LYS A 99 -5.29 8.62 -5.09
C LYS A 99 -4.88 7.18 -4.83
N VAL A 100 -4.31 6.93 -3.65
CA VAL A 100 -3.87 5.59 -3.29
C VAL A 100 -4.55 5.12 -2.01
N GLU A 101 -4.90 3.84 -1.97
CA GLU A 101 -5.55 3.26 -0.79
C GLU A 101 -5.02 1.86 -0.50
N ILE A 102 -4.74 1.60 0.77
CA ILE A 102 -4.23 0.30 1.19
C ILE A 102 -4.96 -0.22 2.42
N LYS A 103 -5.77 -1.25 2.23
CA LYS A 103 -6.53 -1.84 3.34
C LYS A 103 -6.33 -3.35 3.38
N PHE A 104 -6.58 -3.93 4.55
CA PHE A 104 -6.43 -5.37 4.73
C PHE A 104 -7.65 -5.97 5.42
N GLN A 105 -8.41 -6.78 4.66
CA GLN A 105 -9.60 -7.41 5.20
C GLN A 105 -10.46 -6.41 5.97
N GLY A 106 -10.56 -5.19 5.43
CA GLY A 106 -11.34 -4.16 6.09
C GLY A 106 -10.59 -3.47 7.21
N GLN A 107 -9.27 -3.34 7.03
CA GLN A 107 -8.44 -2.69 8.03
C GLN A 107 -7.33 -1.89 7.38
N HIS A 108 -7.45 -0.56 7.43
CA HIS A 108 -6.45 0.33 6.84
C HIS A 108 -5.09 0.12 7.48
N VAL A 109 -4.04 0.21 6.67
CA VAL A 109 -2.68 0.02 7.15
C VAL A 109 -1.98 1.36 7.34
N ALA A 110 -1.99 2.18 6.30
CA ALA A 110 -1.36 3.49 6.35
C ALA A 110 -2.40 4.60 6.47
N LYS A 111 -1.94 5.85 6.38
CA LYS A 111 -2.83 7.00 6.48
C LYS A 111 -3.65 7.17 5.21
N SER A 112 -4.24 6.07 4.73
CA SER A 112 -5.05 6.10 3.52
C SER A 112 -6.49 6.52 3.83
N PRO A 113 -7.18 7.04 2.82
CA PRO A 113 -6.62 7.21 1.47
C PRO A 113 -5.55 8.30 1.42
N TYR A 114 -4.72 8.26 0.40
CA TYR A 114 -3.65 9.24 0.24
C TYR A 114 -3.93 10.17 -0.94
N ILE A 115 -4.35 11.39 -0.63
CA ILE A 115 -4.66 12.37 -1.66
C ILE A 115 -3.39 13.06 -2.16
N LEU A 116 -2.98 12.72 -3.37
CA LEU A 116 -1.78 13.31 -3.96
C LEU A 116 -2.15 14.39 -4.97
N LYS A 117 -2.07 15.65 -4.53
CA LYS A 117 -2.39 16.78 -5.39
C LYS A 117 -1.42 17.93 -5.17
N GLY A 118 -1.43 18.89 -6.09
CA GLY A 118 -0.53 20.03 -5.97
C GLY A 118 0.90 19.68 -6.30
N SER A 119 1.45 20.32 -7.33
CA SER A 119 2.82 20.07 -7.75
C SER A 119 3.78 21.05 -7.10
N GLY A 120 4.06 20.85 -5.82
CA GLY A 120 4.96 21.73 -5.10
C GLY A 120 4.47 22.04 -3.70
N PRO A 121 5.42 22.20 -2.76
CA PRO A 121 5.10 22.50 -1.35
C PRO A 121 4.54 23.91 -1.18
N SER A 122 4.46 24.65 -2.28
CA SER A 122 3.94 26.02 -2.24
C SER A 122 4.98 26.97 -1.64
N SER A 123 6.19 26.94 -2.18
CA SER A 123 7.27 27.79 -1.70
C SER A 123 7.62 28.87 -2.72
N GLY A 124 7.53 30.12 -2.32
CA GLY A 124 7.84 31.22 -3.21
C GLY A 124 6.59 31.88 -3.76
N GLY A 1 -4.84 -0.15 18.98
CA GLY A 1 -5.33 -1.51 18.85
C GLY A 1 -6.64 -1.72 19.58
N SER A 2 -6.91 -2.97 19.94
CA SER A 2 -8.15 -3.30 20.65
C SER A 2 -7.90 -4.39 21.69
N SER A 3 -8.94 -4.73 22.44
CA SER A 3 -8.83 -5.75 23.49
C SER A 3 -9.62 -6.99 23.11
N GLY A 4 -9.28 -8.11 23.74
CA GLY A 4 -9.98 -9.37 23.45
C GLY A 4 -9.01 -10.52 23.25
N SER A 5 -9.07 -11.50 24.15
CA SER A 5 -8.19 -12.66 24.06
C SER A 5 -8.71 -13.79 24.95
N SER A 6 -8.08 -14.96 24.83
CA SER A 6 -8.49 -16.13 25.61
C SER A 6 -8.04 -15.98 27.07
N GLY A 7 -8.47 -16.92 27.90
CA GLY A 7 -8.11 -16.87 29.31
C GLY A 7 -7.01 -17.86 29.65
N GLU A 8 -6.01 -17.95 28.79
CA GLU A 8 -4.89 -18.87 29.00
C GLU A 8 -3.55 -18.15 28.86
N THR A 9 -2.64 -18.40 29.78
CA THR A 9 -1.33 -17.78 29.77
C THR A 9 -0.56 -18.14 28.50
N GLY A 10 0.14 -17.17 27.94
CA GLY A 10 0.91 -17.41 26.73
C GLY A 10 0.10 -17.17 25.47
N GLY A 11 0.67 -16.39 24.55
CA GLY A 11 -0.03 -16.10 23.31
C GLY A 11 0.93 -15.80 22.17
N GLU A 12 0.50 -16.12 20.95
CA GLU A 12 1.33 -15.89 19.77
C GLU A 12 1.31 -14.41 19.37
N ARG A 13 2.16 -14.05 18.41
CA ARG A 13 2.25 -12.68 17.95
C ARG A 13 1.02 -12.30 17.12
N GLN A 14 0.81 -11.01 16.94
CA GLN A 14 -0.34 -10.52 16.17
C GLN A 14 0.08 -9.38 15.26
N LEU A 15 -0.01 -9.60 13.95
CA LEU A 15 0.36 -8.58 12.97
C LEU A 15 -0.63 -7.42 12.99
N SER A 16 -0.11 -6.21 13.12
CA SER A 16 -0.94 -5.01 13.17
C SER A 16 -0.67 -4.12 11.96
N PRO A 17 -1.74 -3.75 11.25
CA PRO A 17 -1.65 -2.89 10.06
C PRO A 17 -1.27 -1.46 10.41
N GLU A 18 -2.00 -0.88 11.36
CA GLU A 18 -1.73 0.49 11.79
C GLU A 18 -0.26 0.68 12.15
N LYS A 19 0.33 -0.35 12.75
CA LYS A 19 1.74 -0.29 13.14
C LYS A 19 2.65 -0.30 11.92
N SER A 20 2.21 -1.00 10.87
CA SER A 20 2.98 -1.08 9.63
C SER A 20 3.29 0.32 9.09
N GLU A 21 4.48 0.46 8.50
CA GLU A 21 4.90 1.73 7.94
C GLU A 21 5.09 1.63 6.43
N ILE A 22 4.41 2.50 5.69
CA ILE A 22 4.50 2.51 4.24
C ILE A 22 5.28 3.72 3.74
N TRP A 23 6.36 3.47 3.02
CA TRP A 23 7.19 4.55 2.48
C TRP A 23 7.43 4.35 0.98
N GLY A 24 8.03 5.36 0.35
CA GLY A 24 8.31 5.28 -1.07
C GLY A 24 7.81 6.49 -1.83
N PRO A 25 8.06 6.52 -3.15
CA PRO A 25 7.64 7.62 -4.01
C PRO A 25 6.12 7.67 -4.20
N GLY A 26 5.45 6.61 -3.78
CA GLY A 26 4.01 6.55 -3.91
C GLY A 26 3.32 7.75 -3.27
N LEU A 27 3.80 8.14 -2.10
CA LEU A 27 3.22 9.27 -1.39
C LEU A 27 3.81 10.59 -1.88
N LYS A 28 4.04 10.67 -3.19
CA LYS A 28 4.60 11.87 -3.80
C LYS A 28 3.50 12.87 -4.14
N ALA A 29 3.84 14.16 -4.08
CA ALA A 29 2.87 15.21 -4.38
C ALA A 29 2.31 15.05 -5.79
N ASP A 30 3.20 15.08 -6.78
CA ASP A 30 2.78 14.92 -8.17
C ASP A 30 3.13 13.54 -8.71
N VAL A 31 2.26 12.57 -8.44
CA VAL A 31 2.49 11.20 -8.89
C VAL A 31 3.04 11.18 -10.31
N VAL A 32 3.72 10.09 -10.66
CA VAL A 32 4.30 9.94 -11.99
C VAL A 32 3.22 9.75 -13.04
N LEU A 33 3.45 10.33 -14.21
CA LEU A 33 2.49 10.22 -15.32
C LEU A 33 2.17 8.77 -15.63
N PRO A 34 3.22 7.97 -15.84
CA PRO A 34 3.08 6.54 -16.15
C PRO A 34 2.56 5.73 -14.95
N ALA A 35 3.50 5.22 -14.15
CA ALA A 35 3.14 4.44 -12.98
C ALA A 35 4.35 4.22 -12.08
N ARG A 36 4.11 4.23 -10.77
CA ARG A 36 5.19 4.03 -9.80
C ARG A 36 4.86 2.90 -8.83
N TYR A 37 5.88 2.22 -8.35
CA TYR A 37 5.70 1.11 -7.43
C TYR A 37 6.32 1.42 -6.07
N PHE A 38 5.71 0.90 -5.01
CA PHE A 38 6.20 1.13 -3.65
C PHE A 38 6.31 -0.19 -2.90
N TYR A 39 6.73 -0.11 -1.63
CA TYR A 39 6.89 -1.28 -0.79
C TYR A 39 6.00 -1.21 0.44
N ILE A 40 5.66 -2.36 1.00
CA ILE A 40 4.81 -2.42 2.18
C ILE A 40 5.43 -3.32 3.25
N GLN A 41 6.00 -2.70 4.27
CA GLN A 41 6.62 -3.45 5.37
C GLN A 41 5.61 -3.74 6.47
N ALA A 42 5.60 -4.98 6.94
CA ALA A 42 4.69 -5.39 8.00
C ALA A 42 5.30 -5.14 9.38
N VAL A 43 4.46 -4.80 10.34
CA VAL A 43 4.91 -4.54 11.70
C VAL A 43 3.98 -5.19 12.73
N ASP A 44 4.52 -5.47 13.91
CA ASP A 44 3.74 -6.09 14.97
C ASP A 44 2.97 -5.04 15.77
N THR A 45 2.14 -5.49 16.69
CA THR A 45 1.35 -4.59 17.52
C THR A 45 2.24 -3.75 18.42
N SER A 46 3.50 -4.12 18.52
CA SER A 46 4.45 -3.40 19.35
C SER A 46 5.26 -2.40 18.52
N GLY A 47 5.59 -2.79 17.30
CA GLY A 47 6.35 -1.91 16.42
C GLY A 47 7.61 -2.56 15.90
N ASN A 48 7.57 -3.89 15.74
CA ASN A 48 8.72 -4.64 15.25
C ASN A 48 8.45 -5.19 13.85
N LYS A 49 9.50 -5.22 13.02
CA LYS A 49 9.38 -5.72 11.67
C LYS A 49 9.14 -7.23 11.65
N PHE A 50 8.52 -7.72 10.60
CA PHE A 50 8.23 -9.16 10.47
C PHE A 50 9.34 -9.86 9.70
N THR A 51 9.75 -9.26 8.58
CA THR A 51 10.79 -9.83 7.75
C THR A 51 10.51 -11.30 7.45
N SER A 52 9.24 -11.67 7.47
CA SER A 52 8.84 -13.05 7.20
C SER A 52 7.78 -13.10 6.11
N SER A 53 7.38 -14.32 5.73
CA SER A 53 6.37 -14.50 4.70
C SER A 53 4.99 -14.71 5.31
N PRO A 54 4.14 -13.69 5.22
CA PRO A 54 2.78 -13.73 5.76
C PRO A 54 1.87 -14.68 4.98
N GLY A 55 1.87 -14.53 3.66
CA GLY A 55 1.04 -15.37 2.82
C GLY A 55 0.98 -14.89 1.38
N GLU A 56 0.71 -15.80 0.46
CA GLU A 56 0.62 -15.46 -0.95
C GLU A 56 -0.03 -14.09 -1.14
N LYS A 57 -1.23 -13.94 -0.57
CA LYS A 57 -1.97 -12.69 -0.67
C LYS A 57 -2.54 -12.29 0.68
N VAL A 58 -1.93 -11.28 1.30
CA VAL A 58 -2.39 -10.79 2.60
C VAL A 58 -2.61 -9.29 2.58
N PHE A 59 -1.82 -8.60 1.77
CA PHE A 59 -1.94 -7.14 1.66
C PHE A 59 -2.49 -6.74 0.29
N GLN A 60 -3.48 -5.85 0.29
CA GLN A 60 -4.08 -5.40 -0.96
C GLN A 60 -3.92 -3.89 -1.11
N VAL A 61 -3.87 -3.43 -2.36
CA VAL A 61 -3.72 -2.00 -2.65
C VAL A 61 -4.67 -1.56 -3.76
N LYS A 62 -5.39 -0.48 -3.51
CA LYS A 62 -6.34 0.05 -4.48
C LYS A 62 -5.89 1.42 -4.99
N VAL A 63 -6.08 1.66 -6.28
CA VAL A 63 -5.69 2.92 -6.90
C VAL A 63 -6.86 3.55 -7.64
N SER A 64 -7.16 4.81 -7.31
CA SER A 64 -8.26 5.52 -7.94
C SER A 64 -8.00 7.02 -7.95
N ALA A 65 -8.67 7.74 -8.84
CA ALA A 65 -8.52 9.18 -8.95
C ALA A 65 -9.46 9.90 -7.98
N PRO A 66 -8.94 10.95 -7.33
CA PRO A 66 -9.73 11.75 -6.37
C PRO A 66 -10.81 12.57 -7.04
N GLU A 67 -10.42 13.33 -8.07
CA GLU A 67 -11.35 14.17 -8.81
C GLU A 67 -11.87 13.45 -10.05
N GLU A 68 -11.00 12.66 -10.68
CA GLU A 68 -11.35 11.92 -11.88
C GLU A 68 -12.10 10.63 -11.53
N GLN A 69 -13.25 10.42 -12.16
CA GLN A 69 -14.05 9.23 -11.92
C GLN A 69 -13.18 7.99 -11.88
N PHE A 70 -13.75 6.89 -11.38
CA PHE A 70 -13.02 5.63 -11.29
C PHE A 70 -12.24 5.35 -12.57
N THR A 71 -11.07 4.74 -12.43
CA THR A 71 -10.24 4.42 -13.58
C THR A 71 -9.94 2.93 -13.65
N ARG A 72 -9.40 2.49 -14.77
CA ARG A 72 -9.06 1.08 -14.97
C ARG A 72 -7.57 0.84 -14.79
N VAL A 73 -7.18 0.30 -13.64
CA VAL A 73 -5.79 0.02 -13.36
C VAL A 73 -5.57 -1.45 -13.05
N GLY A 74 -4.61 -2.06 -13.73
CA GLY A 74 -4.31 -3.47 -13.53
C GLY A 74 -3.25 -3.69 -12.46
N VAL A 75 -3.64 -3.51 -11.20
CA VAL A 75 -2.72 -3.69 -10.08
C VAL A 75 -2.40 -5.16 -9.87
N GLN A 76 -1.12 -5.48 -9.76
CA GLN A 76 -0.68 -6.85 -9.55
C GLN A 76 0.38 -6.93 -8.45
N VAL A 77 0.02 -7.56 -7.33
CA VAL A 77 0.93 -7.70 -6.21
C VAL A 77 1.77 -8.97 -6.33
N LEU A 78 3.08 -8.82 -6.34
CA LEU A 78 3.99 -9.95 -6.44
C LEU A 78 4.88 -10.06 -5.22
N ASP A 79 5.28 -11.28 -4.88
CA ASP A 79 6.14 -11.51 -3.73
C ASP A 79 7.61 -11.49 -4.14
N ARG A 80 8.27 -10.35 -3.87
CA ARG A 80 9.68 -10.20 -4.22
C ARG A 80 10.57 -10.91 -3.20
N LYS A 81 10.42 -10.53 -1.93
CA LYS A 81 11.22 -11.12 -0.86
C LYS A 81 10.31 -11.68 0.24
N ASP A 82 10.93 -12.21 1.28
CA ASP A 82 10.18 -12.77 2.40
C ASP A 82 10.05 -11.75 3.54
N GLY A 83 9.69 -10.52 3.18
CA GLY A 83 9.54 -9.48 4.18
C GLY A 83 8.76 -8.28 3.66
N SER A 84 8.96 -7.96 2.38
CA SER A 84 8.28 -6.83 1.77
C SER A 84 7.59 -7.25 0.47
N PHE A 85 6.65 -6.44 0.00
CA PHE A 85 5.92 -6.73 -1.22
C PHE A 85 6.09 -5.60 -2.23
N ILE A 86 5.75 -5.88 -3.49
CA ILE A 86 5.87 -4.89 -4.55
C ILE A 86 4.54 -4.69 -5.26
N VAL A 87 4.14 -3.43 -5.42
CA VAL A 87 2.89 -3.10 -6.10
C VAL A 87 3.14 -2.41 -7.43
N ARG A 88 2.72 -3.05 -8.52
CA ARG A 88 2.90 -2.49 -9.85
C ARG A 88 1.59 -2.48 -10.61
N TYR A 89 1.49 -1.58 -11.58
CA TYR A 89 0.27 -1.46 -12.39
C TYR A 89 0.58 -0.79 -13.74
N ARG A 90 -0.28 -1.04 -14.72
CA ARG A 90 -0.11 -0.46 -16.05
C ARG A 90 -1.20 0.55 -16.35
N MET A 91 -0.80 1.71 -16.86
CA MET A 91 -1.74 2.77 -17.19
C MET A 91 -1.60 3.19 -18.65
N TYR A 92 -0.49 3.84 -18.97
CA TYR A 92 -0.23 4.29 -20.34
C TYR A 92 -1.29 5.30 -20.77
N ALA A 93 -1.45 6.36 -19.98
CA ALA A 93 -2.42 7.41 -20.29
C ALA A 93 -2.23 8.62 -19.38
N SER A 94 -2.37 9.80 -19.94
CA SER A 94 -2.22 11.03 -19.17
C SER A 94 -3.02 10.98 -17.88
N TYR A 95 -2.36 11.26 -16.76
CA TYR A 95 -3.02 11.23 -15.47
C TYR A 95 -2.73 12.51 -14.68
N LYS A 96 -3.71 12.95 -13.90
CA LYS A 96 -3.57 14.16 -13.10
C LYS A 96 -3.07 13.84 -11.70
N ASN A 97 -3.96 13.32 -10.87
CA ASN A 97 -3.60 12.96 -9.49
C ASN A 97 -4.07 11.54 -9.16
N LEU A 98 -3.30 10.85 -8.34
CA LEU A 98 -3.64 9.50 -7.93
C LEU A 98 -4.00 9.44 -6.45
N LYS A 99 -4.73 8.40 -6.06
CA LYS A 99 -5.14 8.23 -4.67
C LYS A 99 -4.79 6.82 -4.17
N VAL A 100 -3.85 6.75 -3.24
CA VAL A 100 -3.44 5.46 -2.68
C VAL A 100 -4.36 5.03 -1.56
N GLU A 101 -4.69 3.74 -1.54
CA GLU A 101 -5.58 3.19 -0.52
C GLU A 101 -5.17 1.77 -0.15
N ILE A 102 -4.80 1.57 1.11
CA ILE A 102 -4.39 0.26 1.60
C ILE A 102 -5.30 -0.23 2.71
N LYS A 103 -5.75 -1.47 2.61
CA LYS A 103 -6.63 -2.06 3.61
C LYS A 103 -6.26 -3.52 3.87
N PHE A 104 -6.57 -4.00 5.07
CA PHE A 104 -6.28 -5.38 5.43
C PHE A 104 -7.30 -5.92 6.43
N GLN A 105 -8.07 -6.90 6.02
CA GLN A 105 -9.10 -7.50 6.87
C GLN A 105 -10.19 -6.49 7.20
N GLY A 106 -10.40 -5.53 6.28
CA GLY A 106 -11.41 -4.52 6.50
C GLY A 106 -10.95 -3.41 7.41
N GLN A 107 -9.77 -2.87 7.13
CA GLN A 107 -9.21 -1.79 7.93
C GLN A 107 -7.98 -1.18 7.24
N HIS A 108 -7.90 0.14 7.28
CA HIS A 108 -6.78 0.85 6.66
C HIS A 108 -5.48 0.58 7.42
N VAL A 109 -4.37 0.61 6.69
CA VAL A 109 -3.05 0.37 7.29
C VAL A 109 -2.28 1.67 7.48
N ALA A 110 -2.39 2.55 6.49
CA ALA A 110 -1.70 3.83 6.55
C ALA A 110 -2.70 4.99 6.57
N LYS A 111 -2.17 6.21 6.51
CA LYS A 111 -3.02 7.41 6.53
C LYS A 111 -3.69 7.61 5.17
N SER A 112 -4.34 6.56 4.68
CA SER A 112 -5.03 6.62 3.39
C SER A 112 -6.49 7.01 3.58
N PRO A 113 -7.12 7.48 2.49
CA PRO A 113 -6.46 7.63 1.20
C PRO A 113 -5.42 8.75 1.20
N TYR A 114 -4.51 8.70 0.22
CA TYR A 114 -3.46 9.71 0.12
C TYR A 114 -3.71 10.63 -1.08
N ILE A 115 -4.20 11.82 -0.81
CA ILE A 115 -4.47 12.79 -1.85
C ILE A 115 -3.21 13.57 -2.23
N LEU A 116 -2.76 13.38 -3.47
CA LEU A 116 -1.57 14.06 -3.96
C LEU A 116 -1.84 14.78 -5.27
N LYS A 117 -2.06 16.09 -5.20
CA LYS A 117 -2.34 16.88 -6.39
C LYS A 117 -1.11 17.67 -6.81
N GLY A 118 -0.43 18.26 -5.83
CA GLY A 118 0.77 19.04 -6.13
C GLY A 118 0.91 20.25 -5.23
N SER A 119 2.08 20.86 -5.26
CA SER A 119 2.35 22.04 -4.43
C SER A 119 1.76 21.86 -3.03
N GLY A 120 1.91 20.67 -2.47
CA GLY A 120 1.40 20.39 -1.15
C GLY A 120 2.48 20.36 -0.09
N PRO A 121 2.98 19.15 0.21
CA PRO A 121 4.04 18.96 1.21
C PRO A 121 5.39 19.52 0.75
N SER A 122 5.44 19.98 -0.50
CA SER A 122 6.66 20.53 -1.06
C SER A 122 6.88 21.97 -0.58
N SER A 123 7.97 22.19 0.12
CA SER A 123 8.30 23.51 0.64
C SER A 123 8.87 24.40 -0.45
N GLY A 124 8.50 25.68 -0.43
CA GLY A 124 8.97 26.62 -1.42
C GLY A 124 8.24 26.48 -2.74
N GLY A 1 8.45 5.95 20.70
CA GLY A 1 9.64 5.18 21.03
C GLY A 1 9.41 4.21 22.17
N SER A 2 8.74 4.70 23.22
CA SER A 2 8.45 3.86 24.39
C SER A 2 7.62 2.65 24.00
N SER A 3 7.54 1.68 24.91
CA SER A 3 6.77 0.46 24.67
C SER A 3 6.47 -0.25 25.97
N GLY A 4 5.18 -0.47 26.24
CA GLY A 4 4.77 -1.16 27.45
C GLY A 4 3.98 -2.42 27.17
N SER A 5 4.70 -3.53 27.01
CA SER A 5 4.04 -4.81 26.73
C SER A 5 4.05 -5.70 27.98
N SER A 6 3.09 -5.47 28.87
CA SER A 6 2.99 -6.24 30.10
C SER A 6 2.02 -7.40 29.92
N GLY A 7 2.06 -8.35 30.86
CA GLY A 7 1.18 -9.50 30.79
C GLY A 7 1.73 -10.60 29.90
N GLU A 8 1.30 -11.82 30.15
CA GLU A 8 1.75 -12.96 29.36
C GLU A 8 0.67 -13.41 28.38
N THR A 9 1.02 -13.43 27.10
CA THR A 9 0.08 -13.84 26.06
C THR A 9 0.28 -15.29 25.68
N GLY A 10 -0.82 -16.05 25.61
CA GLY A 10 -0.73 -17.45 25.25
C GLY A 10 -1.17 -17.71 23.83
N GLY A 11 -0.79 -16.82 22.92
CA GLY A 11 -1.17 -16.98 21.52
C GLY A 11 0.02 -16.83 20.58
N GLU A 12 -0.26 -16.55 19.32
CA GLU A 12 0.79 -16.39 18.32
C GLU A 12 0.94 -14.93 17.92
N ARG A 13 1.96 -14.63 17.13
CA ARG A 13 2.21 -13.27 16.68
C ARG A 13 0.92 -12.58 16.27
N GLN A 14 0.89 -11.26 16.38
CA GLN A 14 -0.28 -10.48 16.01
C GLN A 14 0.08 -9.33 15.09
N LEU A 15 0.14 -9.59 13.79
CA LEU A 15 0.48 -8.57 12.81
C LEU A 15 -0.38 -7.33 12.99
N SER A 16 0.24 -6.16 12.90
CA SER A 16 -0.48 -4.90 13.06
C SER A 16 -0.23 -3.99 11.87
N PRO A 17 -1.29 -3.71 11.09
CA PRO A 17 -1.22 -2.85 9.92
C PRO A 17 -0.99 -1.39 10.28
N GLU A 18 -1.80 -0.88 11.19
CA GLU A 18 -1.69 0.51 11.63
C GLU A 18 -0.23 0.88 11.91
N LYS A 19 0.48 -0.04 12.57
CA LYS A 19 1.88 0.20 12.90
C LYS A 19 2.75 0.12 11.65
N SER A 20 2.40 -0.80 10.75
CA SER A 20 3.16 -0.97 9.51
C SER A 20 3.50 0.38 8.88
N GLU A 21 4.67 0.47 8.27
CA GLU A 21 5.12 1.70 7.63
C GLU A 21 5.28 1.50 6.13
N ILE A 22 4.49 2.26 5.36
CA ILE A 22 4.53 2.17 3.91
C ILE A 22 5.34 3.32 3.31
N TRP A 23 6.56 3.03 2.89
CA TRP A 23 7.42 4.04 2.29
C TRP A 23 7.74 3.70 0.84
N GLY A 24 7.99 4.74 0.05
CA GLY A 24 8.30 4.53 -1.37
C GLY A 24 8.32 5.83 -2.15
N PRO A 25 9.13 5.88 -3.21
CA PRO A 25 9.24 7.06 -4.07
C PRO A 25 7.99 7.30 -4.90
N GLY A 26 7.18 6.26 -5.06
CA GLY A 26 5.95 6.38 -5.83
C GLY A 26 4.96 7.33 -5.19
N LEU A 27 5.30 7.83 -4.01
CA LEU A 27 4.42 8.75 -3.29
C LEU A 27 5.18 10.00 -2.86
N LYS A 28 5.90 10.60 -3.80
CA LYS A 28 6.67 11.81 -3.51
C LYS A 28 6.10 13.00 -4.26
N ALA A 29 6.36 13.08 -5.56
CA ALA A 29 5.86 14.17 -6.38
C ALA A 29 6.22 13.95 -7.85
N ASP A 30 5.23 14.09 -8.72
CA ASP A 30 5.44 13.91 -10.15
C ASP A 30 6.51 12.86 -10.42
N VAL A 31 6.32 11.67 -9.86
CA VAL A 31 7.28 10.58 -10.04
C VAL A 31 7.60 10.36 -11.51
N VAL A 32 8.40 9.35 -11.80
CA VAL A 32 8.79 9.04 -13.16
C VAL A 32 7.62 9.20 -14.12
N LEU A 33 7.93 9.31 -15.41
CA LEU A 33 6.90 9.47 -16.43
C LEU A 33 5.72 8.54 -16.16
N PRO A 34 5.98 7.23 -16.15
CA PRO A 34 4.96 6.21 -15.90
C PRO A 34 4.47 6.22 -14.47
N ALA A 35 5.11 5.43 -13.62
CA ALA A 35 4.73 5.35 -12.22
C ALA A 35 5.74 4.51 -11.43
N ARG A 36 5.96 4.89 -10.17
CA ARG A 36 6.89 4.18 -9.31
C ARG A 36 6.15 3.31 -8.28
N TYR A 37 6.75 2.19 -7.92
CA TYR A 37 6.14 1.28 -6.95
C TYR A 37 6.82 1.40 -5.60
N PHE A 38 6.11 1.02 -4.55
CA PHE A 38 6.64 1.09 -3.19
C PHE A 38 6.59 -0.29 -2.51
N TYR A 39 7.25 -0.39 -1.37
CA TYR A 39 7.28 -1.65 -0.62
C TYR A 39 6.32 -1.61 0.57
N ILE A 40 5.83 -2.77 0.97
CA ILE A 40 4.92 -2.86 2.11
C ILE A 40 5.50 -3.72 3.22
N GLN A 41 5.98 -3.05 4.28
CA GLN A 41 6.57 -3.74 5.41
C GLN A 41 5.53 -4.02 6.48
N ALA A 42 5.48 -5.26 6.96
CA ALA A 42 4.52 -5.65 7.99
C ALA A 42 5.11 -5.46 9.38
N VAL A 43 4.35 -4.81 10.25
CA VAL A 43 4.80 -4.57 11.62
C VAL A 43 3.83 -5.15 12.63
N ASP A 44 4.36 -5.76 13.68
CA ASP A 44 3.54 -6.37 14.73
C ASP A 44 2.98 -5.30 15.66
N THR A 45 2.28 -5.74 16.70
CA THR A 45 1.70 -4.83 17.68
C THR A 45 2.78 -4.13 18.48
N SER A 46 3.98 -4.69 18.47
CA SER A 46 5.10 -4.12 19.21
C SER A 46 5.81 -3.04 18.38
N GLY A 47 6.14 -3.38 17.14
CA GLY A 47 6.81 -2.45 16.26
C GLY A 47 8.03 -3.04 15.60
N ASN A 48 8.04 -4.37 15.46
CA ASN A 48 9.16 -5.06 14.84
C ASN A 48 8.79 -5.51 13.43
N LYS A 49 9.77 -5.47 12.53
CA LYS A 49 9.55 -5.88 11.14
C LYS A 49 9.32 -7.39 11.05
N PHE A 50 8.44 -7.79 10.14
CA PHE A 50 8.14 -9.21 9.96
C PHE A 50 9.20 -9.89 9.11
N THR A 51 9.50 -9.29 7.95
CA THR A 51 10.50 -9.83 7.04
C THR A 51 10.26 -11.33 6.79
N SER A 52 9.01 -11.74 6.88
CA SER A 52 8.65 -13.14 6.67
C SER A 52 7.53 -13.26 5.63
N SER A 53 7.15 -14.50 5.32
CA SER A 53 6.10 -14.76 4.35
C SER A 53 4.77 -15.02 5.04
N PRO A 54 3.89 -14.01 5.05
CA PRO A 54 2.57 -14.11 5.68
C PRO A 54 1.64 -15.05 4.92
N GLY A 55 1.56 -14.84 3.61
CA GLY A 55 0.69 -15.67 2.78
C GLY A 55 0.70 -15.25 1.33
N GLU A 56 -0.17 -15.86 0.52
CA GLU A 56 -0.27 -15.54 -0.89
C GLU A 56 -0.69 -14.10 -1.10
N LYS A 57 -1.89 -13.76 -0.64
CA LYS A 57 -2.42 -12.41 -0.78
C LYS A 57 -3.10 -11.96 0.51
N VAL A 58 -2.46 -11.06 1.23
CA VAL A 58 -3.01 -10.54 2.48
C VAL A 58 -3.32 -9.05 2.38
N PHE A 59 -2.42 -8.31 1.74
CA PHE A 59 -2.61 -6.87 1.57
C PHE A 59 -3.21 -6.56 0.20
N GLN A 60 -4.04 -5.53 0.15
CA GLN A 60 -4.69 -5.12 -1.09
C GLN A 60 -4.52 -3.62 -1.33
N VAL A 61 -4.49 -3.23 -2.60
CA VAL A 61 -4.34 -1.83 -2.96
C VAL A 61 -5.35 -1.42 -4.03
N LYS A 62 -5.89 -0.22 -3.88
CA LYS A 62 -6.88 0.30 -4.83
C LYS A 62 -6.46 1.66 -5.36
N VAL A 63 -6.72 1.90 -6.65
CA VAL A 63 -6.37 3.18 -7.27
C VAL A 63 -7.58 3.79 -7.97
N SER A 64 -7.86 5.05 -7.65
CA SER A 64 -8.99 5.76 -8.25
C SER A 64 -8.81 7.26 -8.15
N ALA A 65 -9.08 7.96 -9.25
CA ALA A 65 -8.94 9.40 -9.29
C ALA A 65 -10.15 10.10 -8.66
N PRO A 66 -9.90 10.84 -7.58
CA PRO A 66 -10.96 11.57 -6.86
C PRO A 66 -11.52 12.73 -7.67
N GLU A 67 -10.63 13.51 -8.28
CA GLU A 67 -11.04 14.65 -9.08
C GLU A 67 -11.57 14.20 -10.44
N GLU A 68 -10.74 13.47 -11.19
CA GLU A 68 -11.13 12.99 -12.50
C GLU A 68 -11.97 11.72 -12.39
N GLN A 69 -12.80 11.47 -13.40
CA GLN A 69 -13.66 10.31 -13.42
C GLN A 69 -12.85 9.02 -13.21
N PHE A 70 -13.54 7.93 -12.92
CA PHE A 70 -12.88 6.65 -12.70
C PHE A 70 -11.67 6.49 -13.63
N THR A 71 -10.66 5.79 -13.15
CA THR A 71 -9.45 5.56 -13.92
C THR A 71 -9.21 4.07 -14.15
N ARG A 72 -8.58 3.75 -15.28
CA ARG A 72 -8.31 2.36 -15.63
C ARG A 72 -6.90 1.97 -15.19
N VAL A 73 -6.81 1.15 -14.15
CA VAL A 73 -5.52 0.70 -13.64
C VAL A 73 -5.62 -0.71 -13.06
N GLY A 74 -4.52 -1.45 -13.13
CA GLY A 74 -4.50 -2.81 -12.62
C GLY A 74 -3.35 -3.05 -11.67
N VAL A 75 -3.54 -2.69 -10.40
CA VAL A 75 -2.51 -2.86 -9.39
C VAL A 75 -2.32 -4.33 -9.05
N GLN A 76 -1.15 -4.66 -8.51
CA GLN A 76 -0.85 -6.05 -8.14
C GLN A 76 0.31 -6.10 -7.15
N VAL A 77 0.25 -7.08 -6.24
CA VAL A 77 1.30 -7.23 -5.23
C VAL A 77 2.24 -8.36 -5.61
N LEU A 78 3.44 -8.00 -6.06
CA LEU A 78 4.44 -8.98 -6.45
C LEU A 78 5.36 -9.31 -5.29
N ASP A 79 5.54 -10.60 -5.02
CA ASP A 79 6.40 -11.05 -3.94
C ASP A 79 7.83 -11.25 -4.42
N ARG A 80 8.71 -10.33 -4.06
CA ARG A 80 10.11 -10.41 -4.46
C ARG A 80 10.94 -11.15 -3.41
N LYS A 81 10.40 -12.24 -2.89
CA LYS A 81 11.08 -13.03 -1.87
C LYS A 81 11.87 -12.12 -0.93
N ASP A 82 11.23 -11.06 -0.46
CA ASP A 82 11.87 -10.13 0.45
C ASP A 82 10.96 -9.81 1.64
N GLY A 83 10.35 -10.85 2.21
CA GLY A 83 9.46 -10.67 3.34
C GLY A 83 8.60 -9.42 3.20
N SER A 84 8.37 -9.00 1.96
CA SER A 84 7.56 -7.82 1.69
C SER A 84 6.83 -7.95 0.37
N PHE A 85 5.98 -6.97 0.06
CA PHE A 85 5.21 -6.98 -1.18
C PHE A 85 5.32 -5.64 -1.89
N ILE A 86 5.62 -5.69 -3.18
CA ILE A 86 5.76 -4.48 -3.99
C ILE A 86 4.47 -4.18 -4.76
N VAL A 87 4.07 -2.92 -4.74
CA VAL A 87 2.86 -2.50 -5.45
C VAL A 87 3.19 -1.80 -6.76
N ARG A 88 2.83 -2.43 -7.87
CA ARG A 88 3.10 -1.86 -9.19
C ARG A 88 1.90 -2.06 -10.11
N TYR A 89 1.70 -1.12 -11.03
CA TYR A 89 0.59 -1.19 -11.97
C TYR A 89 1.05 -0.82 -13.38
N ARG A 90 0.20 -1.10 -14.37
CA ARG A 90 0.52 -0.79 -15.76
C ARG A 90 -0.32 0.37 -16.26
N MET A 91 0.30 1.25 -17.05
CA MET A 91 -0.39 2.40 -17.60
C MET A 91 0.35 2.94 -18.82
N TYR A 92 -0.42 3.41 -19.80
CA TYR A 92 0.17 3.96 -21.03
C TYR A 92 0.05 5.48 -21.05
N ALA A 93 -1.13 5.98 -20.73
CA ALA A 93 -1.37 7.42 -20.72
C ALA A 93 -0.81 8.06 -19.45
N SER A 94 -0.79 9.39 -19.42
CA SER A 94 -0.27 10.11 -18.28
C SER A 94 -1.39 10.46 -17.30
N TYR A 95 -1.06 10.48 -16.01
CA TYR A 95 -2.04 10.81 -14.98
C TYR A 95 -1.65 12.08 -14.23
N LYS A 96 -2.65 12.86 -13.85
CA LYS A 96 -2.42 14.11 -13.12
C LYS A 96 -2.63 13.91 -11.62
N ASN A 97 -3.79 13.37 -11.26
CA ASN A 97 -4.12 13.13 -9.87
C ASN A 97 -4.50 11.67 -9.64
N LEU A 98 -3.78 11.02 -8.73
CA LEU A 98 -4.05 9.62 -8.42
C LEU A 98 -4.08 9.39 -6.91
N LYS A 99 -4.92 8.48 -6.47
CA LYS A 99 -5.06 8.17 -5.05
C LYS A 99 -4.72 6.70 -4.79
N VAL A 100 -4.17 6.43 -3.59
CA VAL A 100 -3.82 5.06 -3.22
C VAL A 100 -4.51 4.66 -1.92
N GLU A 101 -5.18 3.51 -1.95
CA GLU A 101 -5.87 3.00 -0.78
C GLU A 101 -5.41 1.59 -0.43
N ILE A 102 -5.02 1.40 0.83
CA ILE A 102 -4.54 0.10 1.28
C ILE A 102 -5.29 -0.34 2.54
N LYS A 103 -6.18 -1.32 2.38
CA LYS A 103 -6.95 -1.84 3.50
C LYS A 103 -6.59 -3.29 3.80
N PHE A 104 -6.82 -3.71 5.04
CA PHE A 104 -6.52 -5.07 5.44
C PHE A 104 -7.51 -5.56 6.50
N GLN A 105 -8.15 -6.69 6.20
CA GLN A 105 -9.13 -7.27 7.13
C GLN A 105 -10.15 -6.22 7.55
N GLY A 106 -10.36 -5.22 6.69
CA GLY A 106 -11.32 -4.17 7.00
C GLY A 106 -10.73 -3.07 7.86
N GLN A 107 -9.52 -2.63 7.51
CA GLN A 107 -8.84 -1.58 8.25
C GLN A 107 -7.61 -1.10 7.50
N HIS A 108 -7.53 0.22 7.27
CA HIS A 108 -6.40 0.80 6.57
C HIS A 108 -5.09 0.49 7.28
N VAL A 109 -3.98 0.66 6.58
CA VAL A 109 -2.66 0.40 7.14
C VAL A 109 -1.85 1.67 7.26
N ALA A 110 -1.96 2.54 6.26
CA ALA A 110 -1.23 3.79 6.26
C ALA A 110 -2.19 4.99 6.30
N LYS A 111 -1.64 6.19 6.17
CA LYS A 111 -2.44 7.40 6.20
C LYS A 111 -3.56 7.34 5.16
N SER A 112 -3.44 6.39 4.23
CA SER A 112 -4.44 6.23 3.18
C SER A 112 -5.83 6.57 3.69
N PRO A 113 -6.70 7.04 2.78
CA PRO A 113 -6.34 7.21 1.37
C PRO A 113 -5.37 8.36 1.16
N TYR A 114 -4.46 8.19 0.20
CA TYR A 114 -3.46 9.21 -0.09
C TYR A 114 -3.89 10.06 -1.29
N ILE A 115 -4.15 11.33 -1.02
CA ILE A 115 -4.57 12.25 -2.08
C ILE A 115 -3.39 12.98 -2.67
N LEU A 116 -3.13 12.75 -3.96
CA LEU A 116 -2.02 13.38 -4.65
C LEU A 116 -2.49 14.12 -5.90
N LYS A 117 -2.68 15.43 -5.78
CA LYS A 117 -3.13 16.24 -6.90
C LYS A 117 -2.09 17.30 -7.25
N GLY A 118 -2.00 17.63 -8.53
CA GLY A 118 -1.04 18.63 -8.99
C GLY A 118 -1.13 18.88 -10.47
N SER A 119 -1.02 20.14 -10.87
CA SER A 119 -1.09 20.52 -12.27
C SER A 119 -0.48 21.90 -12.50
N GLY A 120 0.60 21.94 -13.26
CA GLY A 120 1.26 23.20 -13.55
C GLY A 120 1.75 23.90 -12.29
N PRO A 121 2.29 25.11 -12.45
CA PRO A 121 2.81 25.90 -11.33
C PRO A 121 1.69 26.41 -10.41
N SER A 122 1.89 26.25 -9.11
CA SER A 122 0.90 26.69 -8.13
C SER A 122 0.72 28.19 -8.18
N SER A 123 -0.54 28.63 -8.20
CA SER A 123 -0.86 30.06 -8.25
C SER A 123 -0.83 30.67 -6.85
N GLY A 124 0.13 31.56 -6.61
CA GLY A 124 0.23 32.20 -5.31
C GLY A 124 -0.65 33.44 -5.20
N GLY A 1 -7.81 -18.87 1.44
CA GLY A 1 -8.06 -20.10 2.18
C GLY A 1 -6.82 -20.65 2.84
N SER A 2 -6.89 -20.89 4.13
CA SER A 2 -5.76 -21.43 4.88
C SER A 2 -5.11 -22.59 4.14
N SER A 3 -3.87 -22.39 3.69
CA SER A 3 -3.15 -23.42 2.95
C SER A 3 -1.72 -23.56 3.49
N GLY A 4 -1.20 -24.78 3.43
CA GLY A 4 0.14 -25.03 3.91
C GLY A 4 0.23 -26.28 4.76
N SER A 5 1.02 -26.22 5.83
CA SER A 5 1.19 -27.36 6.72
C SER A 5 0.01 -27.47 7.70
N SER A 6 -0.62 -28.64 7.70
CA SER A 6 -1.77 -28.88 8.56
C SER A 6 -1.41 -28.59 10.02
N GLY A 7 -1.94 -27.50 10.56
CA GLY A 7 -1.67 -27.13 11.93
C GLY A 7 -1.92 -25.67 12.21
N GLU A 8 -3.02 -25.38 12.89
CA GLU A 8 -3.39 -24.00 13.22
C GLU A 8 -3.47 -23.81 14.73
N THR A 9 -2.68 -22.89 15.25
CA THR A 9 -2.67 -22.60 16.68
C THR A 9 -2.25 -21.16 16.95
N GLY A 10 -2.90 -20.53 17.93
CA GLY A 10 -2.57 -19.16 18.28
C GLY A 10 -1.23 -19.03 18.95
N GLY A 11 -1.15 -18.14 19.95
CA GLY A 11 0.09 -17.94 20.66
C GLY A 11 1.05 -17.03 19.91
N GLU A 12 1.33 -17.36 18.65
CA GLU A 12 2.22 -16.56 17.83
C GLU A 12 1.91 -15.08 17.96
N ARG A 13 2.87 -14.23 17.59
CA ARG A 13 2.69 -12.79 17.66
C ARG A 13 1.45 -12.35 16.87
N GLN A 14 1.08 -11.09 17.03
CA GLN A 14 -0.08 -10.54 16.33
C GLN A 14 0.32 -9.43 15.38
N LEU A 15 0.15 -9.65 14.09
CA LEU A 15 0.49 -8.66 13.09
C LEU A 15 -0.43 -7.45 13.17
N SER A 16 0.16 -6.26 13.22
CA SER A 16 -0.60 -5.02 13.30
C SER A 16 -0.41 -4.17 12.06
N PRO A 17 -1.52 -3.88 11.36
CA PRO A 17 -1.48 -3.07 10.14
C PRO A 17 -1.15 -1.61 10.42
N GLU A 18 -1.87 -1.01 11.37
CA GLU A 18 -1.65 0.38 11.73
C GLU A 18 -0.16 0.66 11.92
N LYS A 19 0.54 -0.29 12.53
CA LYS A 19 1.97 -0.13 12.77
C LYS A 19 2.75 -0.19 11.47
N SER A 20 2.41 -1.15 10.62
CA SER A 20 3.09 -1.31 9.34
C SER A 20 3.31 0.04 8.67
N GLU A 21 4.56 0.28 8.25
CA GLU A 21 4.91 1.54 7.60
C GLU A 21 5.07 1.35 6.09
N ILE A 22 4.32 2.12 5.31
CA ILE A 22 4.38 2.03 3.86
C ILE A 22 5.13 3.22 3.27
N TRP A 23 6.40 3.02 2.93
CA TRP A 23 7.22 4.08 2.36
C TRP A 23 7.64 3.72 0.94
N GLY A 24 8.03 4.74 0.17
CA GLY A 24 8.46 4.51 -1.20
C GLY A 24 8.12 5.67 -2.11
N PRO A 25 8.76 5.71 -3.29
CA PRO A 25 8.54 6.78 -4.28
C PRO A 25 7.15 6.70 -4.91
N GLY A 26 6.36 5.71 -4.48
CA GLY A 26 5.02 5.55 -5.02
C GLY A 26 4.07 6.62 -4.54
N LEU A 27 4.46 7.33 -3.48
CA LEU A 27 3.63 8.39 -2.92
C LEU A 27 4.40 9.71 -2.86
N LYS A 28 5.45 9.81 -3.66
CA LYS A 28 6.27 11.02 -3.70
C LYS A 28 5.73 12.01 -4.74
N ALA A 29 6.33 13.19 -4.79
CA ALA A 29 5.92 14.22 -5.73
C ALA A 29 6.73 14.13 -7.03
N ASP A 30 6.28 14.86 -8.05
CA ASP A 30 6.96 14.87 -9.33
C ASP A 30 7.33 13.46 -9.76
N VAL A 31 6.50 12.50 -9.38
CA VAL A 31 6.75 11.10 -9.73
C VAL A 31 6.89 10.92 -11.23
N VAL A 32 7.20 9.70 -11.66
CA VAL A 32 7.36 9.39 -13.07
C VAL A 32 6.05 9.60 -13.83
N LEU A 33 6.17 9.79 -15.14
CA LEU A 33 4.99 9.99 -15.99
C LEU A 33 4.01 8.82 -15.86
N PRO A 34 4.54 7.59 -16.04
CA PRO A 34 3.74 6.38 -15.94
C PRO A 34 3.29 6.08 -14.52
N ALA A 35 4.10 5.31 -13.79
CA ALA A 35 3.78 4.96 -12.41
C ALA A 35 5.02 4.47 -11.68
N ARG A 36 4.93 4.36 -10.36
CA ARG A 36 6.04 3.89 -9.54
C ARG A 36 5.61 2.73 -8.64
N TYR A 37 6.58 2.12 -7.97
CA TYR A 37 6.29 0.99 -7.08
C TYR A 37 6.86 1.26 -5.69
N PHE A 38 6.17 0.74 -4.68
CA PHE A 38 6.59 0.92 -3.30
C PHE A 38 6.70 -0.43 -2.58
N TYR A 39 7.19 -0.40 -1.35
CA TYR A 39 7.34 -1.61 -0.55
C TYR A 39 6.41 -1.59 0.67
N ILE A 40 5.87 -2.75 1.00
CA ILE A 40 4.96 -2.87 2.14
C ILE A 40 5.58 -3.70 3.25
N GLN A 41 6.06 -3.02 4.30
CA GLN A 41 6.68 -3.71 5.43
C GLN A 41 5.67 -3.90 6.56
N ALA A 42 5.55 -5.15 7.03
CA ALA A 42 4.63 -5.46 8.11
C ALA A 42 5.27 -5.20 9.47
N VAL A 43 4.43 -4.93 10.46
CA VAL A 43 4.92 -4.66 11.82
C VAL A 43 3.95 -5.22 12.86
N ASP A 44 4.51 -5.63 14.00
CA ASP A 44 3.70 -6.19 15.08
C ASP A 44 2.97 -5.07 15.84
N THR A 45 2.25 -5.46 16.89
CA THR A 45 1.51 -4.50 17.70
C THR A 45 2.45 -3.57 18.46
N SER A 46 3.69 -4.02 18.64
CA SER A 46 4.68 -3.24 19.37
C SER A 46 5.60 -2.48 18.40
N GLY A 47 6.23 -3.23 17.50
CA GLY A 47 7.12 -2.62 16.53
C GLY A 47 8.27 -3.52 16.15
N ASN A 48 7.98 -4.80 15.96
CA ASN A 48 9.01 -5.77 15.59
C ASN A 48 8.84 -6.22 14.15
N LYS A 49 9.71 -5.74 13.27
CA LYS A 49 9.67 -6.10 11.86
C LYS A 49 9.39 -7.59 11.69
N PHE A 50 8.46 -7.92 10.79
CA PHE A 50 8.11 -9.32 10.54
C PHE A 50 9.13 -9.97 9.61
N THR A 51 9.47 -9.26 8.53
CA THR A 51 10.44 -9.77 7.56
C THR A 51 10.14 -11.23 7.20
N SER A 52 8.86 -11.60 7.30
CA SER A 52 8.45 -12.97 6.99
C SER A 52 7.31 -12.96 5.96
N SER A 53 6.90 -14.16 5.54
CA SER A 53 5.83 -14.30 4.56
C SER A 53 4.50 -14.56 5.26
N PRO A 54 3.60 -13.57 5.21
CA PRO A 54 2.27 -13.67 5.83
C PRO A 54 1.37 -14.65 5.10
N GLY A 55 1.44 -14.64 3.78
CA GLY A 55 0.62 -15.54 2.99
C GLY A 55 0.53 -15.13 1.54
N GLU A 56 -0.18 -15.91 0.73
CA GLU A 56 -0.34 -15.63 -0.69
C GLU A 56 -0.59 -14.14 -0.92
N LYS A 57 -1.76 -13.67 -0.50
CA LYS A 57 -2.12 -12.26 -0.65
C LYS A 57 -2.88 -11.76 0.57
N VAL A 58 -2.23 -10.89 1.34
CA VAL A 58 -2.84 -10.33 2.54
C VAL A 58 -2.99 -8.81 2.42
N PHE A 59 -2.09 -8.19 1.66
CA PHE A 59 -2.13 -6.74 1.47
C PHE A 59 -2.64 -6.40 0.07
N GLN A 60 -3.77 -5.69 0.01
CA GLN A 60 -4.36 -5.29 -1.26
C GLN A 60 -4.28 -3.79 -1.45
N VAL A 61 -4.10 -3.36 -2.70
CA VAL A 61 -4.01 -1.94 -3.02
C VAL A 61 -5.08 -1.54 -4.03
N LYS A 62 -5.52 -0.29 -3.94
CA LYS A 62 -6.54 0.23 -4.85
C LYS A 62 -6.12 1.59 -5.41
N VAL A 63 -6.50 1.84 -6.67
CA VAL A 63 -6.17 3.10 -7.32
C VAL A 63 -7.41 3.74 -7.93
N SER A 64 -7.56 5.04 -7.71
CA SER A 64 -8.71 5.78 -8.23
C SER A 64 -8.41 7.27 -8.31
N ALA A 65 -9.09 7.96 -9.21
CA ALA A 65 -8.90 9.39 -9.39
C ALA A 65 -10.13 10.17 -8.93
N PRO A 66 -9.89 11.33 -8.30
CA PRO A 66 -10.96 12.19 -7.80
C PRO A 66 -11.76 12.85 -8.92
N GLU A 67 -11.17 12.90 -10.11
CA GLU A 67 -11.82 13.50 -11.27
C GLU A 67 -12.66 12.47 -12.01
N GLU A 68 -12.01 11.40 -12.46
CA GLU A 68 -12.70 10.34 -13.18
C GLU A 68 -13.66 9.58 -12.27
N GLN A 69 -14.88 9.37 -12.75
CA GLN A 69 -15.90 8.66 -11.99
C GLN A 69 -15.52 7.20 -11.81
N PHE A 70 -14.76 6.67 -12.77
CA PHE A 70 -14.33 5.27 -12.72
C PHE A 70 -13.00 5.09 -13.44
N THR A 71 -11.99 4.63 -12.71
CA THR A 71 -10.67 4.42 -13.27
C THR A 71 -10.27 2.95 -13.18
N ARG A 72 -10.29 2.27 -14.32
CA ARG A 72 -9.93 0.85 -14.37
C ARG A 72 -8.41 0.68 -14.44
N VAL A 73 -7.83 0.13 -13.37
CA VAL A 73 -6.38 -0.08 -13.31
C VAL A 73 -6.06 -1.53 -12.93
N GLY A 74 -5.03 -2.08 -13.56
CA GLY A 74 -4.64 -3.45 -13.26
C GLY A 74 -3.51 -3.52 -12.25
N VAL A 75 -3.84 -3.35 -10.98
CA VAL A 75 -2.85 -3.40 -9.92
C VAL A 75 -2.50 -4.83 -9.56
N GLN A 76 -1.22 -5.08 -9.27
CA GLN A 76 -0.75 -6.40 -8.91
C GLN A 76 0.24 -6.34 -7.75
N VAL A 77 -0.03 -7.12 -6.72
CA VAL A 77 0.85 -7.16 -5.54
C VAL A 77 1.69 -8.43 -5.52
N LEU A 78 2.96 -8.30 -5.87
CA LEU A 78 3.87 -9.43 -5.88
C LEU A 78 4.91 -9.32 -4.77
N ASP A 79 5.27 -10.46 -4.18
CA ASP A 79 6.25 -10.49 -3.10
C ASP A 79 7.67 -10.57 -3.66
N ARG A 80 8.51 -9.61 -3.28
CA ARG A 80 9.88 -9.57 -3.75
C ARG A 80 10.84 -9.92 -2.62
N LYS A 81 10.80 -9.13 -1.54
CA LYS A 81 11.68 -9.36 -0.40
C LYS A 81 11.05 -10.35 0.57
N ASP A 82 11.75 -10.63 1.67
CA ASP A 82 11.26 -11.57 2.68
C ASP A 82 9.79 -11.28 3.01
N GLY A 83 9.54 -10.14 3.63
CA GLY A 83 8.19 -9.78 4.00
C GLY A 83 7.76 -8.44 3.42
N SER A 84 8.32 -8.11 2.26
CA SER A 84 8.00 -6.86 1.59
C SER A 84 7.36 -7.11 0.22
N PHE A 85 6.22 -6.47 -0.02
CA PHE A 85 5.51 -6.62 -1.28
C PHE A 85 5.68 -5.39 -2.16
N ILE A 86 5.76 -5.60 -3.46
CA ILE A 86 5.93 -4.50 -4.42
C ILE A 86 4.68 -4.33 -5.27
N VAL A 87 4.13 -3.12 -5.28
CA VAL A 87 2.94 -2.82 -6.07
C VAL A 87 3.31 -2.20 -7.41
N ARG A 88 2.77 -2.78 -8.49
CA ARG A 88 3.05 -2.29 -9.84
C ARG A 88 1.78 -2.29 -10.68
N TYR A 89 1.47 -1.15 -11.26
CA TYR A 89 0.28 -1.01 -12.10
C TYR A 89 0.54 -0.11 -13.30
N ARG A 90 -0.30 -0.22 -14.32
CA ARG A 90 -0.15 0.58 -15.52
C ARG A 90 -1.27 1.59 -15.65
N MET A 91 -0.97 2.74 -16.24
CA MET A 91 -1.96 3.80 -16.41
C MET A 91 -2.04 4.25 -17.87
N TYR A 92 -0.87 4.33 -18.51
CA TYR A 92 -0.80 4.75 -19.90
C TYR A 92 -1.80 5.87 -20.19
N ALA A 93 -1.83 6.87 -19.31
CA ALA A 93 -2.73 7.99 -19.47
C ALA A 93 -2.25 9.20 -18.66
N SER A 94 -2.42 10.39 -19.22
CA SER A 94 -2.00 11.62 -18.56
C SER A 94 -2.88 11.90 -17.35
N TYR A 95 -2.29 11.85 -16.16
CA TYR A 95 -3.02 12.10 -14.93
C TYR A 95 -2.37 13.21 -14.12
N LYS A 96 -3.19 14.07 -13.53
CA LYS A 96 -2.70 15.18 -12.72
C LYS A 96 -2.54 14.76 -11.27
N ASN A 97 -3.55 14.10 -10.73
CA ASN A 97 -3.52 13.65 -9.34
C ASN A 97 -4.16 12.26 -9.21
N LEU A 98 -3.53 11.41 -8.40
CA LEU A 98 -4.04 10.07 -8.18
C LEU A 98 -4.24 9.79 -6.69
N LYS A 99 -5.03 8.76 -6.39
CA LYS A 99 -5.30 8.39 -5.01
C LYS A 99 -4.99 6.92 -4.76
N VAL A 100 -4.34 6.63 -3.64
CA VAL A 100 -3.99 5.26 -3.29
C VAL A 100 -4.71 4.81 -2.02
N GLU A 101 -5.01 3.52 -1.93
CA GLU A 101 -5.69 2.97 -0.77
C GLU A 101 -5.20 1.55 -0.47
N ILE A 102 -4.60 1.38 0.70
CA ILE A 102 -4.08 0.08 1.11
C ILE A 102 -4.87 -0.48 2.29
N LYS A 103 -5.58 -1.58 2.06
CA LYS A 103 -6.38 -2.21 3.09
C LYS A 103 -5.84 -3.61 3.40
N PHE A 104 -6.19 -4.12 4.59
CA PHE A 104 -5.74 -5.44 5.01
C PHE A 104 -6.83 -6.15 5.81
N GLN A 105 -7.48 -7.13 5.19
CA GLN A 105 -8.55 -7.88 5.85
C GLN A 105 -9.71 -6.96 6.21
N GLY A 106 -9.93 -5.93 5.40
CA GLY A 106 -11.01 -5.00 5.65
C GLY A 106 -10.67 -3.98 6.71
N GLN A 107 -9.52 -3.33 6.56
CA GLN A 107 -9.07 -2.32 7.51
C GLN A 107 -7.88 -1.54 6.96
N HIS A 108 -7.91 -0.23 7.14
CA HIS A 108 -6.82 0.63 6.66
C HIS A 108 -5.52 0.31 7.39
N VAL A 109 -4.43 0.27 6.65
CA VAL A 109 -3.12 -0.03 7.22
C VAL A 109 -2.30 1.25 7.41
N ALA A 110 -2.26 2.07 6.36
CA ALA A 110 -1.52 3.33 6.41
C ALA A 110 -2.46 4.52 6.51
N LYS A 111 -1.90 5.72 6.44
CA LYS A 111 -2.69 6.95 6.53
C LYS A 111 -3.42 7.21 5.21
N SER A 112 -4.17 6.21 4.75
CA SER A 112 -4.92 6.33 3.50
C SER A 112 -6.32 6.86 3.77
N PRO A 113 -6.97 7.37 2.71
CA PRO A 113 -6.37 7.44 1.37
C PRO A 113 -5.23 8.44 1.29
N TYR A 114 -4.53 8.45 0.17
CA TYR A 114 -3.41 9.36 -0.03
C TYR A 114 -3.70 10.35 -1.16
N ILE A 115 -3.99 11.60 -0.77
CA ILE A 115 -4.29 12.63 -1.74
C ILE A 115 -3.03 13.35 -2.20
N LEU A 116 -2.55 13.00 -3.39
CA LEU A 116 -1.35 13.62 -3.93
C LEU A 116 -1.70 14.76 -4.89
N LYS A 117 -1.38 15.98 -4.49
CA LYS A 117 -1.66 17.15 -5.31
C LYS A 117 -0.59 18.22 -5.11
N GLY A 118 -0.57 19.21 -6.01
CA GLY A 118 0.40 20.29 -5.91
C GLY A 118 0.69 20.93 -7.25
N SER A 119 0.62 22.26 -7.28
CA SER A 119 0.86 23.00 -8.52
C SER A 119 1.34 24.42 -8.22
N GLY A 120 2.03 25.02 -9.17
CA GLY A 120 2.53 26.38 -8.99
C GLY A 120 3.99 26.50 -9.36
N PRO A 121 4.30 27.41 -10.29
CA PRO A 121 5.67 27.65 -10.75
C PRO A 121 6.53 28.33 -9.69
N SER A 122 7.09 27.53 -8.79
CA SER A 122 7.93 28.05 -7.72
C SER A 122 9.41 27.89 -8.06
N SER A 123 10.03 28.98 -8.50
CA SER A 123 11.44 28.96 -8.85
C SER A 123 12.30 28.45 -7.70
N GLY A 124 13.35 27.70 -8.03
CA GLY A 124 14.22 27.17 -7.00
C GLY A 124 14.06 25.68 -6.82
N GLY A 1 -8.43 -25.18 -10.88
CA GLY A 1 -8.79 -23.98 -10.14
C GLY A 1 -9.25 -24.28 -8.73
N SER A 2 -8.85 -23.44 -7.78
CA SER A 2 -9.23 -23.63 -6.38
C SER A 2 -9.39 -22.29 -5.68
N SER A 3 -9.81 -22.34 -4.42
CA SER A 3 -10.00 -21.12 -3.64
C SER A 3 -9.01 -21.06 -2.47
N GLY A 4 -8.84 -22.21 -1.80
CA GLY A 4 -7.93 -22.26 -0.68
C GLY A 4 -8.48 -21.58 0.56
N SER A 5 -7.79 -21.74 1.68
CA SER A 5 -8.22 -21.13 2.94
C SER A 5 -7.19 -21.34 4.03
N SER A 6 -7.39 -20.70 5.18
CA SER A 6 -6.48 -20.82 6.30
C SER A 6 -7.22 -20.66 7.63
N GLY A 7 -6.63 -21.19 8.69
CA GLY A 7 -7.24 -21.10 10.01
C GLY A 7 -6.28 -21.41 11.13
N GLU A 8 -5.63 -22.58 11.05
CA GLU A 8 -4.68 -22.99 12.06
C GLU A 8 -3.89 -21.79 12.59
N THR A 9 -4.28 -21.34 13.79
CA THR A 9 -3.61 -20.19 14.41
C THR A 9 -3.73 -20.26 15.92
N GLY A 10 -2.77 -19.63 16.62
CA GLY A 10 -2.78 -19.64 18.07
C GLY A 10 -1.39 -19.60 18.65
N GLY A 11 -0.93 -18.40 19.01
CA GLY A 11 0.40 -18.25 19.58
C GLY A 11 1.28 -17.30 18.78
N GLU A 12 1.23 -17.44 17.45
CA GLU A 12 2.03 -16.58 16.57
C GLU A 12 1.79 -15.11 16.89
N ARG A 13 2.60 -14.25 16.27
CA ARG A 13 2.47 -12.81 16.48
C ARG A 13 1.22 -12.26 15.80
N GLN A 14 0.77 -11.09 16.24
CA GLN A 14 -0.41 -10.46 15.67
C GLN A 14 -0.02 -9.31 14.75
N LEU A 15 -0.05 -9.56 13.45
CA LEU A 15 0.30 -8.54 12.46
C LEU A 15 -0.49 -7.25 12.71
N SER A 16 0.22 -6.14 12.79
CA SER A 16 -0.42 -4.84 13.03
C SER A 16 -0.27 -3.94 11.80
N PRO A 17 -1.36 -3.80 11.05
CA PRO A 17 -1.39 -2.96 9.84
C PRO A 17 -1.29 -1.47 10.17
N GLU A 18 -1.97 -1.06 11.23
CA GLU A 18 -1.95 0.34 11.64
C GLU A 18 -0.53 0.82 11.92
N LYS A 19 0.31 -0.11 12.38
CA LYS A 19 1.70 0.22 12.68
C LYS A 19 2.58 0.08 11.44
N SER A 20 2.17 -0.80 10.52
CA SER A 20 2.92 -1.02 9.30
C SER A 20 3.25 0.30 8.61
N GLU A 21 4.46 0.41 8.10
CA GLU A 21 4.90 1.63 7.41
C GLU A 21 5.00 1.41 5.91
N ILE A 22 4.42 2.32 5.14
CA ILE A 22 4.46 2.22 3.69
C ILE A 22 5.26 3.37 3.08
N TRP A 23 6.48 3.06 2.65
CA TRP A 23 7.35 4.06 2.04
C TRP A 23 7.59 3.75 0.57
N GLY A 24 7.94 4.77 -0.20
CA GLY A 24 8.20 4.59 -1.61
C GLY A 24 8.21 5.89 -2.38
N PRO A 25 8.89 5.91 -3.53
CA PRO A 25 8.98 7.09 -4.38
C PRO A 25 7.66 7.44 -5.05
N GLY A 26 6.82 6.43 -5.26
CA GLY A 26 5.52 6.65 -5.88
C GLY A 26 4.77 7.80 -5.24
N LEU A 27 4.88 7.92 -3.93
CA LEU A 27 4.19 8.98 -3.20
C LEU A 27 4.70 10.36 -3.63
N LYS A 28 5.93 10.40 -4.11
CA LYS A 28 6.53 11.65 -4.56
C LYS A 28 5.66 12.32 -5.63
N ALA A 29 5.78 13.63 -5.74
CA ALA A 29 5.01 14.39 -6.72
C ALA A 29 5.44 14.04 -8.15
N ASP A 30 6.70 14.29 -8.45
CA ASP A 30 7.24 14.00 -9.78
C ASP A 30 7.45 12.51 -9.96
N VAL A 31 6.46 11.84 -10.55
CA VAL A 31 6.54 10.40 -10.79
C VAL A 31 6.86 10.11 -12.26
N VAL A 32 7.43 8.94 -12.50
CA VAL A 32 7.78 8.52 -13.86
C VAL A 32 6.59 8.67 -14.80
N LEU A 33 6.87 8.69 -16.10
CA LEU A 33 5.82 8.84 -17.10
C LEU A 33 4.78 7.73 -16.96
N PRO A 34 5.25 6.48 -16.93
CA PRO A 34 4.38 5.31 -16.79
C PRO A 34 3.74 5.21 -15.41
N ALA A 35 4.42 4.51 -14.50
CA ALA A 35 3.92 4.34 -13.14
C ALA A 35 5.05 3.93 -12.19
N ARG A 36 4.92 4.32 -10.93
CA ARG A 36 5.92 3.99 -9.93
C ARG A 36 5.44 2.84 -9.03
N TYR A 37 6.35 2.31 -8.24
CA TYR A 37 6.03 1.21 -7.34
C TYR A 37 6.61 1.44 -5.95
N PHE A 38 5.90 0.97 -4.92
CA PHE A 38 6.36 1.13 -3.55
C PHE A 38 6.40 -0.22 -2.83
N TYR A 39 6.92 -0.22 -1.61
CA TYR A 39 7.03 -1.44 -0.82
C TYR A 39 6.04 -1.42 0.34
N ILE A 40 5.85 -2.58 0.96
CA ILE A 40 4.93 -2.70 2.10
C ILE A 40 5.51 -3.60 3.19
N GLN A 41 5.95 -2.99 4.28
CA GLN A 41 6.52 -3.74 5.40
C GLN A 41 5.47 -4.03 6.45
N ALA A 42 5.52 -5.23 7.01
CA ALA A 42 4.57 -5.64 8.04
C ALA A 42 5.14 -5.40 9.44
N VAL A 43 4.34 -4.77 10.30
CA VAL A 43 4.76 -4.48 11.66
C VAL A 43 3.80 -5.09 12.68
N ASP A 44 4.34 -5.63 13.76
CA ASP A 44 3.54 -6.23 14.81
C ASP A 44 2.84 -5.17 15.64
N THR A 45 2.09 -5.61 16.65
CA THR A 45 1.37 -4.70 17.53
C THR A 45 2.33 -3.88 18.38
N SER A 46 3.57 -4.37 18.51
CA SER A 46 4.58 -3.68 19.30
C SER A 46 5.51 -2.87 18.41
N GLY A 47 6.07 -3.52 17.40
CA GLY A 47 6.97 -2.83 16.49
C GLY A 47 8.16 -3.68 16.10
N ASN A 48 7.92 -4.95 15.82
CA ASN A 48 8.98 -5.87 15.44
C ASN A 48 8.87 -6.26 13.96
N LYS A 49 9.68 -5.62 13.13
CA LYS A 49 9.67 -5.90 11.70
C LYS A 49 9.41 -7.38 11.43
N PHE A 50 8.46 -7.66 10.54
CA PHE A 50 8.11 -9.03 10.20
C PHE A 50 9.18 -9.65 9.32
N THR A 51 9.48 -8.99 8.20
CA THR A 51 10.48 -9.49 7.26
C THR A 51 10.30 -10.98 7.00
N SER A 52 9.06 -11.46 7.11
CA SER A 52 8.75 -12.86 6.88
C SER A 52 7.70 -13.01 5.79
N SER A 53 7.38 -14.27 5.46
CA SER A 53 6.40 -14.55 4.43
C SER A 53 5.05 -14.90 5.05
N PRO A 54 4.14 -13.92 5.07
CA PRO A 54 2.79 -14.11 5.63
C PRO A 54 1.93 -15.02 4.78
N GLY A 55 1.98 -14.81 3.47
CA GLY A 55 1.19 -15.63 2.55
C GLY A 55 1.37 -15.22 1.11
N GLU A 56 0.30 -15.35 0.33
CA GLU A 56 0.34 -14.99 -1.09
C GLU A 56 -0.31 -13.63 -1.31
N LYS A 57 -1.59 -13.52 -0.96
CA LYS A 57 -2.33 -12.28 -1.12
C LYS A 57 -2.91 -11.81 0.20
N VAL A 58 -2.17 -10.98 0.92
CA VAL A 58 -2.61 -10.46 2.20
C VAL A 58 -2.89 -8.97 2.13
N PHE A 59 -1.96 -8.23 1.52
CA PHE A 59 -2.10 -6.78 1.38
C PHE A 59 -2.71 -6.43 0.03
N GLN A 60 -3.62 -5.45 0.04
CA GLN A 60 -4.28 -5.02 -1.19
C GLN A 60 -4.16 -3.52 -1.37
N VAL A 61 -4.02 -3.07 -2.62
CA VAL A 61 -3.89 -1.65 -2.92
C VAL A 61 -4.88 -1.23 -4.00
N LYS A 62 -5.68 -0.21 -3.70
CA LYS A 62 -6.67 0.29 -4.64
C LYS A 62 -6.25 1.66 -5.19
N VAL A 63 -6.63 1.92 -6.44
CA VAL A 63 -6.31 3.19 -7.07
C VAL A 63 -7.55 3.86 -7.65
N SER A 64 -7.80 5.09 -7.21
CA SER A 64 -8.96 5.84 -7.68
C SER A 64 -8.58 7.28 -8.02
N ALA A 65 -9.37 7.91 -8.89
CA ALA A 65 -9.12 9.28 -9.30
C ALA A 65 -10.15 10.23 -8.70
N PRO A 66 -9.69 11.42 -8.29
CA PRO A 66 -10.55 12.45 -7.69
C PRO A 66 -11.51 13.05 -8.70
N GLU A 67 -10.97 13.49 -9.83
CA GLU A 67 -11.80 14.10 -10.88
C GLU A 67 -12.48 13.03 -11.72
N GLU A 68 -11.68 12.18 -12.37
CA GLU A 68 -12.22 11.12 -13.20
C GLU A 68 -12.96 10.08 -12.35
N GLN A 69 -14.28 10.22 -12.27
CA GLN A 69 -15.09 9.29 -11.50
C GLN A 69 -14.66 7.85 -11.73
N PHE A 70 -14.42 7.51 -13.00
CA PHE A 70 -14.02 6.16 -13.37
C PHE A 70 -12.54 6.14 -13.78
N THR A 71 -11.88 5.01 -13.53
CA THR A 71 -10.48 4.85 -13.87
C THR A 71 -10.11 3.39 -14.07
N ARG A 72 -9.17 3.14 -14.96
CA ARG A 72 -8.73 1.77 -15.24
C ARG A 72 -7.27 1.58 -14.83
N VAL A 73 -7.04 0.64 -13.92
CA VAL A 73 -5.69 0.35 -13.45
C VAL A 73 -5.55 -1.11 -13.04
N GLY A 74 -4.43 -1.73 -13.43
CA GLY A 74 -4.20 -3.11 -13.09
C GLY A 74 -3.17 -3.29 -12.00
N VAL A 75 -3.60 -3.12 -10.75
CA VAL A 75 -2.70 -3.26 -9.61
C VAL A 75 -2.57 -4.71 -9.19
N GLN A 76 -1.33 -5.16 -8.99
CA GLN A 76 -1.07 -6.54 -8.60
C GLN A 76 0.08 -6.60 -7.60
N VAL A 77 -0.10 -7.40 -6.55
CA VAL A 77 0.92 -7.54 -5.51
C VAL A 77 1.92 -8.64 -5.88
N LEU A 78 3.17 -8.24 -6.13
CA LEU A 78 4.21 -9.19 -6.49
C LEU A 78 5.21 -9.35 -5.35
N ASP A 79 5.53 -10.60 -5.04
CA ASP A 79 6.49 -10.90 -3.97
C ASP A 79 7.90 -11.07 -4.52
N ARG A 80 8.69 -10.01 -4.44
CA ARG A 80 10.07 -10.05 -4.94
C ARG A 80 11.04 -10.38 -3.81
N LYS A 81 10.76 -9.87 -2.62
CA LYS A 81 11.62 -10.11 -1.46
C LYS A 81 10.99 -11.15 -0.54
N ASP A 82 11.83 -11.96 0.10
CA ASP A 82 11.36 -12.99 1.02
C ASP A 82 11.01 -12.38 2.38
N GLY A 83 10.31 -11.26 2.36
CA GLY A 83 9.92 -10.59 3.59
C GLY A 83 9.14 -9.32 3.35
N SER A 84 9.44 -8.64 2.25
CA SER A 84 8.77 -7.40 1.91
C SER A 84 7.96 -7.56 0.62
N PHE A 85 6.84 -6.84 0.54
CA PHE A 85 5.97 -6.90 -0.63
C PHE A 85 6.08 -5.61 -1.44
N ILE A 86 5.99 -5.74 -2.77
CA ILE A 86 6.06 -4.59 -3.65
C ILE A 86 4.87 -4.56 -4.61
N VAL A 87 4.24 -3.39 -4.72
CA VAL A 87 3.10 -3.23 -5.59
C VAL A 87 3.53 -2.91 -7.02
N ARG A 88 2.92 -3.57 -7.99
CA ARG A 88 3.25 -3.34 -9.40
C ARG A 88 1.99 -3.07 -10.21
N TYR A 89 1.95 -1.89 -10.84
CA TYR A 89 0.81 -1.50 -11.65
C TYR A 89 1.22 -0.52 -12.74
N ARG A 90 0.39 -0.40 -13.77
CA ARG A 90 0.66 0.51 -14.88
C ARG A 90 -0.40 1.59 -14.97
N MET A 91 -0.08 2.68 -15.67
CA MET A 91 -1.01 3.79 -15.83
C MET A 91 -1.35 4.00 -17.30
N TYR A 92 -0.33 4.05 -18.15
CA TYR A 92 -0.52 4.24 -19.58
C TYR A 92 -1.54 5.34 -19.84
N ALA A 93 -1.52 6.37 -19.01
CA ALA A 93 -2.43 7.50 -19.15
C ALA A 93 -1.93 8.72 -18.38
N SER A 94 -1.95 9.87 -19.04
CA SER A 94 -1.49 11.11 -18.41
C SER A 94 -2.48 11.58 -17.35
N TYR A 95 -2.17 11.28 -16.10
CA TYR A 95 -3.04 11.67 -14.98
C TYR A 95 -2.40 12.80 -14.17
N LYS A 96 -3.21 13.82 -13.87
CA LYS A 96 -2.73 14.96 -13.10
C LYS A 96 -2.56 14.59 -11.63
N ASN A 97 -3.56 13.87 -11.08
CA ASN A 97 -3.51 13.47 -9.69
C ASN A 97 -4.20 12.11 -9.51
N LEU A 98 -3.87 11.42 -8.42
CA LEU A 98 -4.45 10.12 -8.13
C LEU A 98 -4.52 9.88 -6.63
N LYS A 99 -5.38 8.95 -6.21
CA LYS A 99 -5.54 8.63 -4.80
C LYS A 99 -5.18 7.17 -4.55
N VAL A 100 -4.38 6.93 -3.50
CA VAL A 100 -3.97 5.57 -3.15
C VAL A 100 -4.64 5.12 -1.85
N GLU A 101 -5.11 3.87 -1.84
CA GLU A 101 -5.76 3.32 -0.67
C GLU A 101 -5.25 1.91 -0.38
N ILE A 102 -4.78 1.70 0.85
CA ILE A 102 -4.25 0.41 1.25
C ILE A 102 -5.10 -0.19 2.38
N LYS A 103 -5.63 -1.39 2.14
CA LYS A 103 -6.45 -2.07 3.13
C LYS A 103 -6.00 -3.51 3.32
N PHE A 104 -6.38 -4.12 4.43
CA PHE A 104 -6.02 -5.50 4.73
C PHE A 104 -7.10 -6.19 5.53
N GLN A 105 -7.63 -7.29 4.99
CA GLN A 105 -8.68 -8.04 5.66
C GLN A 105 -9.80 -7.12 6.14
N GLY A 106 -9.99 -6.02 5.41
CA GLY A 106 -11.03 -5.07 5.78
C GLY A 106 -10.58 -4.10 6.84
N GLN A 107 -9.42 -3.48 6.63
CA GLN A 107 -8.88 -2.52 7.59
C GLN A 107 -7.72 -1.74 6.97
N HIS A 108 -7.72 -0.43 7.17
CA HIS A 108 -6.66 0.42 6.64
C HIS A 108 -5.32 0.12 7.31
N VAL A 109 -4.23 0.29 6.57
CA VAL A 109 -2.90 0.04 7.11
C VAL A 109 -2.12 1.34 7.27
N ALA A 110 -2.21 2.21 6.28
CA ALA A 110 -1.52 3.49 6.32
C ALA A 110 -2.50 4.64 6.47
N LYS A 111 -1.99 5.87 6.38
CA LYS A 111 -2.82 7.06 6.51
C LYS A 111 -3.64 7.28 5.24
N SER A 112 -4.26 6.23 4.74
CA SER A 112 -5.07 6.31 3.53
C SER A 112 -6.48 6.80 3.86
N PRO A 113 -7.15 7.40 2.86
CA PRO A 113 -6.57 7.59 1.52
C PRO A 113 -5.43 8.62 1.52
N TYR A 114 -4.58 8.55 0.51
CA TYR A 114 -3.46 9.46 0.40
C TYR A 114 -3.70 10.48 -0.71
N ILE A 115 -4.00 11.72 -0.33
CA ILE A 115 -4.25 12.78 -1.29
C ILE A 115 -2.95 13.45 -1.72
N LEU A 116 -2.71 13.48 -3.02
CA LEU A 116 -1.50 14.09 -3.57
C LEU A 116 -1.85 15.13 -4.63
N LYS A 117 -1.52 16.39 -4.36
CA LYS A 117 -1.79 17.47 -5.29
C LYS A 117 -0.80 18.61 -5.11
N GLY A 118 -0.82 19.56 -6.04
CA GLY A 118 0.09 20.69 -5.96
C GLY A 118 1.23 20.59 -6.96
N SER A 119 1.58 21.71 -7.58
CA SER A 119 2.65 21.74 -8.56
C SER A 119 3.99 22.03 -7.89
N GLY A 120 4.59 21.00 -7.30
CA GLY A 120 5.87 21.18 -6.62
C GLY A 120 5.79 22.16 -5.47
N PRO A 121 5.44 21.66 -4.28
CA PRO A 121 5.34 22.49 -3.07
C PRO A 121 6.69 22.98 -2.58
N SER A 122 7.75 22.49 -3.21
CA SER A 122 9.11 22.88 -2.82
C SER A 122 9.19 24.39 -2.56
N SER A 123 9.89 24.75 -1.50
CA SER A 123 10.04 26.16 -1.13
C SER A 123 11.51 26.55 -1.11
N GLY A 124 11.77 27.81 -0.79
CA GLY A 124 13.14 28.31 -0.74
C GLY A 124 13.69 28.61 -2.11
#